data_7CA3
#
_entry.id   7CA3
#
_cell.length_a   1.00
_cell.length_b   1.00
_cell.length_c   1.00
_cell.angle_alpha   90.00
_cell.angle_beta   90.00
_cell.angle_gamma   90.00
#
_symmetry.space_group_name_H-M   'P 1'
#
loop_
_entity.id
_entity.type
_entity.pdbx_description
1 polymer 'Gamma-aminobutyric acid type B receptor subunit 1'
2 polymer 'Gamma-aminobutyric acid type B receptor subunit 2'
3 non-polymer CHOLESTEROL
4 non-polymer (3S)-5,7-ditert-butyl-3-oxidanyl-3-(trifluoromethyl)-1-benzofuran-2-one
#
loop_
_entity_poly.entity_id
_entity_poly.type
_entity_poly.pdbx_seq_one_letter_code
_entity_poly.pdbx_strand_id
1 'polypeptide(L)'
;MRLLTALFAYFIVALILAFSVSAKSMSERRAVYIGALFPMSGGWPGGQACQPAVEMALEDVNSRRDILPDYELKLIHHDS
KCDPGQATKYLYELLYNDPIKIILMPGCSSVSTLVAEAARMWNLIVLSYGSSSPALSNRQRFPTFFRTHPSATLHNPTRV
KLFEKWGWKKIATIQQTTEVFTSTLDDLEERVKEAGIEITFRQSFFSDPAVPVKNLKRQDARIIVGLFYETEARKVFCEV
YKERLFGKKYVWFLIGWYADNWFKIYDPSINCTVDEMTEAVEGHITTEIVMLNPANTRSISNMTSQEFVEKLTKRLKRHP
EETGGFQEAPLAYDAIWALALALNKTSGGGGRSGVRLEDFNYNNQTITDQIYRAMNSSSFEGVSGHVVFDASGSRMAWTL
IEQLQGGSYKKIGYYDSTKDDLSWSKTDKWIGGSPPADQTLVIKTFRFLSQKLFISVSVLSSLGIVLAVVCLSFNIYNSH
VRYIQNSQPNLNNLTAVGCSLALAAVFPLGLDGYHIGRNQFPFVCQARLWLLGLGFSLGYGSMFTKIWWVHTVFTKKEEK
KEWRKTLEPWKLYATVGLLVGMDVLTLAIWQIVDPLHRTIETFAKEEPKEDIDVSILPQLEHCSSRKMNTWLGIFYGYKG
LLLLLGIFLAYETKSVSTEKINDHRAVGMAIYNVAVLCLITAPVTMILSSQQDAAFAFASLAIVFSSYITLVVLFVPKMR
RLITRGEWQSEAQDTMKTGSSTNNNEEEKSRLLEKENRELEKSGRLEVLFQ
;
A
2 'polypeptide(L)'
;MASPRSSGQPGPPPPPPPPPARLLLLLLLPLLLPLAPGAWGWARGAPRPPPSSPPLSIMGLMPLTKEVAKGSIGRGVLPA
VELAIEQIRNESLLRPYFLDLRLYDTECDNAKGLKAFYDAIKYGPNHLMVFGGVCPSVTSIIAESLQGWNLVQLSFAATT
PVLADKKKYPYFFRTVPSDNAVNPAILKLLKHYQWKRVGTLTQDVQRFSEVRNDLTGVLYGEDIEISDTESFSNDPCTSV
KKLKGNDVRIILGQFDQNMAAKVFCCAYEENMYGSKYQWIIPGWYEPSWWEQVHTEANSSRCLRKNLLAAMEGYIGVDFE
PLSSKQIKTISGKTPQQYEREYNNKRSGVGPSKFHGYAYDGIWVIAKTLQRAMETLHASSRHQRIQDFNYTDHTLGRIIL
NAMNETNFFGVTGQVVFRNGERMGTIKFTQFQDSREVKVGEYNAVADTLEIINDTIRFQGSEPPKDKTIILEQLRKISLP
LYSILSALTILGMIMASAFLFFNIKNRNQKLIKMSSPYMNNLIILGGMLSYASIFLFGLDGSFVSEKTFETLCTVRTWIL
TVGYTTAFGAMFAKTWRVHAIFKNVKMKKKIIKDQKLLVIVGGMLLIDLCILICWQAVDPLRRTVEKYSMEPDPAGRDIS
IRPLLEHCENTHMTIWLGIVYAYKGLLMLFGCFLAWETRNVSIPALNDSKYIGMSVYNVGIMCIIGAAVSFLTRDQPNVQ
FCIVALVIIFCSTITLCLVFVPKLITLRTNPDAATQNRRFQFTQNQKKEDSKTSTSVTSVNQASTSRSGRGGSENLYFQG
GSGSGGDYKDDDDKDYKDDDDK
;
B
#
# COMPACT_ATOMS: atom_id res chain seq x y z
N ARG A 29 -60.63 22.74 -33.81
CA ARG A 29 -60.64 23.66 -32.68
C ARG A 29 -60.62 22.96 -31.33
N ARG A 30 -60.46 21.63 -31.35
CA ARG A 30 -60.31 20.86 -30.14
C ARG A 30 -58.97 21.18 -29.50
N ALA A 31 -58.80 20.75 -28.25
CA ALA A 31 -57.56 20.95 -27.56
C ALA A 31 -57.45 19.95 -26.43
N VAL A 32 -56.23 19.60 -26.09
CA VAL A 32 -55.95 18.58 -25.09
C VAL A 32 -54.91 19.07 -24.11
N TYR A 33 -55.22 18.91 -22.84
CA TYR A 33 -54.33 19.28 -21.76
C TYR A 33 -53.12 18.37 -21.72
N ILE A 34 -52.02 18.91 -21.21
CA ILE A 34 -50.84 18.14 -20.84
C ILE A 34 -50.33 18.68 -19.52
N GLY A 35 -49.78 17.79 -18.71
CA GLY A 35 -48.94 18.14 -17.58
C GLY A 35 -47.52 17.68 -17.83
N ALA A 36 -46.58 18.34 -17.18
CA ALA A 36 -45.18 18.00 -17.40
C ALA A 36 -44.34 18.53 -16.26
N LEU A 37 -43.19 17.90 -16.08
CA LEU A 37 -42.38 18.08 -14.89
C LEU A 37 -40.98 18.59 -15.23
N PHE A 38 -40.59 19.65 -14.56
CA PHE A 38 -39.46 20.48 -14.93
C PHE A 38 -38.54 20.71 -13.76
N PRO A 39 -37.40 21.32 -13.99
CA PRO A 39 -36.51 21.71 -12.90
C PRO A 39 -36.57 23.17 -12.56
N MET A 40 -36.17 23.52 -11.36
CA MET A 40 -35.84 24.90 -11.02
C MET A 40 -34.62 25.05 -10.12
N SER A 41 -34.23 24.02 -9.39
CA SER A 41 -33.07 24.06 -8.50
C SER A 41 -32.32 22.75 -8.64
N GLY A 42 -31.46 22.49 -7.67
CA GLY A 42 -30.99 21.13 -7.44
C GLY A 42 -30.07 20.62 -8.52
N GLY A 43 -30.33 19.39 -8.94
CA GLY A 43 -29.38 18.67 -9.74
C GLY A 43 -29.19 19.25 -11.12
N TRP A 44 -30.17 19.96 -11.60
CA TRP A 44 -30.15 20.39 -12.97
C TRP A 44 -31.24 21.44 -13.16
N PRO A 45 -31.05 22.61 -12.63
CA PRO A 45 -31.95 23.71 -12.93
C PRO A 45 -31.64 24.35 -14.27
N GLY A 46 -31.70 23.55 -15.33
CA GLY A 46 -31.34 24.02 -16.65
C GLY A 46 -32.54 24.26 -17.54
N GLY A 47 -33.63 23.55 -17.29
CA GLY A 47 -34.80 23.69 -18.12
C GLY A 47 -35.64 24.91 -17.83
N GLN A 48 -35.10 25.79 -16.98
CA GLN A 48 -35.58 27.15 -16.80
C GLN A 48 -36.02 27.74 -18.13
N ALA A 49 -35.16 27.61 -19.13
CA ALA A 49 -35.42 28.14 -20.45
C ALA A 49 -36.03 27.11 -21.37
N CYS A 50 -35.88 25.83 -21.07
CA CYS A 50 -36.52 24.81 -21.89
C CYS A 50 -38.03 24.98 -21.84
N GLN A 51 -38.55 25.38 -20.68
CA GLN A 51 -39.98 25.63 -20.56
C GLN A 51 -40.46 26.67 -21.57
N PRO A 52 -39.89 27.86 -21.62
CA PRO A 52 -40.18 28.73 -22.76
C PRO A 52 -39.81 28.11 -24.09
N ALA A 53 -38.78 27.27 -24.12
CA ALA A 53 -38.37 26.70 -25.39
C ALA A 53 -39.46 25.81 -25.95
N VAL A 54 -40.05 25.02 -25.09
CA VAL A 54 -41.11 24.16 -25.55
C VAL A 54 -42.36 24.95 -25.81
N GLU A 55 -42.57 26.04 -25.09
CA GLU A 55 -43.67 26.93 -25.41
C GLU A 55 -43.55 27.44 -26.84
N MET A 56 -42.33 27.81 -27.23
CA MET A 56 -42.07 28.21 -28.60
C MET A 56 -42.43 27.10 -29.55
N ALA A 57 -41.93 25.91 -29.27
CA ALA A 57 -42.21 24.77 -30.13
C ALA A 57 -43.70 24.50 -30.22
N LEU A 58 -44.41 24.77 -29.14
CA LEU A 58 -45.84 24.51 -29.10
C LEU A 58 -46.61 25.48 -29.98
N GLU A 59 -46.35 26.77 -29.79
CA GLU A 59 -47.00 27.75 -30.65
C GLU A 59 -46.55 27.63 -32.09
N ASP A 60 -45.48 26.88 -32.35
CA ASP A 60 -45.15 26.54 -33.72
C ASP A 60 -46.31 25.85 -34.42
N VAL A 61 -46.94 24.90 -33.74
CA VAL A 61 -47.60 23.82 -34.45
C VAL A 61 -49.07 24.09 -34.68
N ASN A 62 -49.73 24.73 -33.73
CA ASN A 62 -51.14 25.00 -33.87
C ASN A 62 -51.34 25.99 -35.00
N SER A 63 -50.30 26.75 -35.31
CA SER A 63 -50.30 27.57 -36.51
C SER A 63 -50.46 26.74 -37.77
N ARG A 64 -49.92 25.53 -37.82
CA ARG A 64 -49.92 24.73 -39.02
C ARG A 64 -51.18 23.88 -39.10
N ARG A 65 -51.54 23.46 -40.31
CA ARG A 65 -52.76 22.69 -40.51
C ARG A 65 -52.50 21.21 -40.76
N ASP A 66 -51.26 20.83 -41.08
CA ASP A 66 -50.92 19.42 -41.16
C ASP A 66 -50.75 18.78 -39.79
N ILE A 67 -50.83 19.58 -38.73
CA ILE A 67 -50.58 19.07 -37.39
C ILE A 67 -51.80 18.33 -36.85
N LEU A 68 -52.88 19.06 -36.66
CA LEU A 68 -54.13 18.48 -36.17
C LEU A 68 -55.28 19.34 -36.66
N PRO A 69 -56.25 18.75 -37.34
CA PRO A 69 -57.37 19.54 -37.87
C PRO A 69 -58.16 20.18 -36.75
N ASP A 70 -58.23 19.49 -35.61
CA ASP A 70 -59.11 19.91 -34.54
C ASP A 70 -58.37 20.26 -33.26
N TYR A 71 -57.45 19.40 -32.83
CA TYR A 71 -56.86 19.50 -31.52
C TYR A 71 -55.76 20.55 -31.50
N GLU A 72 -55.66 21.23 -30.37
CA GLU A 72 -54.60 22.21 -30.11
C GLU A 72 -53.91 21.81 -28.82
N LEU A 73 -52.61 21.55 -28.88
CA LEU A 73 -51.91 20.93 -27.77
C LEU A 73 -51.68 21.94 -26.66
N LYS A 74 -52.29 21.66 -25.52
CA LYS A 74 -52.18 22.52 -24.35
C LYS A 74 -51.14 21.98 -23.38
N LEU A 75 -50.91 22.74 -22.31
CA LEU A 75 -49.85 22.47 -21.36
C LEU A 75 -50.27 22.74 -19.93
N ILE A 76 -49.66 21.97 -19.02
CA ILE A 76 -49.49 22.37 -17.64
C ILE A 76 -48.07 22.01 -17.23
N HIS A 77 -47.54 22.76 -16.26
CA HIS A 77 -46.22 22.52 -15.75
C HIS A 77 -46.20 22.81 -14.26
N HIS A 78 -45.22 22.24 -13.57
CA HIS A 78 -44.94 22.58 -12.20
C HIS A 78 -43.45 22.47 -11.94
N ASP A 79 -42.98 23.30 -11.01
CA ASP A 79 -41.63 23.15 -10.50
C ASP A 79 -41.52 21.86 -9.70
N SER A 80 -40.32 21.28 -9.70
CA SER A 80 -40.05 20.00 -9.08
C SER A 80 -38.85 20.05 -8.16
N LYS A 81 -37.86 20.86 -8.52
CA LYS A 81 -36.58 20.96 -7.83
C LYS A 81 -35.73 19.71 -7.96
N CYS A 82 -36.20 18.71 -8.69
CA CYS A 82 -35.64 17.36 -8.63
C CYS A 82 -35.65 16.80 -7.22
N ASP A 83 -36.58 17.28 -6.41
CA ASP A 83 -36.89 16.69 -5.12
C ASP A 83 -38.14 15.84 -5.26
N PRO A 84 -38.03 14.51 -5.28
CA PRO A 84 -39.20 13.70 -5.64
C PRO A 84 -40.40 13.87 -4.75
N GLY A 85 -40.23 14.46 -3.57
CA GLY A 85 -41.32 14.52 -2.63
C GLY A 85 -42.28 15.60 -3.04
N GLN A 86 -41.69 16.76 -3.29
CA GLN A 86 -42.48 17.87 -3.78
C GLN A 86 -43.08 17.50 -5.12
N ALA A 87 -42.35 16.70 -5.88
CA ALA A 87 -42.84 16.29 -7.17
C ALA A 87 -44.02 15.38 -7.03
N THR A 88 -43.95 14.47 -6.07
CA THR A 88 -45.05 13.60 -5.79
C THR A 88 -46.30 14.40 -5.47
N LYS A 89 -46.12 15.47 -4.72
CA LYS A 89 -47.23 16.34 -4.38
C LYS A 89 -47.83 16.97 -5.62
N TYR A 90 -46.97 17.52 -6.47
CA TYR A 90 -47.48 18.19 -7.66
C TYR A 90 -48.12 17.18 -8.59
N LEU A 91 -47.62 15.96 -8.57
CA LEU A 91 -48.20 14.90 -9.37
C LEU A 91 -49.60 14.59 -8.90
N TYR A 92 -49.76 14.58 -7.59
CA TYR A 92 -51.08 14.31 -7.04
C TYR A 92 -52.06 15.38 -7.45
N GLU A 93 -51.62 16.63 -7.40
CA GLU A 93 -52.49 17.69 -7.90
C GLU A 93 -52.74 17.52 -9.38
N LEU A 94 -51.79 16.94 -10.08
CA LEU A 94 -51.95 16.82 -11.50
C LEU A 94 -53.03 15.82 -11.84
N LEU A 95 -52.97 14.64 -11.25
CA LEU A 95 -53.96 13.64 -11.57
C LEU A 95 -55.25 13.90 -10.84
N TYR A 96 -55.19 13.85 -9.52
CA TYR A 96 -56.39 13.71 -8.72
C TYR A 96 -57.37 14.87 -8.77
N ASN A 97 -56.84 16.09 -8.88
CA ASN A 97 -57.66 17.29 -8.97
C ASN A 97 -57.28 18.09 -10.22
N ASP A 98 -56.58 17.43 -11.13
CA ASP A 98 -56.13 18.05 -12.38
C ASP A 98 -56.99 17.57 -13.55
N PRO A 99 -56.97 18.30 -14.68
CA PRO A 99 -57.79 17.85 -15.82
C PRO A 99 -57.28 16.56 -16.46
N ILE A 100 -58.18 15.87 -17.16
CA ILE A 100 -57.86 14.61 -17.82
C ILE A 100 -56.59 14.69 -18.67
N LYS A 101 -55.60 13.88 -18.31
CA LYS A 101 -54.33 13.82 -19.02
C LYS A 101 -54.12 12.44 -19.60
N ILE A 102 -53.14 12.35 -20.48
CA ILE A 102 -52.83 11.13 -21.19
C ILE A 102 -51.34 10.85 -21.23
N ILE A 103 -50.54 11.86 -20.90
CA ILE A 103 -49.14 11.81 -21.24
C ILE A 103 -48.38 12.86 -20.48
N LEU A 104 -47.13 12.57 -20.17
CA LEU A 104 -46.35 13.38 -19.26
C LEU A 104 -44.94 13.52 -19.75
N MET A 105 -44.33 14.64 -19.38
CA MET A 105 -43.04 15.05 -19.89
C MET A 105 -42.21 15.51 -18.71
N PRO A 106 -41.55 14.59 -18.06
CA PRO A 106 -40.70 14.95 -16.92
C PRO A 106 -39.26 15.24 -17.27
N GLY A 107 -38.49 15.54 -16.24
CA GLY A 107 -37.13 16.03 -16.37
C GLY A 107 -36.10 15.08 -15.87
N CYS A 108 -35.62 15.34 -14.66
CA CYS A 108 -34.50 14.59 -14.13
C CYS A 108 -34.90 13.15 -13.88
N SER A 109 -33.90 12.35 -13.53
CA SER A 109 -33.92 10.93 -13.81
C SER A 109 -34.59 10.10 -12.73
N SER A 110 -34.31 10.43 -11.48
CA SER A 110 -34.99 9.78 -10.37
C SER A 110 -36.48 9.88 -10.55
N VAL A 111 -36.93 11.02 -11.02
CA VAL A 111 -38.33 11.34 -11.05
C VAL A 111 -39.03 10.52 -12.11
N SER A 112 -38.38 10.36 -13.24
CA SER A 112 -38.89 9.46 -14.25
C SER A 112 -38.92 8.03 -13.74
N THR A 113 -37.85 7.65 -13.06
CA THR A 113 -37.74 6.29 -12.56
C THR A 113 -38.89 5.97 -11.66
N LEU A 114 -39.29 6.95 -10.88
CA LEU A 114 -40.49 6.85 -10.09
C LEU A 114 -41.70 6.67 -10.99
N VAL A 115 -41.98 7.68 -11.80
CA VAL A 115 -43.31 7.74 -12.41
C VAL A 115 -43.54 6.63 -13.40
N ALA A 116 -42.49 6.03 -13.94
CA ALA A 116 -42.70 4.91 -14.82
C ALA A 116 -43.34 3.75 -14.09
N GLU A 117 -42.73 3.37 -12.99
CA GLU A 117 -43.35 2.39 -12.12
C GLU A 117 -44.72 2.84 -11.67
N ALA A 118 -44.91 4.15 -11.55
CA ALA A 118 -46.19 4.66 -11.11
C ALA A 118 -47.27 4.50 -12.17
N ALA A 119 -46.89 4.50 -13.44
CA ALA A 119 -47.86 4.70 -14.52
C ALA A 119 -48.89 3.60 -14.55
N ARG A 120 -48.43 2.36 -14.64
CA ARG A 120 -49.25 1.28 -15.11
C ARG A 120 -50.44 0.97 -14.20
N MET A 121 -50.55 1.64 -13.07
CA MET A 121 -51.81 1.72 -12.36
C MET A 121 -52.67 2.86 -12.86
N TRP A 122 -52.39 3.38 -14.04
CA TRP A 122 -53.35 4.16 -14.78
C TRP A 122 -53.33 3.90 -16.27
N ASN A 123 -52.40 3.10 -16.76
CA ASN A 123 -52.23 2.88 -18.19
C ASN A 123 -52.06 4.22 -18.91
N LEU A 124 -50.96 4.86 -18.54
CA LEU A 124 -50.49 6.04 -19.25
C LEU A 124 -49.40 5.69 -20.23
N ILE A 125 -48.96 6.74 -20.89
CA ILE A 125 -47.74 6.76 -21.63
C ILE A 125 -46.86 7.79 -20.96
N VAL A 126 -45.56 7.69 -21.19
CA VAL A 126 -44.71 8.77 -20.75
C VAL A 126 -43.42 8.80 -21.53
N LEU A 127 -42.86 9.98 -21.62
CA LEU A 127 -41.65 10.24 -22.35
C LEU A 127 -40.86 11.27 -21.59
N SER A 128 -39.56 11.03 -21.43
CA SER A 128 -38.67 12.01 -20.82
C SER A 128 -37.67 12.50 -21.85
N TYR A 129 -37.18 13.71 -21.60
CA TYR A 129 -36.25 14.35 -22.50
C TYR A 129 -34.83 14.44 -22.00
N GLY A 130 -34.60 14.22 -20.71
CA GLY A 130 -33.30 14.51 -20.12
C GLY A 130 -32.57 13.35 -19.49
N SER A 131 -33.32 12.35 -19.07
CA SER A 131 -32.83 11.38 -18.11
C SER A 131 -32.18 10.18 -18.78
N SER A 132 -31.11 9.70 -18.14
CA SER A 132 -30.19 8.75 -18.77
C SER A 132 -29.91 7.52 -17.95
N SER A 133 -30.63 7.31 -16.88
CA SER A 133 -30.48 6.12 -16.08
C SER A 133 -30.64 4.89 -16.97
N PRO A 134 -29.59 4.11 -17.15
CA PRO A 134 -29.64 3.09 -18.18
C PRO A 134 -30.61 2.01 -17.88
N ALA A 135 -30.89 1.79 -16.61
CA ALA A 135 -31.74 0.69 -16.19
C ALA A 135 -33.10 0.76 -16.80
N LEU A 136 -33.50 1.95 -17.24
CA LEU A 136 -34.80 2.16 -17.81
C LEU A 136 -34.95 1.50 -19.16
N SER A 137 -33.89 0.99 -19.75
CA SER A 137 -34.06 0.29 -21.00
C SER A 137 -34.81 -1.00 -20.84
N ASN A 138 -35.04 -1.47 -19.62
CA ASN A 138 -35.80 -2.69 -19.41
C ASN A 138 -37.23 -2.46 -19.82
N ARG A 139 -37.49 -2.74 -21.09
CA ARG A 139 -38.82 -2.59 -21.65
C ARG A 139 -39.84 -3.44 -20.90
N GLN A 140 -39.39 -4.56 -20.35
CA GLN A 140 -40.32 -5.44 -19.66
C GLN A 140 -40.77 -4.84 -18.34
N ARG A 141 -39.79 -4.51 -17.49
CA ARG A 141 -40.14 -3.93 -16.21
C ARG A 141 -40.79 -2.57 -16.38
N PHE A 142 -40.50 -1.89 -17.48
CA PHE A 142 -41.00 -0.55 -17.74
C PHE A 142 -41.60 -0.55 -19.14
N PRO A 143 -42.87 -0.95 -19.25
CA PRO A 143 -43.43 -1.08 -20.59
C PRO A 143 -43.62 0.23 -21.29
N THR A 144 -44.02 1.24 -20.55
CA THR A 144 -44.72 2.39 -21.09
C THR A 144 -43.89 3.65 -20.96
N PHE A 145 -42.59 3.50 -21.12
CA PHE A 145 -41.64 4.59 -20.96
C PHE A 145 -40.83 4.77 -22.21
N PHE A 146 -40.58 6.02 -22.53
CA PHE A 146 -39.77 6.35 -23.68
C PHE A 146 -38.77 7.42 -23.32
N ARG A 147 -37.65 7.35 -24.01
CA ARG A 147 -36.55 8.28 -23.84
C ARG A 147 -36.25 8.92 -25.17
N THR A 148 -35.57 9.98 -25.09
CA THR A 148 -34.80 10.47 -26.22
C THR A 148 -33.38 10.80 -25.81
N HIS A 149 -33.19 11.31 -24.61
CA HIS A 149 -31.84 11.50 -24.13
C HIS A 149 -31.21 10.14 -24.07
N PRO A 150 -30.13 9.90 -24.77
CA PRO A 150 -29.59 8.56 -24.82
C PRO A 150 -29.17 8.09 -23.45
N SER A 151 -29.16 6.79 -23.29
CA SER A 151 -28.59 6.22 -22.08
C SER A 151 -27.14 6.64 -21.98
N ALA A 152 -26.75 7.05 -20.80
CA ALA A 152 -25.44 7.64 -20.64
C ALA A 152 -24.31 6.64 -20.78
N THR A 153 -24.61 5.39 -21.07
CA THR A 153 -23.60 4.38 -21.29
C THR A 153 -22.56 4.81 -22.31
N LEU A 154 -22.95 5.66 -23.26
CA LEU A 154 -22.03 6.09 -24.29
C LEU A 154 -20.84 6.83 -23.73
N HIS A 155 -20.97 7.38 -22.54
CA HIS A 155 -19.85 8.02 -21.91
C HIS A 155 -18.72 7.04 -21.68
N ASN A 156 -19.04 5.79 -21.50
CA ASN A 156 -18.04 4.86 -21.02
C ASN A 156 -17.07 4.43 -22.12
N PRO A 157 -17.54 3.86 -23.23
CA PRO A 157 -16.62 3.35 -24.25
C PRO A 157 -15.72 4.39 -24.82
N THR A 158 -16.09 5.64 -24.69
CA THR A 158 -15.11 6.70 -24.80
C THR A 158 -13.95 6.45 -23.86
N ARG A 159 -14.26 6.25 -22.59
CA ARG A 159 -13.27 6.39 -21.54
C ARG A 159 -12.16 5.38 -21.68
N VAL A 160 -12.52 4.12 -21.98
CA VAL A 160 -11.54 3.05 -22.16
C VAL A 160 -10.46 3.46 -23.14
N LYS A 161 -10.83 4.28 -24.13
CA LYS A 161 -9.89 4.69 -25.14
C LYS A 161 -8.69 5.34 -24.51
N LEU A 162 -8.94 6.29 -23.63
CA LEU A 162 -7.85 6.98 -22.98
C LEU A 162 -7.13 6.04 -22.07
N PHE A 163 -7.88 5.12 -21.49
CA PHE A 163 -7.28 4.11 -20.65
C PHE A 163 -6.42 3.16 -21.47
N GLU A 164 -6.74 2.99 -22.75
CA GLU A 164 -5.84 2.28 -23.63
C GLU A 164 -4.74 3.18 -24.15
N LYS A 165 -4.96 4.49 -24.11
CA LYS A 165 -4.02 5.38 -24.75
C LYS A 165 -2.84 5.65 -23.86
N TRP A 166 -3.10 6.18 -22.69
CA TRP A 166 -2.05 6.62 -21.80
C TRP A 166 -1.65 5.53 -20.83
N GLY A 167 -2.04 4.29 -21.10
CA GLY A 167 -1.54 3.16 -20.37
C GLY A 167 -1.89 3.17 -18.90
N TRP A 168 -3.19 3.12 -18.62
CA TRP A 168 -3.72 3.12 -17.29
C TRP A 168 -4.54 1.86 -17.07
N LYS A 169 -4.45 1.28 -15.87
CA LYS A 169 -5.05 -0.02 -15.63
C LYS A 169 -5.70 -0.24 -14.29
N LYS A 170 -5.49 0.61 -13.28
CA LYS A 170 -6.03 0.38 -11.96
C LYS A 170 -6.66 1.65 -11.41
N ILE A 171 -7.87 1.52 -10.87
CA ILE A 171 -8.77 2.63 -10.69
C ILE A 171 -9.57 2.55 -9.40
N ALA A 172 -10.03 3.71 -8.95
CA ALA A 172 -11.00 3.86 -7.90
C ALA A 172 -12.15 4.71 -8.41
N THR A 173 -13.33 4.43 -7.90
CA THR A 173 -14.54 5.18 -8.15
C THR A 173 -15.16 5.61 -6.86
N ILE A 174 -15.86 6.72 -6.93
CA ILE A 174 -16.85 7.07 -5.95
C ILE A 174 -18.12 7.41 -6.68
N GLN A 175 -19.19 7.58 -5.93
CA GLN A 175 -20.46 7.87 -6.54
C GLN A 175 -21.48 8.17 -5.50
N GLN A 176 -22.43 9.01 -5.85
CA GLN A 176 -23.69 9.08 -5.17
C GLN A 176 -24.56 7.92 -5.62
N THR A 177 -25.34 7.39 -4.71
CA THR A 177 -25.85 6.01 -4.81
C THR A 177 -27.29 5.94 -5.29
N THR A 178 -27.67 6.78 -6.23
CA THR A 178 -28.95 6.69 -6.88
C THR A 178 -28.89 5.66 -8.01
N GLU A 179 -30.07 5.16 -8.38
CA GLU A 179 -30.18 4.14 -9.41
C GLU A 179 -29.56 4.59 -10.72
N VAL A 180 -29.52 5.89 -10.94
CA VAL A 180 -29.11 6.43 -12.23
C VAL A 180 -27.68 6.03 -12.59
N PHE A 181 -26.86 5.79 -11.59
CA PHE A 181 -25.44 5.70 -11.78
C PHE A 181 -24.89 4.33 -11.49
N THR A 182 -25.41 3.71 -10.46
CA THR A 182 -24.84 2.46 -10.00
C THR A 182 -24.85 1.45 -11.11
N SER A 183 -25.91 1.46 -11.90
CA SER A 183 -25.99 0.54 -13.01
C SER A 183 -25.03 0.97 -14.09
N THR A 184 -24.84 2.27 -14.26
CA THR A 184 -23.91 2.77 -15.25
C THR A 184 -22.54 2.24 -14.97
N LEU A 185 -22.20 2.20 -13.71
CA LEU A 185 -20.87 1.81 -13.29
C LEU A 185 -20.70 0.32 -13.39
N ASP A 186 -21.76 -0.41 -13.07
CA ASP A 186 -21.69 -1.85 -13.27
C ASP A 186 -21.53 -2.15 -14.75
N ASP A 187 -22.02 -1.28 -15.61
CA ASP A 187 -21.80 -1.45 -17.03
C ASP A 187 -20.36 -1.18 -17.39
N LEU A 188 -19.79 -0.13 -16.78
CA LEU A 188 -18.37 0.16 -16.96
C LEU A 188 -17.54 -1.07 -16.70
N GLU A 189 -17.86 -1.75 -15.61
CA GLU A 189 -17.07 -2.85 -15.13
C GLU A 189 -16.85 -3.89 -16.22
N GLU A 190 -17.93 -4.31 -16.87
CA GLU A 190 -17.77 -5.32 -17.91
C GLU A 190 -17.16 -4.72 -19.16
N ARG A 191 -17.56 -3.50 -19.50
CA ARG A 191 -17.07 -2.91 -20.73
C ARG A 191 -15.60 -2.59 -20.68
N VAL A 192 -14.94 -2.81 -19.55
CA VAL A 192 -13.49 -2.88 -19.53
C VAL A 192 -12.97 -4.27 -19.21
N LYS A 193 -13.75 -5.12 -18.54
CA LYS A 193 -13.29 -6.50 -18.37
C LYS A 193 -13.10 -7.17 -19.71
N GLU A 194 -13.77 -6.69 -20.77
CA GLU A 194 -13.41 -7.15 -22.10
C GLU A 194 -11.97 -6.85 -22.41
N ALA A 195 -11.42 -5.77 -21.85
CA ALA A 195 -10.03 -5.40 -22.01
C ALA A 195 -9.22 -5.59 -20.74
N GLY A 196 -9.73 -6.39 -19.81
CA GLY A 196 -8.91 -6.87 -18.71
C GLY A 196 -8.45 -5.82 -17.74
N ILE A 197 -9.04 -4.63 -17.81
CA ILE A 197 -8.71 -3.59 -16.85
C ILE A 197 -9.19 -3.99 -15.46
N GLU A 198 -8.42 -3.59 -14.47
CA GLU A 198 -8.69 -3.90 -13.09
C GLU A 198 -9.51 -2.79 -12.47
N ILE A 199 -10.35 -3.17 -11.53
CA ILE A 199 -10.93 -2.24 -10.57
C ILE A 199 -10.61 -2.76 -9.19
N THR A 200 -10.21 -1.85 -8.31
CA THR A 200 -9.60 -2.21 -7.05
C THR A 200 -10.10 -1.35 -5.91
N PHE A 201 -11.20 -0.64 -6.11
CA PHE A 201 -11.69 0.23 -5.07
C PHE A 201 -13.05 0.71 -5.51
N ARG A 202 -13.90 0.96 -4.54
CA ARG A 202 -15.13 1.69 -4.74
C ARG A 202 -15.44 2.37 -3.42
N GLN A 203 -16.41 3.26 -3.46
CA GLN A 203 -16.92 3.92 -2.29
C GLN A 203 -18.38 4.18 -2.52
N SER A 204 -18.97 5.04 -1.69
CA SER A 204 -20.31 5.52 -1.87
C SER A 204 -20.64 6.44 -0.70
N PHE A 205 -21.78 7.09 -0.80
CA PHE A 205 -22.21 8.10 0.13
C PHE A 205 -23.55 8.61 -0.36
N PHE A 206 -24.23 9.35 0.51
CA PHE A 206 -25.50 9.97 0.16
C PHE A 206 -25.44 11.48 0.26
N SER A 207 -25.06 12.03 1.40
CA SER A 207 -24.93 13.47 1.54
C SER A 207 -23.81 13.92 2.45
N ASP A 208 -23.14 13.03 3.14
CA ASP A 208 -22.03 13.39 3.99
C ASP A 208 -20.79 12.82 3.32
N PRO A 209 -20.24 13.53 2.32
CA PRO A 209 -19.29 12.93 1.41
C PRO A 209 -17.87 12.93 1.92
N ALA A 210 -17.69 13.23 3.19
CA ALA A 210 -16.40 13.63 3.68
C ALA A 210 -15.45 12.46 3.77
N VAL A 211 -15.90 11.40 4.38
CA VAL A 211 -15.02 10.35 4.85
C VAL A 211 -14.46 9.45 3.75
N PRO A 212 -15.15 9.16 2.66
CA PRO A 212 -14.60 8.16 1.76
C PRO A 212 -13.40 8.68 1.01
N VAL A 213 -13.31 9.99 0.81
CA VAL A 213 -12.14 10.56 0.16
C VAL A 213 -10.95 10.52 1.10
N LYS A 214 -11.20 10.76 2.38
CA LYS A 214 -10.21 10.53 3.40
C LYS A 214 -9.78 9.08 3.40
N ASN A 215 -10.71 8.19 3.09
CA ASN A 215 -10.36 6.80 2.92
C ASN A 215 -9.51 6.60 1.68
N LEU A 216 -9.79 7.38 0.64
CA LEU A 216 -9.07 7.24 -0.61
C LEU A 216 -7.62 7.57 -0.43
N LYS A 217 -7.36 8.77 0.10
CA LYS A 217 -6.00 9.27 0.17
C LYS A 217 -5.10 8.32 0.93
N ARG A 218 -5.66 7.58 1.88
CA ARG A 218 -4.90 6.56 2.58
C ARG A 218 -4.88 5.23 1.84
N GLN A 219 -5.61 5.10 0.74
CA GLN A 219 -5.30 4.13 -0.29
C GLN A 219 -4.71 4.80 -1.51
N ASP A 220 -4.09 5.95 -1.32
CA ASP A 220 -3.01 6.49 -2.13
C ASP A 220 -3.21 6.56 -3.65
N ALA A 221 -4.39 6.24 -4.15
CA ALA A 221 -4.49 6.03 -5.57
C ALA A 221 -4.50 7.36 -6.32
N ARG A 222 -4.08 7.27 -7.57
CA ARG A 222 -3.77 8.45 -8.39
C ARG A 222 -4.96 8.91 -9.20
N ILE A 223 -5.69 7.98 -9.65
CA ILE A 223 -6.82 8.21 -10.52
C ILE A 223 -8.10 8.31 -9.71
N ILE A 224 -9.03 9.06 -10.26
CA ILE A 224 -10.37 9.16 -9.74
C ILE A 224 -11.33 9.19 -10.91
N VAL A 225 -12.39 8.42 -10.81
CA VAL A 225 -13.61 8.70 -11.52
C VAL A 225 -14.60 9.23 -10.51
N GLY A 226 -15.41 10.18 -10.93
CA GLY A 226 -16.58 10.58 -10.19
C GLY A 226 -17.78 10.50 -11.09
N LEU A 227 -18.93 10.41 -10.45
CA LEU A 227 -20.17 10.34 -11.19
C LEU A 227 -21.27 10.94 -10.33
N PHE A 228 -21.49 12.24 -10.43
CA PHE A 228 -22.39 12.86 -9.50
C PHE A 228 -22.80 14.25 -9.95
N TYR A 229 -23.53 14.91 -9.06
CA TYR A 229 -24.23 16.15 -9.32
C TYR A 229 -23.45 17.35 -8.78
N GLU A 230 -23.99 18.53 -9.06
CA GLU A 230 -23.28 19.77 -8.83
C GLU A 230 -23.20 20.08 -7.35
N THR A 231 -24.36 20.28 -6.75
CA THR A 231 -24.47 20.71 -5.37
C THR A 231 -23.93 19.68 -4.40
N GLU A 232 -23.55 18.52 -4.89
CA GLU A 232 -22.64 17.66 -4.18
C GLU A 232 -21.20 18.11 -4.41
N ALA A 233 -20.89 18.39 -5.66
CA ALA A 233 -19.50 18.49 -6.09
C ALA A 233 -18.80 19.65 -5.47
N ARG A 234 -19.50 20.77 -5.36
CA ARG A 234 -18.90 21.92 -4.74
C ARG A 234 -18.44 21.57 -3.33
N LYS A 235 -19.31 20.91 -2.57
CA LYS A 235 -18.96 20.47 -1.23
C LYS A 235 -17.78 19.53 -1.29
N VAL A 236 -17.80 18.64 -2.27
CA VAL A 236 -16.78 17.62 -2.39
C VAL A 236 -15.42 18.25 -2.48
N PHE A 237 -15.19 18.98 -3.56
CA PHE A 237 -13.86 19.48 -3.77
C PHE A 237 -13.47 20.51 -2.73
N CYS A 238 -14.44 21.21 -2.15
CA CYS A 238 -14.17 22.05 -1.00
C CYS A 238 -13.48 21.25 0.08
N GLU A 239 -14.04 20.11 0.41
CA GLU A 239 -13.36 19.25 1.37
C GLU A 239 -12.03 18.76 0.81
N VAL A 240 -11.97 18.49 -0.48
CA VAL A 240 -10.82 17.79 -1.03
C VAL A 240 -9.58 18.61 -0.85
N TYR A 241 -9.70 19.92 -1.00
CA TYR A 241 -8.54 20.77 -0.82
C TYR A 241 -7.98 20.65 0.59
N LYS A 242 -8.83 20.32 1.54
CA LYS A 242 -8.39 20.14 2.90
C LYS A 242 -7.77 18.77 3.13
N GLU A 243 -7.50 18.01 2.07
CA GLU A 243 -6.59 16.88 2.18
C GLU A 243 -5.68 16.76 0.98
N ARG A 244 -5.55 17.82 0.19
CA ARG A 244 -4.39 17.99 -0.69
C ARG A 244 -4.39 16.98 -1.83
N LEU A 245 -5.52 16.86 -2.52
CA LEU A 245 -5.65 15.93 -3.64
C LEU A 245 -5.77 16.70 -4.94
N PHE A 246 -4.61 17.00 -5.51
CA PHE A 246 -4.54 17.70 -6.79
C PHE A 246 -3.08 17.81 -7.18
N GLY A 247 -2.87 18.26 -8.40
CA GLY A 247 -1.56 18.60 -8.87
C GLY A 247 -0.96 17.63 -9.83
N LYS A 248 -0.02 16.83 -9.35
CA LYS A 248 0.87 16.10 -10.22
C LYS A 248 0.28 14.77 -10.63
N LYS A 249 -0.26 14.03 -9.67
CA LYS A 249 -0.67 12.65 -9.86
C LYS A 249 -2.08 12.42 -9.36
N TYR A 250 -2.90 13.46 -9.30
CA TYR A 250 -4.26 13.35 -8.83
C TYR A 250 -5.19 13.83 -9.93
N VAL A 251 -5.49 12.91 -10.82
CA VAL A 251 -6.35 13.12 -11.96
C VAL A 251 -7.78 12.71 -11.66
N TRP A 252 -8.70 13.44 -12.26
CA TRP A 252 -10.12 13.31 -12.01
C TRP A 252 -10.86 13.31 -13.33
N PHE A 253 -11.68 12.30 -13.52
CA PHE A 253 -12.71 12.37 -14.53
C PHE A 253 -14.01 12.73 -13.85
N LEU A 254 -14.85 13.45 -14.57
CA LEU A 254 -16.07 13.95 -14.02
C LEU A 254 -17.15 13.79 -15.06
N ILE A 255 -18.15 14.64 -14.97
CA ILE A 255 -19.20 14.71 -15.95
C ILE A 255 -19.25 16.10 -16.57
N GLY A 256 -19.74 16.15 -17.81
CA GLY A 256 -19.66 17.34 -18.63
C GLY A 256 -20.92 18.17 -18.68
N TRP A 257 -22.07 17.59 -18.32
CA TRP A 257 -23.31 18.33 -18.45
C TRP A 257 -23.60 19.20 -17.25
N TYR A 258 -22.57 19.59 -16.52
CA TYR A 258 -22.70 20.70 -15.61
C TYR A 258 -22.71 22.01 -16.38
N ALA A 259 -22.81 23.09 -15.63
CA ALA A 259 -22.49 24.41 -16.12
C ALA A 259 -21.01 24.49 -16.48
N ASP A 260 -20.64 25.58 -17.12
CA ASP A 260 -19.26 25.84 -17.45
C ASP A 260 -18.51 26.55 -16.36
N ASN A 261 -19.17 26.90 -15.26
CA ASN A 261 -18.54 27.64 -14.18
C ASN A 261 -18.91 27.13 -12.81
N TRP A 262 -19.60 26.00 -12.73
CA TRP A 262 -20.27 25.50 -11.54
C TRP A 262 -19.56 25.69 -10.21
N PHE A 263 -18.24 25.62 -10.25
CA PHE A 263 -17.44 25.68 -9.03
C PHE A 263 -17.18 27.09 -8.54
N LYS A 264 -17.38 28.10 -9.37
CA LYS A 264 -17.02 29.46 -9.01
C LYS A 264 -17.99 30.09 -8.03
N ILE A 265 -19.15 29.51 -7.86
CA ILE A 265 -20.31 30.22 -7.35
C ILE A 265 -20.36 30.08 -5.84
N TYR A 266 -21.05 31.00 -5.20
CA TYR A 266 -21.12 31.03 -3.76
C TYR A 266 -21.79 29.79 -3.21
N ASP A 267 -21.11 29.14 -2.27
CA ASP A 267 -21.69 28.06 -1.49
C ASP A 267 -22.06 28.59 -0.13
N PRO A 268 -23.32 28.63 0.26
CA PRO A 268 -23.64 29.09 1.62
C PRO A 268 -23.52 28.01 2.68
N SER A 269 -22.81 26.92 2.40
CA SER A 269 -22.89 25.72 3.23
C SER A 269 -21.55 25.06 3.48
N ILE A 270 -20.44 25.77 3.33
CA ILE A 270 -19.10 25.21 3.51
C ILE A 270 -18.21 26.26 4.19
N ASN A 271 -16.94 25.89 4.36
CA ASN A 271 -15.92 26.76 4.96
C ASN A 271 -14.76 26.94 4.00
N CYS A 272 -15.05 27.09 2.72
CA CYS A 272 -14.05 27.19 1.68
C CYS A 272 -14.06 28.56 1.04
N THR A 273 -13.08 28.78 0.18
CA THR A 273 -12.93 29.99 -0.60
C THR A 273 -13.13 29.63 -2.06
N VAL A 274 -12.84 30.58 -2.93
CA VAL A 274 -12.90 30.38 -4.37
C VAL A 274 -11.58 29.86 -4.90
N ASP A 275 -10.52 30.59 -4.58
CA ASP A 275 -9.25 30.37 -5.23
C ASP A 275 -8.73 28.96 -5.00
N GLU A 276 -9.15 28.34 -3.90
CA GLU A 276 -8.60 27.06 -3.54
C GLU A 276 -9.03 25.98 -4.52
N MET A 277 -10.28 26.00 -4.95
CA MET A 277 -10.66 25.08 -6.01
C MET A 277 -10.25 25.62 -7.36
N THR A 278 -10.14 26.94 -7.48
CA THR A 278 -9.66 27.48 -8.73
C THR A 278 -8.26 26.98 -9.04
N GLU A 279 -7.52 26.59 -8.01
CA GLU A 279 -6.22 25.98 -8.17
C GLU A 279 -6.22 24.48 -7.98
N ALA A 280 -7.19 23.93 -7.27
CA ALA A 280 -7.12 22.53 -6.87
C ALA A 280 -7.77 21.60 -7.88
N VAL A 281 -8.83 22.04 -8.54
CA VAL A 281 -9.44 21.20 -9.55
C VAL A 281 -8.63 21.10 -10.82
N GLU A 282 -7.57 21.89 -10.93
CA GLU A 282 -6.84 22.04 -12.16
C GLU A 282 -6.34 20.70 -12.68
N GLY A 283 -6.56 20.48 -13.98
CA GLY A 283 -6.18 19.27 -14.65
C GLY A 283 -7.33 18.36 -14.99
N HIS A 284 -8.50 18.55 -14.39
CA HIS A 284 -9.54 17.56 -14.49
C HIS A 284 -10.16 17.54 -15.86
N ILE A 285 -11.07 16.59 -16.03
CA ILE A 285 -11.54 16.19 -17.35
C ILE A 285 -13.05 15.98 -17.34
N THR A 286 -13.66 16.23 -18.49
CA THR A 286 -15.09 16.08 -18.64
C THR A 286 -15.38 15.48 -19.99
N THR A 287 -16.55 14.87 -20.07
CA THR A 287 -17.11 14.33 -21.29
C THR A 287 -18.58 14.68 -21.35
N GLU A 288 -19.08 14.84 -22.55
CA GLU A 288 -20.51 15.01 -22.72
C GLU A 288 -20.84 14.69 -24.15
N ILE A 289 -22.07 14.98 -24.53
CA ILE A 289 -22.63 14.48 -25.77
C ILE A 289 -23.20 15.62 -26.58
N VAL A 290 -23.02 15.52 -27.86
CA VAL A 290 -23.60 16.45 -28.80
C VAL A 290 -24.97 15.96 -29.18
N MET A 291 -25.90 16.88 -29.17
CA MET A 291 -27.31 16.61 -29.29
C MET A 291 -27.87 17.04 -30.63
N LEU A 292 -27.63 18.29 -30.98
CA LEU A 292 -28.02 18.84 -32.27
C LEU A 292 -27.42 18.03 -33.41
N ASN A 293 -27.98 18.22 -34.59
CA ASN A 293 -27.27 17.87 -35.79
C ASN A 293 -26.21 18.92 -36.06
N PRO A 294 -24.93 18.59 -36.03
CA PRO A 294 -23.91 19.61 -36.31
C PRO A 294 -23.93 20.11 -37.73
N ALA A 295 -24.63 19.43 -38.62
CA ALA A 295 -24.65 19.82 -40.01
C ALA A 295 -25.53 21.04 -40.18
N ASN A 296 -25.80 21.38 -41.45
CA ASN A 296 -26.53 22.60 -41.82
C ASN A 296 -27.55 22.20 -42.87
N THR A 297 -28.71 21.78 -42.40
CA THR A 297 -29.77 21.30 -43.26
C THR A 297 -31.10 21.86 -42.77
N ARG A 298 -31.97 22.20 -43.72
CA ARG A 298 -33.31 22.64 -43.39
C ARG A 298 -34.05 21.54 -42.64
N SER A 299 -34.69 21.92 -41.55
CA SER A 299 -35.40 20.97 -40.72
C SER A 299 -36.73 20.59 -41.37
N ILE A 300 -37.48 19.75 -40.66
CA ILE A 300 -38.85 19.47 -41.09
C ILE A 300 -39.72 20.70 -40.93
N SER A 301 -39.48 21.47 -39.87
CA SER A 301 -40.22 22.68 -39.59
C SER A 301 -39.63 23.91 -40.26
N ASN A 302 -38.84 23.72 -41.32
CA ASN A 302 -38.24 24.83 -42.04
C ASN A 302 -37.32 25.62 -41.12
N MET A 303 -36.48 24.89 -40.38
CA MET A 303 -35.66 25.47 -39.33
C MET A 303 -34.27 24.85 -39.37
N THR A 304 -33.39 25.44 -38.56
CA THR A 304 -32.06 24.91 -38.35
C THR A 304 -31.49 25.53 -37.07
N SER A 305 -30.59 24.79 -36.47
CA SER A 305 -29.90 25.08 -35.22
C SER A 305 -29.45 26.53 -35.08
N GLN A 306 -29.11 27.15 -36.19
CA GLN A 306 -28.62 28.51 -36.12
C GLN A 306 -29.73 29.45 -35.72
N GLU A 307 -30.79 29.46 -36.53
CA GLU A 307 -31.95 30.26 -36.21
C GLU A 307 -32.60 29.76 -34.95
N PHE A 308 -32.45 28.46 -34.68
CA PHE A 308 -32.90 27.89 -33.42
C PHE A 308 -32.29 28.65 -32.26
N VAL A 309 -30.97 28.68 -32.24
CA VAL A 309 -30.24 29.31 -31.15
C VAL A 309 -30.58 30.77 -31.07
N GLU A 310 -30.74 31.40 -32.22
CA GLU A 310 -31.11 32.80 -32.23
C GLU A 310 -32.42 32.98 -31.49
N LYS A 311 -33.36 32.08 -31.73
CA LYS A 311 -34.65 32.20 -31.09
C LYS A 311 -34.54 31.94 -29.60
N LEU A 312 -33.63 31.06 -29.21
CA LEU A 312 -33.47 30.77 -27.79
C LEU A 312 -32.92 31.97 -27.06
N THR A 313 -31.85 32.52 -27.60
CA THR A 313 -31.29 33.74 -27.05
C THR A 313 -32.31 34.84 -27.03
N LYS A 314 -33.15 34.90 -28.06
CA LYS A 314 -34.25 35.84 -28.07
C LYS A 314 -35.19 35.58 -26.90
N ARG A 315 -35.34 34.33 -26.51
CA ARG A 315 -36.20 33.94 -25.41
C ARG A 315 -35.41 33.58 -24.17
N LEU A 316 -34.10 33.84 -24.16
CA LEU A 316 -33.26 33.61 -22.99
C LEU A 316 -33.27 32.15 -22.59
N THR A 323 -24.09 31.59 -18.21
CA THR A 323 -25.14 31.01 -19.04
C THR A 323 -25.32 29.56 -18.65
N GLY A 324 -26.57 29.12 -18.48
CA GLY A 324 -26.83 27.78 -17.99
C GLY A 324 -28.19 27.20 -18.30
N GLY A 325 -28.19 25.96 -18.83
CA GLY A 325 -29.39 25.19 -19.02
C GLY A 325 -29.87 25.13 -20.45
N PHE A 326 -28.95 25.02 -21.38
CA PHE A 326 -29.24 25.33 -22.78
C PHE A 326 -28.92 24.19 -23.72
N GLN A 327 -27.90 23.38 -23.43
CA GLN A 327 -27.41 22.39 -24.39
C GLN A 327 -28.42 21.32 -24.71
N GLU A 328 -29.50 21.25 -23.96
CA GLU A 328 -30.28 20.05 -23.74
C GLU A 328 -31.70 20.23 -24.22
N ALA A 329 -32.13 21.46 -24.35
CA ALA A 329 -33.46 21.82 -24.83
C ALA A 329 -33.93 21.13 -26.10
N PRO A 330 -33.13 21.00 -27.17
CA PRO A 330 -33.66 20.58 -28.47
C PRO A 330 -34.46 19.33 -28.46
N LEU A 331 -34.22 18.49 -27.46
CA LEU A 331 -34.86 17.21 -27.37
C LEU A 331 -36.35 17.36 -27.30
N ALA A 332 -36.81 18.45 -26.72
CA ALA A 332 -38.22 18.77 -26.75
C ALA A 332 -38.65 19.00 -28.19
N TYR A 333 -37.92 19.86 -28.87
CA TYR A 333 -38.29 20.27 -30.21
C TYR A 333 -38.14 19.14 -31.20
N ASP A 334 -37.64 18.00 -30.77
CA ASP A 334 -37.81 16.75 -31.48
C ASP A 334 -38.98 15.94 -30.95
N ALA A 335 -39.11 15.90 -29.63
CA ALA A 335 -40.00 14.97 -28.95
C ALA A 335 -41.43 15.21 -29.36
N ILE A 336 -41.85 16.44 -29.18
CA ILE A 336 -43.26 16.72 -29.31
C ILE A 336 -43.65 16.67 -30.76
N TRP A 337 -42.71 17.01 -31.63
CA TRP A 337 -42.96 16.84 -33.06
C TRP A 337 -43.23 15.38 -33.35
N ALA A 338 -42.43 14.50 -32.76
CA ALA A 338 -42.64 13.09 -32.98
C ALA A 338 -43.99 12.66 -32.45
N LEU A 339 -44.36 13.21 -31.31
CA LEU A 339 -45.64 12.91 -30.71
C LEU A 339 -46.79 13.25 -31.66
N ALA A 340 -46.83 14.50 -32.09
CA ALA A 340 -47.90 14.93 -32.97
C ALA A 340 -47.89 14.16 -34.27
N LEU A 341 -46.74 13.69 -34.69
CA LEU A 341 -46.69 12.85 -35.86
C LEU A 341 -47.37 11.53 -35.58
N ALA A 342 -47.19 11.03 -34.36
CA ALA A 342 -47.94 9.85 -33.94
C ALA A 342 -49.43 10.12 -34.03
N LEU A 343 -49.81 11.34 -33.74
CA LEU A 343 -51.22 11.68 -33.70
C LEU A 343 -51.80 11.91 -35.09
N ASN A 344 -51.01 12.39 -36.03
CA ASN A 344 -51.43 12.33 -37.42
C ASN A 344 -51.57 10.88 -37.86
N LYS A 345 -50.72 10.01 -37.35
CA LYS A 345 -50.83 8.60 -37.70
C LYS A 345 -52.13 8.01 -37.19
N THR A 346 -52.52 8.36 -35.97
CA THR A 346 -53.53 7.58 -35.30
C THR A 346 -54.96 8.00 -35.64
N SER A 347 -55.18 9.25 -36.01
CA SER A 347 -56.53 9.71 -36.34
C SER A 347 -56.52 11.07 -36.99
N ARG A 356 -62.96 11.10 -29.95
CA ARG A 356 -62.54 9.94 -29.18
C ARG A 356 -61.44 10.32 -28.19
N LEU A 357 -60.61 11.27 -28.58
CA LEU A 357 -59.43 11.55 -27.79
C LEU A 357 -59.78 12.14 -26.44
N GLU A 358 -60.66 13.14 -26.42
CA GLU A 358 -61.20 13.59 -25.16
C GLU A 358 -62.07 12.54 -24.50
N ASP A 359 -62.52 11.54 -25.26
CA ASP A 359 -63.25 10.40 -24.72
C ASP A 359 -62.24 9.36 -24.23
N PHE A 360 -61.69 9.65 -23.05
CA PHE A 360 -60.57 8.93 -22.51
C PHE A 360 -60.80 8.59 -21.04
N ASN A 361 -60.13 7.54 -20.57
CA ASN A 361 -60.06 7.23 -19.16
C ASN A 361 -58.70 6.61 -18.87
N TYR A 362 -58.27 6.76 -17.62
CA TYR A 362 -57.15 5.99 -17.13
C TYR A 362 -57.44 4.51 -17.24
N ASN A 363 -58.65 4.11 -16.89
CA ASN A 363 -58.97 2.71 -16.80
C ASN A 363 -58.94 2.01 -18.14
N ASN A 364 -59.08 2.76 -19.23
CA ASN A 364 -58.94 2.17 -20.54
C ASN A 364 -57.51 1.68 -20.73
N GLN A 365 -57.37 0.73 -21.64
CA GLN A 365 -56.09 0.12 -21.97
C GLN A 365 -55.78 0.13 -23.45
N THR A 366 -56.76 0.38 -24.30
CA THR A 366 -56.60 0.11 -25.73
C THR A 366 -55.84 1.22 -26.43
N ILE A 367 -56.20 2.46 -26.10
CA ILE A 367 -55.55 3.62 -26.70
C ILE A 367 -54.06 3.58 -26.42
N THR A 368 -53.72 3.13 -25.22
CA THR A 368 -52.32 3.05 -24.85
C THR A 368 -51.60 2.06 -25.72
N ASP A 369 -52.24 0.96 -26.02
CA ASP A 369 -51.59 -0.05 -26.84
C ASP A 369 -51.47 0.43 -28.26
N GLN A 370 -52.50 1.13 -28.74
CA GLN A 370 -52.44 1.78 -30.03
C GLN A 370 -51.23 2.67 -30.13
N ILE A 371 -51.19 3.66 -29.25
CA ILE A 371 -50.15 4.66 -29.34
C ILE A 371 -48.80 4.06 -29.01
N TYR A 372 -48.77 2.99 -28.23
CA TYR A 372 -47.50 2.38 -27.88
C TYR A 372 -46.93 1.63 -29.07
N ARG A 373 -47.78 0.96 -29.84
CA ARG A 373 -47.31 0.41 -31.10
C ARG A 373 -46.90 1.52 -32.04
N ALA A 374 -47.60 2.66 -31.95
CA ALA A 374 -47.26 3.80 -32.77
C ALA A 374 -45.83 4.22 -32.52
N MET A 375 -45.50 4.37 -31.25
CA MET A 375 -44.20 4.86 -30.88
C MET A 375 -43.14 3.79 -31.11
N ASN A 376 -43.49 2.51 -30.91
CA ASN A 376 -42.58 1.43 -31.27
C ASN A 376 -42.23 1.52 -32.74
N SER A 377 -43.16 1.99 -33.55
CA SER A 377 -42.92 2.18 -34.97
C SER A 377 -42.37 3.54 -35.30
N SER A 378 -42.49 4.50 -34.38
CA SER A 378 -42.19 5.88 -34.69
C SER A 378 -40.72 6.08 -35.01
N SER A 379 -40.46 6.86 -36.05
CA SER A 379 -39.10 7.07 -36.50
C SER A 379 -39.09 8.12 -37.58
N PHE A 380 -38.20 9.09 -37.48
CA PHE A 380 -37.95 9.99 -38.59
C PHE A 380 -36.64 10.72 -38.33
N GLU A 381 -36.41 11.80 -39.07
CA GLU A 381 -35.24 12.63 -38.95
C GLU A 381 -35.67 14.03 -38.57
N GLY A 382 -35.02 14.60 -37.57
CA GLY A 382 -35.36 15.91 -37.10
C GLY A 382 -34.13 16.60 -36.57
N VAL A 383 -34.34 17.57 -35.69
CA VAL A 383 -33.31 18.56 -35.36
C VAL A 383 -32.07 17.87 -34.84
N SER A 384 -32.25 17.02 -33.84
CA SER A 384 -31.12 16.31 -33.27
C SER A 384 -30.49 15.38 -34.29
N GLY A 385 -31.30 14.72 -35.10
CA GLY A 385 -30.81 13.76 -36.05
C GLY A 385 -31.85 12.68 -36.33
N HIS A 386 -31.35 11.47 -36.55
CA HIS A 386 -32.25 10.38 -36.90
C HIS A 386 -32.99 9.98 -35.63
N VAL A 387 -34.02 10.75 -35.36
CA VAL A 387 -34.83 10.61 -34.18
C VAL A 387 -35.61 9.31 -34.27
N VAL A 388 -35.11 8.30 -33.57
CA VAL A 388 -35.74 7.00 -33.51
C VAL A 388 -35.48 6.41 -32.13
N PHE A 389 -36.34 5.49 -31.73
CA PHE A 389 -36.31 4.90 -30.41
C PHE A 389 -35.86 3.45 -30.47
N ASP A 390 -35.17 3.03 -29.43
CA ASP A 390 -34.84 1.62 -29.24
C ASP A 390 -34.39 1.44 -27.79
N ALA A 391 -33.96 0.22 -27.48
CA ALA A 391 -33.50 -0.10 -26.14
C ALA A 391 -32.05 0.27 -25.92
N SER A 392 -31.24 0.23 -26.97
CA SER A 392 -29.84 0.59 -26.84
C SER A 392 -29.67 2.08 -26.56
N GLY A 393 -30.65 2.90 -26.91
CA GLY A 393 -30.55 4.33 -26.68
C GLY A 393 -29.39 4.95 -27.41
N SER A 394 -29.04 4.40 -28.56
CA SER A 394 -27.83 4.72 -29.29
C SER A 394 -28.14 5.20 -30.69
N ARG A 395 -29.19 6.00 -30.83
CA ARG A 395 -29.42 6.68 -32.09
C ARG A 395 -28.25 7.56 -32.42
N MET A 396 -27.68 8.21 -31.42
CA MET A 396 -26.53 9.06 -31.62
C MET A 396 -25.27 8.24 -31.55
N ALA A 397 -24.19 8.84 -32.02
CA ALA A 397 -22.87 8.25 -31.90
C ALA A 397 -21.80 9.25 -31.56
N TRP A 398 -22.05 10.54 -31.70
CA TRP A 398 -21.00 11.53 -31.63
C TRP A 398 -20.92 12.15 -30.25
N THR A 399 -19.71 12.26 -29.76
CA THR A 399 -19.41 12.58 -28.38
C THR A 399 -18.62 13.86 -28.29
N LEU A 400 -18.17 14.15 -27.09
CA LEU A 400 -17.33 15.31 -26.88
C LEU A 400 -16.43 15.06 -25.69
N ILE A 401 -15.21 15.41 -25.90
CA ILE A 401 -14.20 15.43 -24.87
C ILE A 401 -14.03 16.87 -24.47
N GLU A 402 -13.54 17.08 -23.27
CA GLU A 402 -13.25 18.44 -22.89
C GLU A 402 -12.29 18.42 -21.73
N GLN A 403 -11.34 19.33 -21.82
CA GLN A 403 -10.36 19.54 -20.79
C GLN A 403 -10.62 20.90 -20.16
N LEU A 404 -9.95 21.09 -19.03
CA LEU A 404 -9.84 22.38 -18.40
C LEU A 404 -8.37 22.68 -18.23
N GLN A 405 -7.95 23.87 -18.68
CA GLN A 405 -6.57 24.33 -18.61
C GLN A 405 -6.61 25.76 -18.07
N GLY A 406 -6.68 25.88 -16.76
CA GLY A 406 -6.44 27.14 -16.11
C GLY A 406 -7.43 28.22 -16.45
N GLY A 407 -8.66 28.04 -16.00
CA GLY A 407 -9.60 29.13 -15.93
C GLY A 407 -10.90 28.83 -16.62
N SER A 408 -10.86 28.01 -17.65
CA SER A 408 -12.11 27.67 -18.33
C SER A 408 -11.90 26.49 -19.23
N TYR A 409 -13.00 26.07 -19.82
CA TYR A 409 -13.12 24.79 -20.49
C TYR A 409 -12.74 24.92 -21.95
N LYS A 410 -12.13 23.86 -22.47
CA LYS A 410 -11.53 23.87 -23.79
C LYS A 410 -11.60 22.49 -24.37
N LYS A 411 -11.19 22.39 -25.61
CA LYS A 411 -11.40 21.19 -26.41
C LYS A 411 -10.07 20.58 -26.79
N ILE A 412 -10.14 19.29 -27.08
CA ILE A 412 -8.99 18.46 -27.36
C ILE A 412 -9.22 17.59 -28.58
N GLY A 413 -10.47 17.21 -28.82
CA GLY A 413 -10.78 16.27 -29.86
C GLY A 413 -12.22 15.85 -29.76
N TYR A 414 -12.66 15.11 -30.78
CA TYR A 414 -13.96 14.47 -30.81
C TYR A 414 -13.76 13.01 -31.16
N TYR A 415 -14.87 12.29 -31.20
CA TYR A 415 -14.80 10.85 -31.28
C TYR A 415 -16.12 10.31 -31.77
N ASP A 416 -16.06 9.15 -32.43
CA ASP A 416 -17.24 8.35 -32.72
C ASP A 416 -16.88 6.90 -32.51
N SER A 417 -17.80 6.18 -31.87
CA SER A 417 -17.56 4.83 -31.42
C SER A 417 -17.82 3.77 -32.47
N THR A 418 -18.63 4.09 -33.47
CA THR A 418 -19.04 3.06 -34.42
C THR A 418 -17.85 2.51 -35.18
N LYS A 419 -16.88 3.37 -35.45
CA LYS A 419 -15.65 3.01 -36.12
C LYS A 419 -14.46 2.98 -35.18
N ASP A 420 -14.68 3.26 -33.90
CA ASP A 420 -13.62 3.58 -32.95
C ASP A 420 -12.76 4.74 -33.46
N ASP A 421 -13.34 5.61 -34.29
CA ASP A 421 -12.59 6.67 -34.93
C ASP A 421 -12.45 7.84 -33.98
N LEU A 422 -11.21 8.29 -33.82
CA LEU A 422 -10.87 9.32 -32.86
C LEU A 422 -10.22 10.47 -33.57
N SER A 423 -10.86 11.63 -33.56
CA SER A 423 -10.28 12.84 -34.07
C SER A 423 -9.71 13.65 -32.91
N TRP A 424 -8.50 14.16 -33.12
CA TRP A 424 -7.72 14.79 -32.09
C TRP A 424 -7.31 16.17 -32.54
N SER A 425 -6.86 16.99 -31.58
CA SER A 425 -6.46 18.37 -31.86
C SER A 425 -5.17 18.82 -31.18
N LYS A 426 -4.65 18.08 -30.21
CA LYS A 426 -3.29 18.27 -29.71
C LYS A 426 -3.15 19.60 -28.97
N THR A 427 -3.98 19.74 -27.94
CA THR A 427 -3.97 20.92 -27.09
C THR A 427 -3.91 20.58 -25.60
N ASP A 428 -3.60 19.33 -25.27
CA ASP A 428 -3.57 18.88 -23.90
C ASP A 428 -2.49 19.59 -23.10
N LYS A 429 -2.49 19.30 -21.80
CA LYS A 429 -1.54 19.85 -20.86
C LYS A 429 -1.53 18.97 -19.63
N TRP A 430 -0.36 18.80 -19.06
CA TRP A 430 -0.19 18.28 -17.72
C TRP A 430 0.93 19.04 -17.08
N ILE A 431 0.78 19.36 -15.79
CA ILE A 431 1.92 19.91 -15.07
C ILE A 431 2.87 18.75 -14.89
N GLY A 432 3.85 18.68 -15.77
CA GLY A 432 4.75 17.55 -15.86
C GLY A 432 5.00 17.21 -17.31
N GLY A 433 4.01 17.46 -18.15
CA GLY A 433 4.20 17.26 -19.56
C GLY A 433 3.96 15.86 -20.06
N SER A 434 3.44 14.98 -19.22
CA SER A 434 3.03 13.68 -19.72
C SER A 434 2.13 12.96 -18.71
N PRO A 435 1.23 12.08 -19.13
CA PRO A 435 0.27 11.49 -18.20
C PRO A 435 0.92 10.64 -17.13
N PRO A 436 0.61 10.86 -15.85
CA PRO A 436 0.97 9.89 -14.82
C PRO A 436 0.17 8.61 -14.89
N ALA A 437 0.46 7.65 -14.02
CA ALA A 437 0.10 6.25 -14.26
C ALA A 437 -0.20 5.49 -12.98
N ASP A 438 -1.15 5.98 -12.18
CA ASP A 438 -1.95 5.19 -11.25
C ASP A 438 -1.18 4.35 -10.25
N GLN A 439 0.13 4.55 -10.16
CA GLN A 439 0.99 3.73 -9.31
C GLN A 439 2.40 4.24 -9.50
N THR A 440 3.17 4.29 -8.43
CA THR A 440 4.57 4.65 -8.62
C THR A 440 5.29 3.48 -9.26
N LEU A 441 5.69 3.63 -10.51
CA LEU A 441 6.34 2.54 -11.23
C LEU A 441 7.79 2.38 -10.77
N VAL A 442 8.26 1.14 -10.77
CA VAL A 442 9.60 0.81 -10.31
C VAL A 442 10.53 0.67 -11.51
N ILE A 443 11.68 1.34 -11.46
CA ILE A 443 12.70 1.24 -12.49
C ILE A 443 13.82 0.35 -11.96
N LYS A 444 14.22 -0.63 -12.76
CA LYS A 444 15.20 -1.64 -12.36
C LYS A 444 16.55 -1.29 -12.95
N THR A 445 17.23 -0.31 -12.36
CA THR A 445 18.55 0.07 -12.82
C THR A 445 19.58 -0.95 -12.36
N PHE A 446 20.85 -0.63 -12.58
CA PHE A 446 21.97 -1.43 -12.10
C PHE A 446 22.88 -0.58 -11.25
N ARG A 447 23.58 -1.22 -10.32
CA ARG A 447 24.59 -0.53 -9.53
C ARG A 447 25.86 -0.44 -10.37
N PHE A 448 26.15 0.76 -10.87
CA PHE A 448 27.31 0.96 -11.74
C PHE A 448 28.60 0.74 -10.98
N LEU A 449 29.73 0.67 -11.68
CA LEU A 449 30.98 0.35 -10.99
C LEU A 449 31.91 1.55 -10.87
N SER A 450 31.40 2.77 -10.97
CA SER A 450 32.20 3.99 -10.82
C SER A 450 33.37 4.02 -11.80
N GLN A 451 33.02 4.10 -13.08
CA GLN A 451 33.99 4.02 -14.16
C GLN A 451 35.00 5.16 -14.11
N LYS A 452 34.65 6.24 -13.41
CA LYS A 452 35.57 7.37 -13.28
C LYS A 452 36.89 6.95 -12.65
N LEU A 453 36.87 5.90 -11.83
CA LEU A 453 38.06 5.41 -11.16
C LEU A 453 38.76 4.29 -11.90
N PHE A 454 38.04 3.56 -12.76
CA PHE A 454 38.62 2.47 -13.52
C PHE A 454 39.92 2.90 -14.20
N ILE A 455 39.86 4.08 -14.80
CA ILE A 455 40.95 4.58 -15.62
C ILE A 455 42.24 4.66 -14.82
N SER A 456 42.14 4.92 -13.53
CA SER A 456 43.33 5.16 -12.73
C SER A 456 44.19 3.92 -12.67
N VAL A 457 43.59 2.83 -12.20
CA VAL A 457 44.27 1.56 -12.19
C VAL A 457 44.62 1.12 -13.59
N SER A 458 43.87 1.56 -14.59
CA SER A 458 44.28 1.26 -15.95
C SER A 458 45.61 1.93 -16.27
N VAL A 459 45.81 3.13 -15.74
CA VAL A 459 47.09 3.83 -15.94
C VAL A 459 48.19 3.03 -15.30
N LEU A 460 47.92 2.57 -14.09
CA LEU A 460 48.87 1.73 -13.35
C LEU A 460 49.22 0.49 -14.17
N SER A 461 48.22 -0.06 -14.86
CA SER A 461 48.40 -1.25 -15.66
C SER A 461 49.37 -0.97 -16.79
N SER A 462 49.15 0.14 -17.48
CA SER A 462 50.01 0.48 -18.59
C SER A 462 51.44 0.68 -18.14
N LEU A 463 51.63 1.30 -16.98
CA LEU A 463 52.99 1.52 -16.50
C LEU A 463 53.66 0.20 -16.21
N GLY A 464 52.92 -0.71 -15.57
CA GLY A 464 53.47 -2.03 -15.31
C GLY A 464 53.84 -2.73 -16.59
N ILE A 465 53.04 -2.54 -17.63
CA ILE A 465 53.32 -3.15 -18.92
C ILE A 465 54.64 -2.62 -19.46
N VAL A 466 54.80 -1.30 -19.41
CA VAL A 466 56.02 -0.66 -19.91
C VAL A 466 57.23 -1.29 -19.24
N LEU A 467 57.18 -1.35 -17.92
CA LEU A 467 58.32 -1.87 -17.18
C LEU A 467 58.57 -3.31 -17.53
N ALA A 468 57.49 -4.08 -17.72
CA ALA A 468 57.62 -5.49 -18.02
C ALA A 468 58.40 -5.69 -19.30
N VAL A 469 57.91 -5.08 -20.38
CA VAL A 469 58.56 -5.26 -21.67
C VAL A 469 59.96 -4.64 -21.65
N VAL A 470 60.14 -3.60 -20.85
CA VAL A 470 61.46 -2.98 -20.73
C VAL A 470 62.46 -4.02 -20.26
N CYS A 471 62.24 -4.56 -19.07
CA CYS A 471 63.18 -5.54 -18.54
C CYS A 471 63.22 -6.78 -19.41
N LEU A 472 62.13 -7.07 -20.10
CA LEU A 472 62.08 -8.23 -20.97
C LEU A 472 63.10 -8.11 -22.07
N SER A 473 62.92 -7.12 -22.93
CA SER A 473 63.86 -6.90 -24.02
C SER A 473 65.25 -6.56 -23.49
N PHE A 474 65.33 -6.06 -22.25
CA PHE A 474 66.60 -5.77 -21.64
C PHE A 474 67.42 -7.03 -21.49
N ASN A 475 66.93 -7.95 -20.67
CA ASN A 475 67.76 -9.09 -20.30
C ASN A 475 68.04 -9.97 -21.50
N ILE A 476 67.07 -10.10 -22.39
CA ILE A 476 67.28 -10.92 -23.57
C ILE A 476 68.27 -10.25 -24.50
N TYR A 477 68.36 -8.91 -24.46
CA TYR A 477 69.27 -8.21 -25.35
C TYR A 477 70.71 -8.46 -24.94
N ASN A 478 71.06 -8.04 -23.73
CA ASN A 478 72.38 -8.30 -23.18
C ASN A 478 72.40 -9.68 -22.54
N SER A 479 72.06 -10.68 -23.33
CA SER A 479 71.87 -12.04 -22.85
C SER A 479 73.13 -12.88 -23.00
N HIS A 480 74.27 -12.32 -22.58
CA HIS A 480 75.54 -13.03 -22.67
C HIS A 480 76.49 -12.41 -21.64
N VAL A 481 76.72 -13.12 -20.56
CA VAL A 481 77.65 -12.68 -19.51
C VAL A 481 77.79 -13.81 -18.51
N ARG A 482 78.50 -13.54 -17.41
CA ARG A 482 78.53 -14.45 -16.28
C ARG A 482 77.63 -14.01 -15.14
N TYR A 483 77.65 -12.73 -14.77
CA TYR A 483 76.70 -12.20 -13.81
C TYR A 483 75.33 -11.99 -14.41
N ILE A 484 75.18 -12.26 -15.70
CA ILE A 484 73.89 -12.21 -16.38
C ILE A 484 73.43 -13.57 -16.87
N GLN A 485 74.25 -14.26 -17.66
CA GLN A 485 73.84 -15.53 -18.23
C GLN A 485 73.89 -16.67 -17.23
N ASN A 486 74.61 -16.51 -16.12
CA ASN A 486 74.64 -17.58 -15.14
C ASN A 486 73.55 -17.42 -14.08
N SER A 487 72.33 -17.14 -14.55
CA SER A 487 71.17 -17.19 -13.67
C SER A 487 69.90 -17.65 -14.37
N GLN A 488 69.95 -17.98 -15.65
CA GLN A 488 68.80 -18.41 -16.44
C GLN A 488 67.66 -17.41 -16.39
N PRO A 489 67.88 -16.20 -16.91
CA PRO A 489 66.84 -15.17 -16.89
C PRO A 489 65.71 -15.38 -17.90
N ASN A 490 65.78 -16.43 -18.71
CA ASN A 490 64.67 -16.74 -19.61
C ASN A 490 63.40 -16.91 -18.81
N LEU A 491 63.53 -17.57 -17.67
CA LEU A 491 62.38 -17.91 -16.86
C LEU A 491 61.88 -16.68 -16.13
N ASN A 492 62.81 -15.76 -15.84
CA ASN A 492 62.43 -14.48 -15.27
C ASN A 492 61.62 -13.68 -16.28
N ASN A 493 61.98 -13.78 -17.55
CA ASN A 493 61.20 -13.12 -18.58
C ASN A 493 59.79 -13.70 -18.62
N LEU A 494 59.69 -15.02 -18.54
CA LEU A 494 58.38 -15.65 -18.44
C LEU A 494 57.61 -15.11 -17.25
N THR A 495 58.31 -14.92 -16.15
CA THR A 495 57.68 -14.48 -14.93
C THR A 495 57.02 -13.14 -15.12
N ALA A 496 57.81 -12.18 -15.59
CA ALA A 496 57.26 -10.86 -15.89
C ALA A 496 56.13 -10.94 -16.89
N VAL A 497 56.20 -11.89 -17.81
CA VAL A 497 55.19 -12.00 -18.85
C VAL A 497 53.85 -12.42 -18.26
N GLY A 498 53.86 -13.48 -17.48
CA GLY A 498 52.64 -13.88 -16.80
C GLY A 498 52.10 -12.78 -15.94
N CYS A 499 53.01 -12.02 -15.31
CA CYS A 499 52.54 -10.93 -14.47
C CYS A 499 51.90 -9.86 -15.32
N SER A 500 52.39 -9.68 -16.55
CA SER A 500 51.76 -8.74 -17.45
C SER A 500 50.38 -9.19 -17.83
N LEU A 501 50.20 -10.50 -17.97
CA LEU A 501 48.87 -11.01 -18.31
C LEU A 501 47.89 -10.73 -17.19
N ALA A 502 48.26 -11.13 -15.99
CA ALA A 502 47.39 -10.85 -14.87
C ALA A 502 47.28 -9.37 -14.60
N LEU A 503 48.19 -8.58 -15.15
CA LEU A 503 48.06 -7.14 -15.07
C LEU A 503 47.05 -6.63 -16.06
N ALA A 504 46.95 -7.29 -17.20
CA ALA A 504 45.87 -7.01 -18.12
C ALA A 504 44.55 -7.31 -17.50
N ALA A 505 44.53 -8.25 -16.56
CA ALA A 505 43.32 -8.66 -15.87
C ALA A 505 42.48 -7.53 -15.27
N VAL A 506 43.02 -6.32 -15.19
CA VAL A 506 42.19 -5.15 -14.96
C VAL A 506 41.20 -4.98 -16.11
N PHE A 507 41.70 -5.09 -17.33
CA PHE A 507 40.94 -4.72 -18.52
C PHE A 507 39.60 -5.44 -18.65
N PRO A 508 39.53 -6.76 -18.56
CA PRO A 508 38.25 -7.42 -18.85
C PRO A 508 37.21 -7.21 -17.77
N LEU A 509 37.62 -7.43 -16.53
CA LEU A 509 36.71 -7.73 -15.45
C LEU A 509 36.39 -6.55 -14.57
N GLY A 510 37.12 -5.45 -14.72
CA GLY A 510 36.78 -4.28 -13.97
C GLY A 510 35.51 -3.59 -14.43
N LEU A 511 34.89 -4.06 -15.51
CA LEU A 511 33.86 -3.31 -16.22
C LEU A 511 32.68 -4.20 -16.58
N ASP A 512 31.52 -3.90 -16.02
CA ASP A 512 30.26 -4.30 -16.65
C ASP A 512 29.18 -3.23 -16.56
N GLY A 513 29.15 -2.52 -15.44
CA GLY A 513 27.98 -1.75 -15.02
C GLY A 513 27.95 -0.35 -15.59
N TYR A 514 28.60 -0.15 -16.74
CA TYR A 514 28.52 1.11 -17.46
C TYR A 514 28.21 0.76 -18.89
N HIS A 515 28.24 1.75 -19.75
CA HIS A 515 27.98 1.54 -21.16
C HIS A 515 29.22 0.89 -21.79
N ILE A 516 29.36 -0.42 -21.50
CA ILE A 516 30.45 -1.20 -22.07
C ILE A 516 29.99 -2.28 -23.03
N GLY A 517 29.26 -3.29 -22.55
CA GLY A 517 28.81 -4.38 -23.42
C GLY A 517 27.30 -4.56 -23.46
N ARG A 518 26.69 -4.89 -22.34
CA ARG A 518 25.24 -5.07 -22.19
C ARG A 518 24.65 -6.24 -22.96
N ASN A 519 25.40 -6.86 -23.85
CA ASN A 519 24.87 -7.95 -24.67
C ASN A 519 25.63 -9.25 -24.50
N GLN A 520 26.94 -9.22 -24.69
CA GLN A 520 27.77 -10.41 -24.74
C GLN A 520 28.78 -10.33 -23.61
N PHE A 521 28.38 -10.77 -22.44
CA PHE A 521 29.30 -10.92 -21.32
C PHE A 521 30.15 -12.18 -21.39
N PRO A 522 29.58 -13.37 -21.66
CA PRO A 522 30.33 -14.61 -21.38
C PRO A 522 31.64 -14.72 -22.12
N PHE A 523 31.77 -14.11 -23.30
CA PHE A 523 33.06 -14.12 -23.98
C PHE A 523 34.11 -13.35 -23.20
N VAL A 524 33.70 -12.41 -22.35
CA VAL A 524 34.68 -11.69 -21.55
C VAL A 524 34.63 -12.14 -20.10
N CYS A 525 33.48 -12.63 -19.64
CA CYS A 525 33.23 -13.13 -18.26
C CYS A 525 34.28 -14.20 -17.93
N GLN A 526 34.26 -15.29 -18.70
CA GLN A 526 35.20 -16.40 -18.57
C GLN A 526 36.64 -15.96 -18.82
N ALA A 527 36.84 -14.80 -19.43
CA ALA A 527 38.17 -14.32 -19.73
C ALA A 527 38.98 -14.07 -18.49
N ARG A 528 38.33 -13.82 -17.35
CA ARG A 528 39.08 -13.67 -16.12
C ARG A 528 39.83 -14.96 -15.81
N LEU A 529 39.20 -16.10 -16.10
CA LEU A 529 39.70 -17.36 -15.60
C LEU A 529 40.92 -17.82 -16.38
N TRP A 530 40.76 -18.02 -17.69
CA TRP A 530 41.88 -18.42 -18.53
C TRP A 530 43.04 -17.46 -18.38
N LEU A 531 42.73 -16.18 -18.31
CA LEU A 531 43.78 -15.19 -18.24
C LEU A 531 44.55 -15.29 -16.93
N LEU A 532 43.89 -15.75 -15.88
CA LEU A 532 44.46 -15.66 -14.55
C LEU A 532 45.71 -16.51 -14.41
N GLY A 533 45.55 -17.83 -14.48
CA GLY A 533 46.65 -18.72 -14.19
C GLY A 533 47.69 -18.69 -15.27
N LEU A 534 47.25 -18.59 -16.52
CA LEU A 534 48.16 -18.34 -17.63
C LEU A 534 49.01 -17.12 -17.34
N GLY A 535 48.42 -16.13 -16.67
CA GLY A 535 49.20 -15.05 -16.14
C GLY A 535 49.82 -15.37 -14.80
N PHE A 536 49.08 -16.03 -13.92
CA PHE A 536 49.47 -16.01 -12.51
C PHE A 536 50.38 -17.16 -12.16
N SER A 537 49.86 -18.37 -12.25
CA SER A 537 50.55 -19.51 -11.70
C SER A 537 51.84 -19.78 -12.45
N LEU A 538 51.88 -19.41 -13.72
CA LEU A 538 53.06 -19.66 -14.54
C LEU A 538 54.26 -18.95 -13.98
N GLY A 539 54.21 -17.62 -14.04
CA GLY A 539 55.32 -16.85 -13.51
C GLY A 539 55.57 -17.16 -12.06
N TYR A 540 54.50 -17.41 -11.32
CA TYR A 540 54.61 -17.79 -9.92
C TYR A 540 55.43 -19.05 -9.76
N GLY A 541 55.19 -20.03 -10.62
CA GLY A 541 56.00 -21.22 -10.60
C GLY A 541 57.30 -21.08 -11.33
N SER A 542 57.43 -20.05 -12.18
CA SER A 542 58.66 -19.84 -12.91
C SER A 542 59.83 -19.70 -11.97
N MET A 543 59.63 -19.00 -10.87
CA MET A 543 60.64 -18.93 -9.85
C MET A 543 60.66 -20.18 -9.00
N PHE A 544 59.51 -20.82 -8.81
CA PHE A 544 59.44 -21.98 -7.93
C PHE A 544 60.39 -23.08 -8.37
N THR A 545 60.46 -23.30 -9.69
CA THR A 545 61.39 -24.28 -10.22
C THR A 545 62.79 -24.00 -9.73
N LYS A 546 63.18 -22.73 -9.75
CA LYS A 546 64.50 -22.34 -9.30
C LYS A 546 64.69 -22.79 -7.86
N ILE A 547 63.66 -22.61 -7.06
CA ILE A 547 63.76 -22.94 -5.66
C ILE A 547 63.77 -24.44 -5.49
N TRP A 548 63.13 -25.16 -6.41
CA TRP A 548 62.94 -26.58 -6.23
C TRP A 548 64.24 -27.33 -6.13
N TRP A 549 65.31 -26.80 -6.72
CA TRP A 549 66.57 -27.52 -6.75
C TRP A 549 67.29 -27.40 -5.41
N VAL A 550 67.09 -26.28 -4.72
CA VAL A 550 67.92 -25.97 -3.57
C VAL A 550 67.73 -27.03 -2.48
N HIS A 551 66.54 -27.59 -2.40
CA HIS A 551 66.35 -28.82 -1.63
C HIS A 551 66.55 -30.04 -2.53
N THR A 552 65.79 -30.12 -3.63
CA THR A 552 65.81 -31.31 -4.46
C THR A 552 67.17 -31.57 -5.09
N VAL A 553 68.05 -30.57 -5.15
CA VAL A 553 69.37 -30.78 -5.73
C VAL A 553 70.45 -30.47 -4.72
N PHE A 554 70.56 -29.22 -4.34
CA PHE A 554 71.78 -28.74 -3.70
C PHE A 554 71.83 -29.13 -2.23
N THR A 555 70.69 -29.44 -1.65
CA THR A 555 70.67 -30.05 -0.33
C THR A 555 69.80 -31.30 -0.32
N GLU A 568 70.33 -30.58 -17.32
CA GLU A 568 69.33 -29.95 -16.48
C GLU A 568 68.16 -29.34 -17.26
N PRO A 569 68.44 -28.36 -18.13
CA PRO A 569 67.38 -27.47 -18.57
C PRO A 569 66.59 -27.98 -19.77
N TRP A 570 66.33 -29.25 -19.79
CA TRP A 570 65.23 -29.82 -20.55
C TRP A 570 64.35 -30.64 -19.61
N LYS A 571 64.97 -31.34 -18.67
CA LYS A 571 64.28 -31.87 -17.52
C LYS A 571 63.51 -30.76 -16.83
N LEU A 572 64.15 -29.59 -16.72
CA LEU A 572 63.54 -28.45 -16.04
C LEU A 572 62.35 -27.91 -16.81
N TYR A 573 62.58 -27.53 -18.07
CA TYR A 573 61.51 -26.96 -18.89
C TYR A 573 60.32 -27.88 -18.93
N ALA A 574 60.56 -29.19 -19.14
CA ALA A 574 59.45 -30.13 -19.16
C ALA A 574 58.85 -30.31 -17.77
N THR A 575 59.62 -30.08 -16.72
CA THR A 575 59.04 -30.09 -15.38
C THR A 575 58.02 -28.98 -15.26
N VAL A 576 58.36 -27.83 -15.83
CA VAL A 576 57.44 -26.69 -15.79
C VAL A 576 56.22 -27.00 -16.62
N GLY A 577 56.44 -27.66 -17.76
CA GLY A 577 55.31 -28.05 -18.59
C GLY A 577 54.36 -28.95 -17.82
N LEU A 578 54.92 -29.91 -17.08
CA LEU A 578 54.10 -30.78 -16.25
C LEU A 578 53.34 -29.96 -15.23
N LEU A 579 54.03 -29.01 -14.60
CA LEU A 579 53.45 -28.23 -13.53
C LEU A 579 52.27 -27.40 -14.04
N VAL A 580 52.53 -26.64 -15.10
CA VAL A 580 51.51 -25.76 -15.65
C VAL A 580 50.36 -26.58 -16.18
N GLY A 581 50.66 -27.62 -16.94
CA GLY A 581 49.61 -28.45 -17.49
C GLY A 581 48.85 -29.18 -16.41
N MET A 582 49.48 -29.42 -15.27
CA MET A 582 48.77 -30.04 -14.16
C MET A 582 47.67 -29.10 -13.69
N ASP A 583 48.06 -27.86 -13.43
CA ASP A 583 47.07 -26.88 -13.02
C ASP A 583 46.01 -26.70 -14.10
N VAL A 584 46.41 -26.77 -15.36
CA VAL A 584 45.53 -26.40 -16.46
C VAL A 584 44.53 -27.51 -16.74
N LEU A 585 44.96 -28.75 -16.61
CA LEU A 585 44.03 -29.85 -16.85
C LEU A 585 43.09 -29.99 -15.68
N THR A 586 43.59 -29.76 -14.46
CA THR A 586 42.73 -29.76 -13.30
C THR A 586 41.74 -28.60 -13.35
N LEU A 587 42.10 -27.54 -14.07
CA LEU A 587 41.16 -26.50 -14.41
C LEU A 587 40.12 -27.00 -15.39
N ALA A 588 40.58 -27.43 -16.56
CA ALA A 588 39.71 -27.73 -17.69
C ALA A 588 38.67 -28.77 -17.35
N ILE A 589 39.02 -29.72 -16.48
CA ILE A 589 38.04 -30.68 -15.98
C ILE A 589 36.84 -29.96 -15.38
N TRP A 590 37.10 -28.86 -14.68
CA TRP A 590 36.03 -28.00 -14.19
C TRP A 590 35.75 -26.84 -15.12
N GLN A 591 36.72 -26.44 -15.93
CA GLN A 591 36.55 -25.22 -16.71
C GLN A 591 35.69 -25.44 -17.93
N ILE A 592 36.15 -26.25 -18.89
CA ILE A 592 35.37 -26.49 -20.10
C ILE A 592 34.21 -27.44 -19.87
N VAL A 593 34.20 -28.14 -18.73
CA VAL A 593 33.05 -28.97 -18.38
C VAL A 593 32.01 -28.17 -17.60
N ASP A 594 32.45 -27.52 -16.53
CA ASP A 594 31.54 -26.75 -15.70
C ASP A 594 31.88 -25.27 -15.82
N PRO A 595 31.51 -24.63 -16.92
CA PRO A 595 31.80 -23.21 -17.09
C PRO A 595 30.75 -22.36 -16.40
N LEU A 596 31.02 -21.07 -16.36
CA LEU A 596 30.14 -20.11 -15.70
C LEU A 596 29.33 -19.32 -16.73
N HIS A 597 28.68 -18.27 -16.26
CA HIS A 597 27.81 -17.46 -17.10
C HIS A 597 27.43 -16.21 -16.30
N ARG A 598 27.03 -15.17 -17.02
CA ARG A 598 26.64 -13.94 -16.34
C ARG A 598 25.35 -14.17 -15.56
N THR A 599 25.35 -13.72 -14.30
CA THR A 599 24.26 -13.96 -13.37
C THR A 599 23.89 -12.65 -12.70
N ILE A 600 22.59 -12.49 -12.43
CA ILE A 600 22.08 -11.28 -11.80
C ILE A 600 21.62 -11.57 -10.39
N GLU A 601 21.83 -10.60 -9.50
CA GLU A 601 21.35 -10.64 -8.13
C GLU A 601 20.74 -9.28 -7.79
N THR A 602 19.98 -9.23 -6.69
CA THR A 602 19.25 -8.02 -6.33
C THR A 602 19.24 -7.83 -4.82
N PHE A 603 19.12 -6.58 -4.41
CA PHE A 603 19.04 -6.19 -3.01
C PHE A 603 17.58 -5.92 -2.65
N ALA A 604 17.38 -5.27 -1.51
CA ALA A 604 16.03 -4.90 -1.09
C ALA A 604 15.59 -3.63 -1.82
N LYS A 605 14.27 -3.46 -1.92
CA LYS A 605 13.72 -2.23 -2.47
C LYS A 605 14.18 -1.04 -1.62
N GLU A 606 14.15 0.14 -2.22
CA GLU A 606 14.74 1.29 -1.58
C GLU A 606 13.72 2.42 -1.56
N GLU A 607 14.18 3.62 -1.21
CA GLU A 607 13.37 4.84 -1.26
C GLU A 607 14.25 5.91 -1.89
N PRO A 608 14.24 5.96 -3.23
CA PRO A 608 15.12 6.83 -4.00
C PRO A 608 14.97 8.29 -3.62
N LYS A 609 13.82 8.87 -3.94
CA LYS A 609 13.57 10.27 -3.68
C LYS A 609 14.62 11.15 -4.36
N GLU A 610 14.90 10.82 -5.61
CA GLU A 610 15.78 11.63 -6.43
C GLU A 610 15.11 11.94 -7.76
N ASP A 611 13.80 11.66 -7.83
CA ASP A 611 13.02 11.92 -9.04
C ASP A 611 11.63 12.45 -8.70
N ILE A 612 10.72 12.41 -9.66
CA ILE A 612 9.37 12.88 -9.39
C ILE A 612 8.66 11.91 -8.46
N ASP A 613 8.41 10.69 -8.92
CA ASP A 613 7.77 9.67 -8.09
C ASP A 613 7.99 8.31 -8.73
N VAL A 614 9.03 7.61 -8.28
CA VAL A 614 9.29 6.26 -8.76
C VAL A 614 10.30 5.64 -7.82
N SER A 615 10.03 4.42 -7.37
CA SER A 615 10.96 3.76 -6.46
C SER A 615 11.98 2.94 -7.24
N ILE A 616 13.14 2.75 -6.63
CA ILE A 616 14.31 2.17 -7.27
C ILE A 616 14.51 0.77 -6.73
N LEU A 617 14.72 -0.20 -7.62
CA LEU A 617 14.92 -1.58 -7.23
C LEU A 617 16.23 -2.06 -7.84
N PRO A 618 17.36 -1.79 -7.18
CA PRO A 618 18.66 -2.17 -7.74
C PRO A 618 18.85 -3.68 -7.82
N GLN A 619 19.66 -4.08 -8.78
CA GLN A 619 20.06 -5.46 -8.95
C GLN A 619 21.53 -5.49 -9.35
N LEU A 620 22.21 -6.58 -9.00
CA LEU A 620 23.63 -6.76 -9.29
C LEU A 620 23.87 -8.03 -10.09
N GLU A 621 25.11 -8.15 -10.57
CA GLU A 621 25.47 -9.11 -11.59
C GLU A 621 26.92 -9.53 -11.46
N HIS A 622 27.17 -10.84 -11.58
CA HIS A 622 28.51 -11.40 -11.60
C HIS A 622 28.40 -12.90 -11.82
N CYS A 623 29.33 -13.44 -12.61
CA CYS A 623 29.24 -14.83 -13.01
C CYS A 623 29.46 -15.77 -11.84
N SER A 624 28.61 -16.78 -11.72
CA SER A 624 28.77 -17.82 -10.71
C SER A 624 27.85 -19.00 -10.99
N SER A 625 28.26 -20.19 -10.59
CA SER A 625 27.41 -21.37 -10.68
C SER A 625 26.85 -21.71 -9.30
N ARG A 626 26.00 -22.74 -9.24
CA ARG A 626 25.18 -23.00 -8.06
C ARG A 626 25.94 -23.70 -6.93
N LYS A 627 27.19 -24.09 -7.15
CA LYS A 627 27.97 -24.81 -6.15
C LYS A 627 29.32 -24.12 -5.95
N MET A 628 29.28 -22.78 -5.91
CA MET A 628 30.49 -22.00 -5.71
C MET A 628 30.79 -21.81 -4.23
N ASN A 629 30.09 -22.56 -3.37
CA ASN A 629 30.29 -22.43 -1.93
C ASN A 629 31.71 -22.81 -1.53
N THR A 630 32.09 -24.07 -1.74
CA THR A 630 33.41 -24.54 -1.33
C THR A 630 34.30 -24.88 -2.53
N TRP A 631 33.70 -25.07 -3.71
CA TRP A 631 34.43 -25.49 -4.91
C TRP A 631 35.57 -24.53 -5.24
N LEU A 632 35.37 -23.25 -4.96
CA LEU A 632 36.26 -22.22 -5.47
C LEU A 632 37.32 -21.84 -4.45
N GLY A 633 37.00 -21.90 -3.16
CA GLY A 633 37.97 -21.53 -2.13
C GLY A 633 38.99 -22.63 -1.91
N ILE A 634 38.53 -23.88 -1.96
CA ILE A 634 39.44 -25.02 -1.79
C ILE A 634 40.41 -25.08 -2.97
N PHE A 635 39.96 -24.65 -4.14
CA PHE A 635 40.86 -24.47 -5.27
C PHE A 635 41.97 -23.48 -4.98
N TYR A 636 41.61 -22.28 -4.51
CA TYR A 636 42.60 -21.28 -4.12
C TYR A 636 43.58 -21.89 -3.14
N GLY A 637 43.07 -22.69 -2.21
CA GLY A 637 43.95 -23.31 -1.24
C GLY A 637 44.93 -24.26 -1.90
N TYR A 638 44.44 -25.07 -2.82
CA TYR A 638 45.30 -25.98 -3.57
C TYR A 638 46.45 -25.22 -4.18
N LYS A 639 46.12 -24.15 -4.88
CA LYS A 639 47.15 -23.36 -5.52
C LYS A 639 48.10 -22.77 -4.49
N GLY A 640 47.59 -22.46 -3.30
CA GLY A 640 48.40 -21.76 -2.30
C GLY A 640 49.40 -22.63 -1.60
N LEU A 641 49.08 -23.92 -1.45
CA LEU A 641 50.00 -24.84 -0.78
C LEU A 641 51.39 -24.82 -1.38
N LEU A 642 51.47 -24.51 -2.66
CA LEU A 642 52.76 -24.46 -3.34
C LEU A 642 53.67 -23.46 -2.67
N LEU A 643 53.21 -22.24 -2.51
CA LEU A 643 54.04 -21.23 -1.87
C LEU A 643 54.12 -21.42 -0.37
N LEU A 644 53.13 -22.11 0.21
CA LEU A 644 53.29 -22.50 1.61
C LEU A 644 54.54 -23.32 1.77
N LEU A 645 54.80 -24.19 0.81
CA LEU A 645 56.02 -24.97 0.87
C LEU A 645 57.17 -24.16 0.34
N GLY A 646 56.89 -23.20 -0.52
CA GLY A 646 57.92 -22.36 -1.08
C GLY A 646 58.66 -21.63 0.00
N ILE A 647 57.92 -21.15 0.98
CA ILE A 647 58.58 -20.43 2.06
C ILE A 647 59.30 -21.40 2.97
N PHE A 648 58.83 -22.63 3.06
CA PHE A 648 59.60 -23.67 3.75
C PHE A 648 60.96 -23.81 3.09
N LEU A 649 60.94 -23.81 1.76
CA LEU A 649 62.16 -23.89 0.99
C LEU A 649 62.99 -22.64 1.20
N ALA A 650 62.34 -21.52 1.42
CA ALA A 650 63.06 -20.31 1.77
C ALA A 650 63.77 -20.46 3.09
N TYR A 651 63.03 -20.94 4.09
CA TYR A 651 63.56 -21.21 5.42
C TYR A 651 64.73 -22.18 5.35
N GLU A 652 64.75 -23.02 4.32
CA GLU A 652 65.94 -23.81 4.04
C GLU A 652 67.06 -22.93 3.48
N THR A 653 66.79 -22.27 2.36
CA THR A 653 67.85 -21.77 1.50
C THR A 653 68.26 -20.34 1.79
N LYS A 654 68.52 -20.04 3.05
CA LYS A 654 69.00 -18.75 3.46
C LYS A 654 70.49 -18.86 3.76
N SER A 655 71.29 -18.00 3.12
CA SER A 655 72.74 -18.02 3.26
C SER A 655 73.33 -19.30 2.68
N VAL A 656 72.72 -19.81 1.62
CA VAL A 656 73.22 -20.99 0.92
C VAL A 656 73.18 -20.64 -0.56
N SER A 657 74.25 -20.01 -1.04
CA SER A 657 74.25 -19.47 -2.40
C SER A 657 74.43 -20.57 -3.43
N THR A 658 75.48 -21.38 -3.27
CA THR A 658 75.82 -22.46 -4.18
C THR A 658 76.39 -21.95 -5.49
N GLU A 659 76.39 -20.63 -5.68
CA GLU A 659 77.09 -19.91 -6.74
C GLU A 659 76.68 -20.32 -8.16
N LYS A 660 75.71 -21.22 -8.33
CA LYS A 660 75.35 -21.66 -9.67
C LYS A 660 74.34 -20.71 -10.30
N ILE A 661 73.22 -20.49 -9.64
CA ILE A 661 72.22 -19.53 -10.05
C ILE A 661 72.21 -18.38 -9.05
N ASN A 662 72.36 -17.16 -9.54
CA ASN A 662 72.57 -16.00 -8.68
C ASN A 662 71.26 -15.36 -8.28
N ASP A 663 70.30 -16.16 -7.83
CA ASP A 663 68.96 -15.63 -7.56
C ASP A 663 68.34 -16.50 -6.46
N HIS A 664 68.50 -16.06 -5.23
CA HIS A 664 67.75 -16.60 -4.12
C HIS A 664 67.24 -15.51 -3.20
N ARG A 665 68.01 -14.43 -3.09
CA ARG A 665 67.94 -13.61 -1.89
C ARG A 665 66.63 -12.86 -1.85
N ALA A 666 66.48 -11.91 -2.74
CA ALA A 666 65.22 -11.22 -2.84
C ALA A 666 64.20 -12.03 -3.61
N VAL A 667 64.62 -13.15 -4.20
CA VAL A 667 63.66 -14.10 -4.77
C VAL A 667 62.66 -14.50 -3.72
N GLY A 668 63.18 -15.07 -2.63
CA GLY A 668 62.32 -15.44 -1.52
C GLY A 668 61.51 -14.28 -1.00
N MET A 669 62.10 -13.08 -1.00
CA MET A 669 61.43 -11.91 -0.49
C MET A 669 60.17 -11.63 -1.31
N ALA A 670 60.33 -11.62 -2.61
CA ALA A 670 59.21 -11.37 -3.51
C ALA A 670 58.18 -12.45 -3.38
N ILE A 671 58.64 -13.67 -3.19
CA ILE A 671 57.73 -14.80 -3.12
C ILE A 671 56.84 -14.66 -1.90
N TYR A 672 57.44 -14.35 -0.77
CA TYR A 672 56.68 -14.06 0.44
C TYR A 672 55.67 -12.96 0.20
N ASN A 673 56.12 -11.92 -0.49
CA ASN A 673 55.27 -10.77 -0.74
C ASN A 673 54.05 -11.18 -1.52
N VAL A 674 54.21 -12.10 -2.45
CA VAL A 674 53.07 -12.52 -3.22
C VAL A 674 52.14 -13.35 -2.38
N ALA A 675 52.75 -14.26 -1.62
CA ALA A 675 51.98 -15.27 -0.93
C ALA A 675 51.00 -14.65 0.03
N VAL A 676 51.45 -13.61 0.72
CA VAL A 676 50.55 -12.99 1.67
C VAL A 676 49.38 -12.37 0.92
N LEU A 677 49.65 -11.82 -0.25
CA LEU A 677 48.61 -11.11 -0.95
C LEU A 677 47.55 -12.06 -1.43
N CYS A 678 47.95 -13.22 -1.87
CA CYS A 678 46.96 -14.20 -2.30
C CYS A 678 46.16 -14.69 -1.12
N LEU A 679 46.87 -15.09 -0.06
CA LEU A 679 46.26 -15.57 1.17
C LEU A 679 45.23 -14.60 1.70
N ILE A 680 45.42 -13.32 1.44
CA ILE A 680 44.52 -12.29 1.86
C ILE A 680 43.37 -12.13 0.89
N THR A 681 43.69 -12.02 -0.38
CA THR A 681 42.70 -11.53 -1.32
C THR A 681 41.62 -12.55 -1.62
N ALA A 682 41.94 -13.84 -1.54
CA ALA A 682 40.92 -14.85 -1.82
C ALA A 682 39.72 -14.73 -0.90
N PRO A 683 39.86 -14.88 0.42
CA PRO A 683 38.70 -14.77 1.30
C PRO A 683 38.04 -13.43 1.21
N VAL A 684 38.78 -12.40 0.84
CA VAL A 684 38.27 -11.04 0.93
C VAL A 684 37.40 -10.72 -0.28
N THR A 685 37.85 -11.11 -1.46
CA THR A 685 37.00 -10.97 -2.61
C THR A 685 35.83 -11.94 -2.53
N MET A 686 36.04 -13.10 -1.90
CA MET A 686 34.94 -14.02 -1.69
C MET A 686 33.86 -13.37 -0.83
N ILE A 687 34.24 -13.02 0.38
CA ILE A 687 33.29 -12.48 1.35
C ILE A 687 32.71 -11.17 0.86
N LEU A 688 33.55 -10.32 0.29
CA LEU A 688 33.16 -8.95 0.02
C LEU A 688 32.71 -8.80 -1.42
N SER A 689 31.87 -9.73 -1.84
CA SER A 689 31.35 -9.73 -3.19
C SER A 689 30.04 -8.98 -3.29
N SER A 690 29.20 -9.10 -2.26
CA SER A 690 27.88 -8.49 -2.30
C SER A 690 27.98 -6.98 -2.40
N GLN A 691 29.07 -6.42 -1.89
CA GLN A 691 29.41 -5.03 -2.17
C GLN A 691 30.35 -5.05 -3.37
N GLN A 692 29.74 -5.08 -4.55
CA GLN A 692 30.52 -5.17 -5.79
C GLN A 692 31.35 -3.93 -6.03
N ASP A 693 30.99 -2.80 -5.42
CA ASP A 693 31.51 -1.52 -5.85
C ASP A 693 33.01 -1.41 -5.64
N ALA A 694 33.54 -2.10 -4.64
CA ALA A 694 34.93 -1.94 -4.25
C ALA A 694 35.63 -3.24 -3.94
N ALA A 695 35.08 -4.36 -4.37
CA ALA A 695 35.86 -5.59 -4.34
C ALA A 695 37.07 -5.42 -5.22
N PHE A 696 36.83 -4.86 -6.39
CA PHE A 696 37.83 -4.46 -7.34
C PHE A 696 38.89 -3.55 -6.75
N ALA A 697 38.56 -2.85 -5.67
CA ALA A 697 39.45 -1.87 -5.06
C ALA A 697 40.72 -2.54 -4.57
N PHE A 698 40.59 -3.53 -3.70
CA PHE A 698 41.75 -4.30 -3.32
C PHE A 698 42.26 -5.10 -4.49
N ALA A 699 41.33 -5.73 -5.20
CA ALA A 699 41.56 -6.91 -6.01
C ALA A 699 42.83 -6.89 -6.82
N SER A 700 42.92 -5.93 -7.72
CA SER A 700 44.04 -5.91 -8.65
C SER A 700 45.16 -5.02 -8.15
N LEU A 701 44.87 -4.15 -7.19
CA LEU A 701 45.92 -3.34 -6.62
C LEU A 701 47.00 -4.22 -6.08
N ALA A 702 46.58 -5.26 -5.38
CA ALA A 702 47.40 -6.38 -5.01
C ALA A 702 48.35 -6.74 -6.14
N ILE A 703 47.73 -7.12 -7.25
CA ILE A 703 48.45 -7.57 -8.41
C ILE A 703 49.38 -6.48 -8.90
N VAL A 704 48.87 -5.25 -8.91
CA VAL A 704 49.70 -4.13 -9.32
C VAL A 704 50.85 -3.97 -8.35
N PHE A 705 50.50 -3.86 -7.08
CA PHE A 705 51.50 -3.78 -6.05
C PHE A 705 52.24 -5.08 -5.89
N SER A 706 51.84 -6.12 -6.62
CA SER A 706 52.75 -7.22 -6.88
C SER A 706 53.82 -6.77 -7.86
N SER A 707 53.42 -6.59 -9.13
CA SER A 707 54.35 -6.30 -10.22
C SER A 707 55.21 -5.09 -9.94
N TYR A 708 54.57 -3.96 -9.76
CA TYR A 708 55.21 -2.70 -9.42
C TYR A 708 56.07 -2.80 -8.16
N ILE A 709 55.94 -3.87 -7.39
CA ILE A 709 56.88 -4.18 -6.33
C ILE A 709 57.29 -5.65 -6.37
N THR A 710 57.26 -6.26 -7.56
CA THR A 710 57.83 -7.60 -7.76
C THR A 710 58.97 -7.57 -8.74
N LEU A 711 58.71 -7.22 -9.99
CA LEU A 711 59.69 -7.36 -11.05
C LEU A 711 60.68 -6.24 -11.01
N VAL A 712 60.21 -5.08 -10.57
CA VAL A 712 61.03 -3.95 -10.20
C VAL A 712 62.28 -4.38 -9.47
N VAL A 713 62.12 -5.31 -8.53
CA VAL A 713 63.25 -5.76 -7.72
C VAL A 713 64.09 -6.71 -8.55
N LEU A 714 63.45 -7.62 -9.27
CA LEU A 714 64.17 -8.57 -10.10
C LEU A 714 65.46 -8.19 -10.82
N PHE A 715 65.41 -7.17 -11.69
CA PHE A 715 66.60 -6.76 -12.44
C PHE A 715 67.30 -5.45 -12.09
N VAL A 716 66.84 -4.73 -11.07
CA VAL A 716 67.46 -3.47 -10.72
C VAL A 716 68.89 -3.72 -10.25
N PRO A 717 69.14 -4.61 -9.29
CA PRO A 717 70.54 -4.91 -8.96
C PRO A 717 71.28 -5.48 -10.15
N LYS A 718 70.60 -6.31 -10.94
CA LYS A 718 71.19 -6.82 -12.15
C LYS A 718 71.56 -5.69 -13.08
N MET A 719 70.68 -4.72 -13.21
CA MET A 719 71.01 -3.49 -13.90
C MET A 719 72.22 -2.85 -13.23
N ARG A 720 72.19 -2.71 -11.91
CA ARG A 720 73.35 -2.16 -11.22
C ARG A 720 74.54 -3.11 -11.25
N ARG A 721 74.31 -4.38 -11.59
CA ARG A 721 75.43 -5.31 -11.73
C ARG A 721 76.23 -5.01 -12.98
N LEU A 722 75.62 -4.29 -13.93
CA LEU A 722 76.34 -3.86 -15.12
C LEU A 722 77.56 -3.02 -14.74
N ILE A 723 77.43 -2.19 -13.71
CA ILE A 723 78.42 -1.20 -13.36
C ILE A 723 79.38 -1.74 -12.31
N PRO B 50 -68.41 3.42 20.47
CA PRO B 50 -67.90 4.77 20.66
C PRO B 50 -68.62 5.81 19.80
N PRO B 51 -69.76 6.33 20.25
CA PRO B 51 -70.57 7.22 19.39
C PRO B 51 -70.27 8.70 19.52
N SER B 52 -69.63 9.15 20.61
CA SER B 52 -69.44 10.58 20.82
C SER B 52 -68.39 11.20 19.91
N SER B 53 -67.38 10.42 19.55
CA SER B 53 -66.18 10.94 18.92
C SER B 53 -65.86 10.35 17.57
N PRO B 54 -64.99 10.99 16.80
CA PRO B 54 -64.54 10.38 15.57
C PRO B 54 -63.62 9.20 15.87
N PRO B 55 -63.50 8.26 14.94
CA PRO B 55 -62.40 7.30 15.03
C PRO B 55 -61.11 7.93 14.56
N LEU B 56 -60.18 8.07 15.48
CA LEU B 56 -59.00 8.87 15.23
C LEU B 56 -58.05 8.11 14.32
N SER B 57 -57.35 8.88 13.49
CA SER B 57 -56.83 8.34 12.25
C SER B 57 -55.67 7.40 12.49
N ILE B 58 -55.72 6.26 11.83
CA ILE B 58 -54.52 5.52 11.52
C ILE B 58 -54.58 5.08 10.08
N MET B 59 -53.52 5.35 9.33
CA MET B 59 -53.40 4.91 7.95
C MET B 59 -52.40 3.75 7.90
N GLY B 60 -52.90 2.52 7.79
CA GLY B 60 -52.05 1.34 7.92
C GLY B 60 -51.63 0.75 6.59
N LEU B 61 -50.32 0.54 6.45
CA LEU B 61 -49.72 0.13 5.19
C LEU B 61 -48.85 -1.10 5.38
N MET B 62 -49.18 -2.16 4.69
CA MET B 62 -48.39 -3.38 4.75
C MET B 62 -48.90 -4.44 3.79
N PRO B 63 -48.14 -5.52 3.63
CA PRO B 63 -48.68 -6.68 2.94
C PRO B 63 -49.90 -7.21 3.65
N LEU B 64 -50.78 -7.77 2.89
CA LEU B 64 -52.00 -8.38 3.38
C LEU B 64 -52.23 -9.73 2.75
N THR B 65 -51.95 -9.86 1.46
CA THR B 65 -52.04 -11.14 0.81
C THR B 65 -50.98 -12.07 1.37
N LYS B 66 -51.08 -13.33 0.98
CA LYS B 66 -50.10 -14.34 1.32
C LYS B 66 -49.51 -14.97 0.07
N GLU B 67 -49.37 -14.15 -0.97
CA GLU B 67 -48.69 -14.54 -2.18
C GLU B 67 -47.19 -14.31 -2.07
N VAL B 68 -46.80 -13.26 -1.38
CA VAL B 68 -45.39 -12.93 -1.18
C VAL B 68 -44.93 -13.44 0.17
N ALA B 69 -43.65 -13.79 0.25
CA ALA B 69 -43.08 -14.28 1.50
C ALA B 69 -43.17 -13.22 2.58
N LYS B 70 -42.90 -11.98 2.22
CA LYS B 70 -43.09 -10.87 3.14
C LYS B 70 -44.55 -10.74 3.53
N GLY B 71 -45.44 -11.25 2.70
CA GLY B 71 -46.84 -11.33 3.07
C GLY B 71 -47.06 -12.02 4.40
N SER B 72 -46.15 -12.92 4.77
CA SER B 72 -46.09 -13.49 6.11
C SER B 72 -46.28 -12.41 7.15
N ILE B 73 -45.31 -11.51 7.18
CA ILE B 73 -45.29 -10.39 8.11
C ILE B 73 -46.60 -9.63 8.04
N GLY B 74 -47.16 -9.54 6.84
CA GLY B 74 -48.33 -8.72 6.63
C GLY B 74 -49.48 -9.09 7.55
N ARG B 75 -49.53 -10.36 7.94
CA ARG B 75 -50.52 -10.84 8.88
C ARG B 75 -49.88 -11.47 10.10
N GLY B 76 -48.56 -11.52 10.16
CA GLY B 76 -47.93 -12.19 11.27
C GLY B 76 -47.75 -11.35 12.48
N VAL B 77 -48.29 -10.15 12.47
CA VAL B 77 -48.03 -9.13 13.47
C VAL B 77 -49.32 -8.51 13.98
N LEU B 78 -50.22 -8.26 13.04
CA LEU B 78 -51.51 -7.61 13.25
C LEU B 78 -52.23 -7.99 14.53
N PRO B 79 -52.42 -9.26 14.86
CA PRO B 79 -53.34 -9.60 15.94
C PRO B 79 -52.93 -9.00 17.25
N ALA B 80 -51.64 -8.91 17.51
CA ALA B 80 -51.19 -8.18 18.69
C ALA B 80 -51.52 -6.70 18.59
N VAL B 81 -51.63 -6.21 17.36
CA VAL B 81 -51.97 -4.81 17.18
C VAL B 81 -53.39 -4.59 17.62
N GLU B 82 -54.28 -5.43 17.12
CA GLU B 82 -55.66 -5.36 17.58
C GLU B 82 -55.78 -5.70 19.05
N LEU B 83 -54.84 -6.46 19.57
CA LEU B 83 -54.86 -6.78 20.99
C LEU B 83 -54.68 -5.51 21.81
N ALA B 84 -53.72 -4.70 21.43
CA ALA B 84 -53.53 -3.44 22.13
C ALA B 84 -54.70 -2.52 21.92
N ILE B 85 -55.26 -2.55 20.73
CA ILE B 85 -56.47 -1.76 20.47
C ILE B 85 -57.56 -2.16 21.43
N GLU B 86 -57.69 -3.45 21.68
CA GLU B 86 -58.73 -3.93 22.56
C GLU B 86 -58.43 -3.54 23.99
N GLN B 87 -57.14 -3.50 24.33
CA GLN B 87 -56.75 -3.06 25.65
C GLN B 87 -57.18 -1.63 25.88
N ILE B 88 -56.76 -0.75 24.98
CA ILE B 88 -57.12 0.65 25.11
C ILE B 88 -58.61 0.85 24.95
N ARG B 89 -59.29 -0.09 24.32
CA ARG B 89 -60.74 -0.05 24.37
C ARG B 89 -61.23 -0.30 25.78
N ASN B 90 -60.67 -1.30 26.44
CA ASN B 90 -61.06 -1.62 27.80
C ASN B 90 -60.64 -0.53 28.77
N GLU B 91 -59.65 0.28 28.41
CA GLU B 91 -59.19 1.38 29.24
C GLU B 91 -59.71 2.72 28.74
N SER B 92 -59.60 2.95 27.43
CA SER B 92 -60.11 4.17 26.82
C SER B 92 -59.42 5.41 27.34
N LEU B 93 -58.14 5.55 27.06
CA LEU B 93 -57.43 6.74 27.52
C LEU B 93 -57.97 8.00 26.86
N LEU B 94 -58.25 7.93 25.57
CA LEU B 94 -58.41 9.13 24.77
C LEU B 94 -59.78 9.76 24.89
N ARG B 95 -60.57 9.33 25.86
CA ARG B 95 -61.76 10.02 26.33
C ARG B 95 -61.54 11.53 26.27
N PRO B 96 -62.33 12.28 25.50
CA PRO B 96 -63.59 11.96 24.84
C PRO B 96 -63.43 11.16 23.55
N TYR B 97 -62.19 11.01 23.08
CA TYR B 97 -61.93 10.46 21.76
C TYR B 97 -61.67 8.96 21.82
N PHE B 98 -61.75 8.35 20.65
CA PHE B 98 -61.37 6.97 20.47
C PHE B 98 -60.74 6.82 19.10
N LEU B 99 -60.09 5.69 18.93
CA LEU B 99 -59.10 5.49 17.89
C LEU B 99 -59.63 4.52 16.85
N ASP B 100 -59.01 4.54 15.66
CA ASP B 100 -59.28 3.50 14.69
C ASP B 100 -58.29 3.57 13.54
N LEU B 101 -58.34 2.52 12.73
CA LEU B 101 -57.39 2.30 11.67
C LEU B 101 -58.07 1.85 10.39
N ARG B 102 -57.49 2.29 9.27
CA ARG B 102 -57.93 1.91 7.95
C ARG B 102 -56.75 1.26 7.26
N LEU B 103 -56.88 -0.02 6.99
CA LEU B 103 -55.82 -0.85 6.47
C LEU B 103 -55.83 -0.86 4.96
N TYR B 104 -54.65 -0.97 4.39
CA TYR B 104 -54.53 -1.02 2.94
C TYR B 104 -53.38 -1.90 2.56
N ASP B 105 -53.30 -2.17 1.26
CA ASP B 105 -52.32 -3.08 0.70
C ASP B 105 -51.24 -2.30 -0.03
N THR B 106 -50.07 -2.90 -0.04
CA THR B 106 -48.87 -2.35 -0.64
C THR B 106 -48.30 -3.29 -1.66
N GLU B 107 -48.12 -4.55 -1.28
CA GLU B 107 -47.59 -5.62 -2.10
C GLU B 107 -46.14 -5.44 -2.47
N CYS B 108 -45.49 -4.39 -1.97
CA CYS B 108 -44.11 -4.06 -2.25
C CYS B 108 -43.76 -4.11 -3.73
N ASP B 109 -44.71 -3.76 -4.57
CA ASP B 109 -44.41 -3.25 -5.90
C ASP B 109 -44.92 -1.82 -5.91
N ASN B 110 -43.99 -0.88 -6.01
CA ASN B 110 -44.21 0.49 -5.57
C ASN B 110 -45.45 1.09 -6.17
N ALA B 111 -45.81 0.64 -7.36
CA ALA B 111 -46.98 1.14 -8.03
C ALA B 111 -48.23 0.90 -7.22
N LYS B 112 -48.43 -0.34 -6.80
CA LYS B 112 -49.68 -0.70 -6.18
C LYS B 112 -49.84 0.04 -4.87
N GLY B 113 -48.78 0.08 -4.08
CA GLY B 113 -48.87 0.70 -2.78
C GLY B 113 -49.01 2.20 -2.91
N LEU B 114 -48.35 2.76 -3.91
CA LEU B 114 -48.44 4.18 -4.09
C LEU B 114 -49.84 4.59 -4.51
N LYS B 115 -50.42 3.85 -5.45
CA LYS B 115 -51.78 4.13 -5.85
C LYS B 115 -52.71 3.94 -4.69
N ALA B 116 -52.43 2.94 -3.88
CA ALA B 116 -53.27 2.68 -2.73
C ALA B 116 -53.20 3.83 -1.76
N PHE B 117 -52.03 4.41 -1.63
CA PHE B 117 -51.87 5.55 -0.76
C PHE B 117 -52.71 6.71 -1.24
N TYR B 118 -52.59 7.01 -2.52
CA TYR B 118 -53.42 8.05 -3.12
C TYR B 118 -54.89 7.73 -2.91
N ASP B 119 -55.23 6.45 -3.00
CA ASP B 119 -56.62 6.05 -2.93
C ASP B 119 -57.17 6.28 -1.55
N ALA B 120 -56.39 5.93 -0.53
CA ALA B 120 -56.83 6.15 0.82
C ALA B 120 -56.88 7.62 1.15
N ILE B 121 -56.14 8.43 0.40
CA ILE B 121 -56.31 9.86 0.55
C ILE B 121 -57.67 10.28 0.05
N LYS B 122 -57.90 10.11 -1.24
CA LYS B 122 -59.01 10.82 -1.86
C LYS B 122 -60.34 10.30 -1.38
N TYR B 123 -60.42 9.01 -1.12
CA TYR B 123 -61.68 8.35 -0.83
C TYR B 123 -61.77 8.04 0.65
N GLY B 124 -61.27 8.95 1.48
CA GLY B 124 -61.29 8.78 2.91
C GLY B 124 -61.27 10.10 3.64
N PRO B 125 -61.27 10.02 4.96
CA PRO B 125 -61.37 11.21 5.80
C PRO B 125 -60.04 11.92 5.89
N ASN B 126 -59.99 12.97 6.73
CA ASN B 126 -58.73 13.61 7.00
C ASN B 126 -57.94 12.75 7.98
N HIS B 127 -56.85 12.19 7.48
CA HIS B 127 -55.97 11.37 8.29
C HIS B 127 -54.84 12.21 8.84
N LEU B 128 -54.26 11.74 9.93
CA LEU B 128 -53.23 12.46 10.66
C LEU B 128 -51.92 11.73 10.73
N MET B 129 -51.95 10.44 10.91
CA MET B 129 -50.75 9.67 11.11
C MET B 129 -50.84 8.36 10.37
N VAL B 130 -49.68 7.98 9.88
CA VAL B 130 -49.53 6.80 9.05
C VAL B 130 -48.64 5.82 9.78
N PHE B 131 -49.01 4.56 9.70
CA PHE B 131 -48.30 3.48 10.32
C PHE B 131 -47.98 2.46 9.25
N GLY B 132 -46.76 1.99 9.26
CA GLY B 132 -46.31 0.97 8.34
C GLY B 132 -45.30 1.52 7.36
N GLY B 133 -44.90 0.63 6.48
CA GLY B 133 -43.80 0.86 5.60
C GLY B 133 -42.77 -0.13 6.03
N VAL B 134 -42.76 -1.26 5.31
CA VAL B 134 -41.86 -2.43 5.56
C VAL B 134 -40.89 -2.62 4.39
N CYS B 135 -41.40 -2.79 3.15
CA CYS B 135 -40.57 -2.93 1.91
C CYS B 135 -39.72 -1.66 1.78
N PRO B 136 -38.44 -1.68 1.33
CA PRO B 136 -37.68 -0.44 1.43
C PRO B 136 -38.09 0.61 0.43
N SER B 137 -38.32 0.21 -0.81
CA SER B 137 -38.35 1.14 -1.92
C SER B 137 -39.50 2.11 -1.76
N VAL B 138 -40.69 1.57 -1.09
CA VAL B 138 -41.89 2.36 -0.90
C VAL B 138 -41.70 3.42 0.17
N THR B 139 -40.99 3.08 1.21
CA THR B 139 -40.86 3.99 2.32
C THR B 139 -39.86 5.07 1.99
N SER B 140 -38.78 4.67 1.33
CA SER B 140 -37.80 5.63 0.83
C SER B 140 -38.46 6.60 -0.13
N ILE B 141 -39.54 6.18 -0.76
CA ILE B 141 -40.35 7.09 -1.55
C ILE B 141 -41.14 8.00 -0.65
N ILE B 142 -42.02 7.40 0.15
CA ILE B 142 -43.01 8.12 0.92
C ILE B 142 -42.38 9.19 1.79
N ALA B 143 -41.16 8.93 2.23
CA ALA B 143 -40.52 9.76 3.24
C ALA B 143 -40.54 11.22 2.89
N GLU B 144 -40.23 11.52 1.65
CA GLU B 144 -40.05 12.90 1.26
C GLU B 144 -41.34 13.56 0.84
N SER B 145 -42.38 12.80 0.60
CA SER B 145 -43.63 13.38 0.18
C SER B 145 -44.42 14.00 1.32
N LEU B 146 -43.91 13.94 2.54
CA LEU B 146 -44.71 14.26 3.70
C LEU B 146 -44.56 15.71 4.09
N GLN B 147 -43.40 16.27 3.80
CA GLN B 147 -43.17 17.68 4.03
C GLN B 147 -44.19 18.55 3.32
N GLY B 148 -44.84 18.04 2.28
CA GLY B 148 -45.84 18.78 1.54
C GLY B 148 -47.22 18.67 2.09
N TRP B 149 -47.44 17.75 3.03
CA TRP B 149 -48.75 17.59 3.62
C TRP B 149 -48.77 17.70 5.12
N ASN B 150 -47.65 18.04 5.74
CA ASN B 150 -47.61 18.25 7.18
C ASN B 150 -48.04 16.98 7.91
N LEU B 151 -47.21 15.96 7.72
CA LEU B 151 -47.43 14.64 8.27
C LEU B 151 -46.30 14.23 9.17
N VAL B 152 -46.53 13.11 9.84
CA VAL B 152 -45.47 12.34 10.45
C VAL B 152 -45.77 10.89 10.24
N GLN B 153 -44.72 10.10 10.14
CA GLN B 153 -44.86 8.68 9.96
C GLN B 153 -43.92 7.95 10.88
N LEU B 154 -44.31 6.72 11.11
CA LEU B 154 -43.62 5.79 11.96
C LEU B 154 -43.80 4.41 11.37
N SER B 155 -42.81 3.57 11.55
CA SER B 155 -42.96 2.20 11.10
C SER B 155 -42.00 1.31 11.84
N PHE B 156 -41.94 0.06 11.40
CA PHE B 156 -41.25 -0.98 12.14
C PHE B 156 -40.41 -1.92 11.28
N ALA B 157 -39.89 -1.44 10.16
CA ALA B 157 -38.95 -2.24 9.40
C ALA B 157 -37.82 -1.46 8.75
N ALA B 158 -37.74 -0.15 8.95
CA ALA B 158 -36.71 0.63 8.28
C ALA B 158 -35.36 0.30 8.87
N THR B 159 -34.84 -0.86 8.47
CA THR B 159 -33.44 -1.13 8.63
C THR B 159 -32.63 -0.31 7.65
N THR B 160 -33.25 0.14 6.57
CA THR B 160 -32.59 0.98 5.60
C THR B 160 -32.11 2.25 6.28
N PRO B 161 -30.82 2.37 6.53
CA PRO B 161 -30.33 3.37 7.46
C PRO B 161 -30.48 4.77 6.98
N VAL B 162 -30.44 4.94 5.67
CA VAL B 162 -30.24 6.23 5.02
C VAL B 162 -31.22 7.29 5.47
N LEU B 163 -32.33 6.86 6.04
CA LEU B 163 -33.39 7.71 6.55
C LEU B 163 -32.96 8.57 7.72
N ALA B 164 -31.75 8.46 8.21
CA ALA B 164 -31.38 9.27 9.34
C ALA B 164 -31.34 10.75 9.02
N ASP B 165 -31.08 11.13 7.79
CA ASP B 165 -30.92 12.54 7.45
C ASP B 165 -32.26 13.25 7.53
N LYS B 166 -32.52 13.89 8.66
CA LYS B 166 -33.74 14.66 8.80
C LYS B 166 -33.79 15.79 7.79
N LYS B 167 -32.64 16.37 7.48
CA LYS B 167 -32.60 17.42 6.48
C LYS B 167 -33.11 16.94 5.14
N LYS B 168 -33.06 15.63 4.91
CA LYS B 168 -33.72 15.00 3.79
C LYS B 168 -35.10 14.52 4.21
N TYR B 169 -35.15 13.64 5.19
CA TYR B 169 -36.36 12.92 5.56
C TYR B 169 -36.75 13.31 6.97
N PRO B 170 -37.19 14.55 7.16
CA PRO B 170 -37.35 15.06 8.53
C PRO B 170 -38.42 14.39 9.32
N TYR B 171 -39.60 14.30 8.76
CA TYR B 171 -40.76 13.97 9.54
C TYR B 171 -40.85 12.50 9.83
N PHE B 172 -39.84 11.72 9.50
CA PHE B 172 -39.87 10.30 9.75
C PHE B 172 -39.41 9.98 11.13
N PHE B 173 -39.97 8.92 11.66
CA PHE B 173 -39.56 8.34 12.92
C PHE B 173 -39.49 6.85 12.68
N ARG B 174 -38.93 6.14 13.64
CA ARG B 174 -39.12 4.71 13.65
C ARG B 174 -38.72 4.18 15.01
N THR B 175 -38.97 2.90 15.19
CA THR B 175 -38.70 2.24 16.45
C THR B 175 -37.55 1.27 16.35
N VAL B 176 -37.33 0.70 15.18
CA VAL B 176 -36.39 -0.41 15.09
C VAL B 176 -35.04 0.21 14.82
N PRO B 177 -33.97 -0.36 15.32
CA PRO B 177 -32.68 0.24 15.09
C PRO B 177 -32.09 -0.30 13.81
N SER B 178 -31.60 0.62 13.01
CA SER B 178 -30.93 0.23 11.80
C SER B 178 -29.66 -0.52 12.13
N ASP B 179 -29.01 -0.95 11.07
CA ASP B 179 -27.65 -1.42 11.20
C ASP B 179 -26.71 -0.35 11.71
N ASN B 180 -27.09 0.92 11.66
CA ASN B 180 -26.18 1.96 12.10
C ASN B 180 -25.89 1.89 13.58
N ALA B 181 -26.88 1.55 14.40
CA ALA B 181 -26.72 1.56 15.84
C ALA B 181 -26.29 0.22 16.38
N VAL B 182 -25.36 -0.41 15.70
CA VAL B 182 -24.67 -1.61 16.18
C VAL B 182 -23.24 -1.25 16.51
N ASN B 183 -22.73 -0.27 15.79
CA ASN B 183 -21.34 0.12 15.93
C ASN B 183 -20.95 0.47 17.34
N PRO B 184 -21.73 1.20 18.10
CA PRO B 184 -21.46 1.36 19.52
C PRO B 184 -21.21 0.06 20.23
N ALA B 185 -22.08 -0.91 20.01
CA ALA B 185 -21.88 -2.22 20.61
C ALA B 185 -20.53 -2.78 20.21
N ILE B 186 -20.18 -2.61 18.95
CA ILE B 186 -18.99 -3.26 18.43
C ILE B 186 -17.77 -2.65 19.05
N LEU B 187 -17.77 -1.34 19.10
CA LEU B 187 -16.75 -0.59 19.79
C LEU B 187 -16.53 -1.11 21.19
N LYS B 188 -17.63 -1.23 21.93
CA LYS B 188 -17.49 -1.61 23.32
C LYS B 188 -16.97 -3.03 23.43
N LEU B 189 -17.38 -3.87 22.49
CA LEU B 189 -16.88 -5.23 22.46
C LEU B 189 -15.38 -5.23 22.31
N LEU B 190 -14.91 -4.44 21.36
CA LEU B 190 -13.48 -4.41 21.08
C LEU B 190 -12.73 -3.94 22.29
N LYS B 191 -13.29 -2.98 23.00
CA LYS B 191 -12.66 -2.48 24.20
C LYS B 191 -12.57 -3.59 25.22
N HIS B 192 -13.63 -4.35 25.34
CA HIS B 192 -13.70 -5.37 26.38
C HIS B 192 -12.82 -6.55 26.07
N TYR B 193 -12.48 -6.74 24.81
CA TYR B 193 -11.39 -7.64 24.45
C TYR B 193 -10.10 -6.92 24.10
N GLN B 194 -10.12 -5.60 24.04
CA GLN B 194 -8.92 -4.82 23.74
C GLN B 194 -8.33 -5.16 22.38
N TRP B 195 -9.14 -5.69 21.47
CA TRP B 195 -8.73 -5.81 20.09
C TRP B 195 -8.67 -4.42 19.50
N LYS B 196 -7.57 -4.12 18.79
CA LYS B 196 -7.33 -2.75 18.35
C LYS B 196 -6.75 -2.67 16.96
N ARG B 197 -7.15 -3.56 16.07
CA ARG B 197 -6.77 -3.43 14.68
C ARG B 197 -7.75 -4.21 13.84
N VAL B 198 -8.21 -3.58 12.77
CA VAL B 198 -9.32 -4.10 12.00
C VAL B 198 -9.03 -4.05 10.52
N GLY B 199 -9.66 -4.96 9.80
CA GLY B 199 -9.68 -4.93 8.37
C GLY B 199 -11.10 -4.87 7.92
N THR B 200 -11.49 -3.72 7.39
CA THR B 200 -12.85 -3.51 6.98
C THR B 200 -13.11 -4.15 5.65
N LEU B 201 -14.38 -4.39 5.39
CA LEU B 201 -14.82 -4.99 4.17
C LEU B 201 -16.32 -4.89 4.04
N THR B 202 -16.77 -4.49 2.86
CA THR B 202 -18.18 -4.30 2.58
C THR B 202 -18.41 -4.72 1.15
N GLN B 203 -19.56 -4.34 0.61
CA GLN B 203 -19.82 -4.55 -0.81
C GLN B 203 -20.73 -3.44 -1.33
N ASP B 204 -20.36 -2.91 -2.48
CA ASP B 204 -20.76 -1.56 -2.89
C ASP B 204 -22.22 -1.45 -3.28
N VAL B 205 -23.03 -1.06 -2.32
CA VAL B 205 -24.42 -0.69 -2.49
C VAL B 205 -24.68 0.35 -1.43
N GLN B 206 -25.76 1.11 -1.61
CA GLN B 206 -26.26 2.05 -0.61
C GLN B 206 -26.20 1.49 0.80
N ARG B 207 -26.99 0.44 1.01
CA ARG B 207 -27.38 0.05 2.35
C ARG B 207 -26.25 -0.44 3.22
N PHE B 208 -25.10 -0.77 2.65
CA PHE B 208 -23.95 -1.18 3.43
C PHE B 208 -22.87 -0.13 3.45
N SER B 209 -22.66 0.51 2.31
CA SER B 209 -21.63 1.50 2.22
C SER B 209 -21.90 2.63 3.17
N GLU B 210 -23.17 2.90 3.41
CA GLU B 210 -23.49 3.95 4.37
C GLU B 210 -23.06 3.55 5.77
N VAL B 211 -23.27 2.30 6.13
CA VAL B 211 -22.82 1.80 7.43
C VAL B 211 -21.35 2.08 7.60
N ARG B 212 -20.59 1.71 6.60
CA ARG B 212 -19.16 1.90 6.66
C ARG B 212 -18.82 3.37 6.83
N ASN B 213 -19.51 4.22 6.10
CA ASN B 213 -19.24 5.64 6.13
C ASN B 213 -19.86 6.33 7.32
N ASP B 214 -20.47 5.59 8.22
CA ASP B 214 -20.70 6.08 9.56
C ASP B 214 -19.68 5.59 10.55
N LEU B 215 -19.29 4.32 10.39
CA LEU B 215 -18.35 3.74 11.32
C LEU B 215 -17.05 4.50 11.29
N THR B 216 -16.62 4.88 10.11
CA THR B 216 -15.44 5.71 10.00
C THR B 216 -15.59 7.03 10.73
N GLY B 217 -16.81 7.46 11.00
CA GLY B 217 -17.05 8.76 11.58
C GLY B 217 -17.20 8.68 13.08
N VAL B 218 -17.55 7.51 13.59
CA VAL B 218 -17.76 7.40 15.02
C VAL B 218 -16.48 7.15 15.79
N LEU B 219 -15.44 6.62 15.14
CA LEU B 219 -14.19 6.28 15.80
C LEU B 219 -13.18 7.40 15.72
N TYR B 220 -13.64 8.63 15.92
CA TYR B 220 -12.78 9.79 15.96
C TYR B 220 -12.43 10.04 17.42
N GLY B 221 -11.13 10.00 17.73
CA GLY B 221 -10.70 10.15 19.10
C GLY B 221 -10.95 8.95 19.98
N GLU B 222 -10.87 7.75 19.40
CA GLU B 222 -11.20 6.52 20.10
C GLU B 222 -10.10 5.48 19.89
N ASP B 223 -8.86 5.96 19.77
CA ASP B 223 -7.62 5.21 19.84
C ASP B 223 -7.61 3.84 19.19
N ILE B 224 -8.35 3.67 18.10
CA ILE B 224 -8.14 2.54 17.23
C ILE B 224 -8.17 3.02 15.79
N GLU B 225 -7.38 2.34 14.99
CA GLU B 225 -7.09 2.67 13.62
C GLU B 225 -7.99 1.85 12.74
N ILE B 226 -7.94 2.15 11.45
CA ILE B 226 -8.62 1.39 10.43
C ILE B 226 -7.60 1.28 9.31
N SER B 227 -6.93 0.14 9.22
CA SER B 227 -5.74 0.08 8.41
C SER B 227 -6.09 -0.14 6.95
N ASP B 228 -6.61 -1.31 6.63
CA ASP B 228 -6.87 -1.67 5.25
C ASP B 228 -8.32 -1.44 4.92
N THR B 229 -8.64 -1.66 3.66
CA THR B 229 -10.00 -1.49 3.17
C THR B 229 -10.06 -1.98 1.74
N GLU B 230 -11.19 -2.55 1.37
CA GLU B 230 -11.46 -2.87 -0.01
C GLU B 230 -12.95 -2.69 -0.23
N SER B 231 -13.42 -3.23 -1.33
CA SER B 231 -14.82 -3.51 -1.57
C SER B 231 -14.92 -4.19 -2.91
N PHE B 232 -16.13 -4.54 -3.27
CA PHE B 232 -16.36 -5.35 -4.44
C PHE B 232 -17.85 -5.29 -4.76
N SER B 233 -18.19 -5.75 -5.95
CA SER B 233 -19.57 -5.79 -6.39
C SER B 233 -20.15 -7.20 -6.31
N ASN B 234 -19.57 -8.13 -7.05
CA ASN B 234 -20.10 -9.48 -7.17
C ASN B 234 -19.03 -10.55 -6.99
N ASP B 235 -17.82 -10.26 -7.40
CA ASP B 235 -16.69 -11.16 -7.26
C ASP B 235 -15.76 -10.68 -6.17
N PRO B 236 -15.72 -11.31 -5.01
CA PRO B 236 -15.00 -10.72 -3.89
C PRO B 236 -13.51 -10.97 -3.90
N CYS B 237 -13.21 -12.22 -4.27
CA CYS B 237 -11.89 -12.84 -4.31
C CYS B 237 -10.91 -12.29 -5.33
N THR B 238 -10.31 -11.17 -4.97
CA THR B 238 -9.30 -10.47 -5.75
C THR B 238 -8.98 -9.41 -4.73
N SER B 239 -9.57 -9.61 -3.56
CA SER B 239 -9.44 -8.67 -2.47
C SER B 239 -8.98 -9.33 -1.20
N VAL B 240 -9.51 -10.51 -0.93
CA VAL B 240 -9.23 -11.16 0.32
C VAL B 240 -7.77 -11.52 0.39
N LYS B 241 -7.16 -11.77 -0.76
CA LYS B 241 -5.74 -12.07 -0.77
C LYS B 241 -4.92 -10.80 -0.66
N LYS B 242 -5.41 -9.67 -1.19
CA LYS B 242 -4.76 -8.39 -0.91
C LYS B 242 -4.73 -8.13 0.56
N LEU B 243 -5.76 -8.60 1.24
CA LEU B 243 -5.91 -8.41 2.66
C LEU B 243 -5.01 -9.37 3.43
N LYS B 244 -5.00 -10.65 3.02
CA LYS B 244 -4.12 -11.66 3.57
C LYS B 244 -2.68 -11.23 3.47
N GLY B 245 -2.34 -10.44 2.46
CA GLY B 245 -1.02 -9.88 2.34
C GLY B 245 -0.60 -9.06 3.54
N ASN B 246 -1.57 -8.61 4.35
CA ASN B 246 -1.30 -7.97 5.62
C ASN B 246 -1.44 -8.92 6.80
N ASP B 247 -1.97 -10.12 6.57
CA ASP B 247 -2.09 -11.16 7.58
C ASP B 247 -2.88 -10.68 8.78
N VAL B 248 -3.83 -9.78 8.54
CA VAL B 248 -4.53 -9.19 9.65
C VAL B 248 -5.48 -10.20 10.26
N ARG B 249 -5.85 -9.92 11.48
CA ARG B 249 -6.44 -10.90 12.35
C ARG B 249 -7.93 -10.72 12.53
N ILE B 250 -8.52 -9.71 11.91
CA ILE B 250 -9.86 -9.28 12.22
C ILE B 250 -10.60 -8.95 10.94
N ILE B 251 -11.89 -9.25 10.93
CA ILE B 251 -12.72 -8.99 9.78
C ILE B 251 -14.01 -8.34 10.27
N LEU B 252 -14.33 -7.19 9.72
CA LEU B 252 -15.71 -6.74 9.63
C LEU B 252 -16.23 -7.03 8.25
N GLY B 253 -17.51 -7.31 8.19
CA GLY B 253 -18.12 -7.64 6.95
C GLY B 253 -19.54 -7.22 7.06
N GLN B 254 -20.00 -6.47 6.11
CA GLN B 254 -21.28 -5.82 6.20
C GLN B 254 -21.92 -6.03 4.86
N PHE B 255 -22.31 -7.27 4.59
CA PHE B 255 -22.72 -7.63 3.26
C PHE B 255 -23.78 -8.70 3.22
N ASP B 256 -24.54 -8.64 2.13
CA ASP B 256 -25.78 -9.35 1.99
C ASP B 256 -25.58 -10.86 1.96
N GLN B 257 -26.71 -11.55 1.98
CA GLN B 257 -26.76 -12.94 2.38
C GLN B 257 -25.97 -13.82 1.43
N ASN B 258 -26.42 -13.93 0.21
CA ASN B 258 -26.01 -15.00 -0.68
C ASN B 258 -24.55 -14.98 -1.04
N MET B 259 -23.80 -13.99 -0.60
CA MET B 259 -22.42 -13.86 -0.97
C MET B 259 -21.46 -14.58 -0.04
N ALA B 260 -21.91 -14.95 1.16
CA ALA B 260 -21.04 -15.62 2.12
C ALA B 260 -20.43 -16.86 1.52
N ALA B 261 -21.18 -17.54 0.67
CA ALA B 261 -20.68 -18.72 -0.02
C ALA B 261 -19.40 -18.41 -0.74
N LYS B 262 -19.45 -17.41 -1.60
CA LYS B 262 -18.30 -17.07 -2.40
C LYS B 262 -17.18 -16.56 -1.53
N VAL B 263 -17.56 -15.82 -0.49
CA VAL B 263 -16.61 -15.25 0.47
C VAL B 263 -15.73 -16.35 1.02
N PHE B 264 -16.35 -17.24 1.76
CA PHE B 264 -15.58 -18.26 2.43
C PHE B 264 -15.03 -19.28 1.46
N CYS B 265 -15.64 -19.43 0.29
CA CYS B 265 -15.10 -20.34 -0.68
C CYS B 265 -13.73 -19.89 -1.16
N CYS B 266 -13.50 -18.58 -1.20
CA CYS B 266 -12.16 -18.08 -1.47
C CYS B 266 -11.32 -17.98 -0.20
N ALA B 267 -11.96 -17.81 0.96
CA ALA B 267 -11.22 -17.77 2.21
C ALA B 267 -10.46 -19.06 2.46
N TYR B 268 -11.16 -20.18 2.32
CA TYR B 268 -10.55 -21.50 2.50
C TYR B 268 -9.41 -21.70 1.53
N GLU B 269 -9.64 -21.34 0.27
CA GLU B 269 -8.58 -21.38 -0.73
C GLU B 269 -7.45 -20.41 -0.44
N GLU B 270 -7.61 -19.52 0.54
CA GLU B 270 -6.50 -18.81 1.13
C GLU B 270 -6.34 -19.09 2.60
N ASN B 271 -7.24 -19.85 3.19
CA ASN B 271 -7.08 -20.40 4.54
C ASN B 271 -6.90 -19.29 5.57
N MET B 272 -8.00 -18.57 5.80
CA MET B 272 -8.16 -17.75 7.00
C MET B 272 -9.14 -18.44 7.92
N TYR B 273 -8.60 -19.13 8.91
CA TYR B 273 -9.40 -19.70 9.97
C TYR B 273 -8.45 -20.29 11.00
N GLY B 274 -8.97 -20.47 12.21
CA GLY B 274 -8.15 -20.85 13.34
C GLY B 274 -8.62 -20.08 14.55
N SER B 275 -7.67 -19.54 15.28
CA SER B 275 -7.96 -18.64 16.38
C SER B 275 -7.70 -17.20 16.02
N LYS B 276 -6.65 -16.97 15.27
CA LYS B 276 -6.17 -15.65 14.90
C LYS B 276 -7.13 -14.87 14.01
N TYR B 277 -8.26 -15.42 13.60
CA TYR B 277 -9.19 -14.74 12.69
C TYR B 277 -10.58 -14.80 13.26
N GLN B 278 -11.04 -13.67 13.77
CA GLN B 278 -12.43 -13.50 14.19
C GLN B 278 -13.13 -12.51 13.29
N TRP B 279 -14.41 -12.73 13.15
CA TRP B 279 -15.24 -12.08 12.17
C TRP B 279 -16.47 -11.47 12.82
N ILE B 280 -16.94 -10.42 12.17
CA ILE B 280 -18.19 -9.80 12.52
C ILE B 280 -19.06 -9.67 11.29
N ILE B 281 -20.32 -10.04 11.45
CA ILE B 281 -21.35 -9.95 10.42
C ILE B 281 -22.63 -9.47 11.09
N PRO B 282 -23.53 -8.90 10.30
CA PRO B 282 -24.89 -8.77 10.78
C PRO B 282 -25.48 -10.12 11.11
N GLY B 283 -26.56 -10.06 11.89
CA GLY B 283 -27.26 -11.23 12.35
C GLY B 283 -28.63 -11.36 11.74
N TRP B 284 -29.04 -10.43 10.89
CA TRP B 284 -30.40 -10.48 10.42
C TRP B 284 -30.61 -11.48 9.33
N TYR B 285 -29.61 -12.29 9.02
CA TYR B 285 -29.81 -13.29 8.00
C TYR B 285 -30.89 -14.28 8.41
N GLU B 286 -31.45 -14.92 7.42
CA GLU B 286 -32.32 -16.03 7.69
C GLU B 286 -31.49 -17.11 8.36
N PRO B 287 -31.86 -17.60 9.54
CA PRO B 287 -31.09 -18.70 10.11
C PRO B 287 -31.17 -19.92 9.23
N SER B 288 -30.10 -20.70 9.22
CA SER B 288 -29.96 -21.79 8.26
C SER B 288 -30.03 -21.25 6.84
N TRP B 289 -29.11 -20.36 6.53
CA TRP B 289 -29.12 -19.69 5.24
C TRP B 289 -28.31 -20.40 4.18
N TRP B 290 -27.58 -21.44 4.54
CA TRP B 290 -26.58 -21.98 3.63
C TRP B 290 -27.16 -22.92 2.60
N GLU B 291 -28.47 -23.12 2.59
CA GLU B 291 -29.11 -23.90 1.57
C GLU B 291 -30.60 -23.80 1.74
N CYS B 302 -19.40 -23.44 -2.83
CA CYS B 302 -18.66 -24.38 -3.66
C CYS B 302 -18.40 -25.69 -2.92
N LEU B 303 -18.16 -25.62 -1.62
CA LEU B 303 -17.94 -26.83 -0.83
C LEU B 303 -18.62 -26.75 0.52
N ARG B 304 -19.12 -27.91 0.95
CA ARG B 304 -19.95 -28.02 2.14
C ARG B 304 -19.08 -28.14 3.39
N LYS B 305 -18.35 -29.23 3.48
CA LYS B 305 -17.57 -29.51 4.68
C LYS B 305 -16.49 -28.47 4.88
N ASN B 306 -15.90 -28.00 3.79
CA ASN B 306 -14.82 -27.03 3.88
C ASN B 306 -15.30 -25.79 4.61
N LEU B 307 -16.47 -25.31 4.22
CA LEU B 307 -17.06 -24.17 4.90
C LEU B 307 -17.40 -24.52 6.33
N LEU B 308 -18.14 -25.61 6.50
CA LEU B 308 -18.69 -25.94 7.81
C LEU B 308 -17.59 -26.07 8.85
N ALA B 309 -16.42 -26.49 8.41
CA ALA B 309 -15.25 -26.50 9.27
C ALA B 309 -14.66 -25.11 9.39
N ALA B 310 -14.72 -24.33 8.30
CA ALA B 310 -14.01 -23.07 8.26
C ALA B 310 -14.74 -22.00 9.03
N MET B 311 -16.02 -21.88 8.79
CA MET B 311 -16.75 -20.73 9.25
C MET B 311 -16.93 -20.72 10.74
N GLU B 312 -17.00 -21.90 11.33
CA GLU B 312 -17.61 -22.05 12.64
C GLU B 312 -16.83 -21.28 13.70
N GLY B 313 -17.54 -20.38 14.37
CA GLY B 313 -16.97 -19.58 15.42
C GLY B 313 -16.98 -18.09 15.17
N TYR B 314 -17.75 -17.61 14.21
CA TYR B 314 -17.77 -16.20 13.92
C TYR B 314 -18.64 -15.46 14.93
N ILE B 315 -18.91 -14.19 14.66
CA ILE B 315 -19.98 -13.48 15.36
C ILE B 315 -20.94 -12.88 14.38
N GLY B 316 -22.20 -13.16 14.59
CA GLY B 316 -23.28 -12.44 13.96
C GLY B 316 -23.89 -11.51 14.97
N VAL B 317 -24.52 -10.45 14.47
CA VAL B 317 -25.02 -9.42 15.36
C VAL B 317 -26.22 -8.79 14.70
N ASP B 318 -27.20 -8.41 15.50
CA ASP B 318 -28.34 -7.72 14.93
C ASP B 318 -29.18 -7.16 16.06
N PHE B 319 -30.33 -6.64 15.68
CA PHE B 319 -31.27 -6.11 16.65
C PHE B 319 -31.83 -7.23 17.51
N GLU B 320 -32.29 -6.87 18.70
CA GLU B 320 -32.89 -7.84 19.59
C GLU B 320 -34.39 -7.91 19.35
N PRO B 321 -35.01 -9.08 19.41
CA PRO B 321 -36.47 -9.10 19.32
C PRO B 321 -37.10 -8.56 20.57
N LEU B 322 -36.61 -9.02 21.71
CA LEU B 322 -37.29 -8.81 22.97
C LEU B 322 -36.34 -8.77 24.13
N SER B 323 -36.86 -8.30 25.24
CA SER B 323 -36.09 -8.23 26.47
C SER B 323 -35.99 -9.63 27.09
N SER B 324 -35.43 -9.65 28.29
CA SER B 324 -35.09 -10.89 28.97
C SER B 324 -35.53 -10.87 30.43
N LYS B 325 -36.61 -10.18 30.73
CA LYS B 325 -36.83 -9.74 32.10
C LYS B 325 -38.28 -9.33 32.27
N GLN B 326 -38.85 -9.72 33.40
CA GLN B 326 -40.29 -9.83 33.56
C GLN B 326 -40.81 -8.76 34.51
N ILE B 327 -40.21 -7.61 34.43
CA ILE B 327 -40.58 -6.48 35.26
C ILE B 327 -41.94 -5.97 34.80
N LYS B 328 -42.65 -5.29 35.69
CA LYS B 328 -43.95 -4.76 35.32
C LYS B 328 -43.81 -3.70 34.25
N THR B 329 -44.72 -3.74 33.31
CA THR B 329 -44.64 -2.94 32.10
C THR B 329 -45.43 -1.64 32.34
N ILE B 330 -45.74 -0.92 31.26
CA ILE B 330 -46.72 0.15 31.35
C ILE B 330 -48.11 -0.44 31.47
N SER B 331 -48.36 -1.50 30.72
CA SER B 331 -49.66 -2.11 30.68
C SER B 331 -49.98 -2.81 32.00
N GLY B 332 -48.95 -3.20 32.73
CA GLY B 332 -49.08 -4.07 33.88
C GLY B 332 -48.74 -5.51 33.59
N LYS B 333 -48.06 -5.78 32.49
CA LYS B 333 -47.93 -7.13 31.94
C LYS B 333 -46.44 -7.48 31.92
N THR B 334 -46.09 -8.52 31.18
CA THR B 334 -44.72 -8.98 31.12
C THR B 334 -44.48 -9.62 29.77
N PRO B 335 -43.21 -9.86 29.42
CA PRO B 335 -42.93 -10.50 28.15
C PRO B 335 -43.58 -11.85 27.99
N GLN B 336 -43.43 -12.67 29.02
CA GLN B 336 -44.01 -14.00 29.01
C GLN B 336 -45.51 -13.92 28.80
N GLN B 337 -46.15 -12.95 29.47
CA GLN B 337 -47.56 -12.71 29.24
C GLN B 337 -47.79 -12.33 27.80
N TYR B 338 -46.91 -11.51 27.25
CA TYR B 338 -47.10 -11.02 25.89
C TYR B 338 -47.10 -12.16 24.90
N GLU B 339 -46.09 -13.00 24.97
CA GLU B 339 -45.99 -14.09 24.04
C GLU B 339 -47.09 -15.12 24.27
N ARG B 340 -47.54 -15.27 25.50
CA ARG B 340 -48.66 -16.17 25.72
C ARG B 340 -49.89 -15.64 25.01
N GLU B 341 -50.14 -14.35 25.19
CA GLU B 341 -51.26 -13.70 24.52
C GLU B 341 -51.12 -13.82 23.02
N TYR B 342 -49.89 -13.74 22.55
CA TYR B 342 -49.60 -13.89 21.14
C TYR B 342 -50.03 -15.27 20.66
N ASN B 343 -49.35 -16.28 21.17
CA ASN B 343 -49.52 -17.62 20.63
C ASN B 343 -50.93 -18.14 20.86
N ASN B 344 -51.62 -17.63 21.89
CA ASN B 344 -53.03 -17.92 22.02
C ASN B 344 -53.82 -17.17 20.99
N LYS B 345 -53.36 -15.98 20.61
CA LYS B 345 -54.13 -15.18 19.67
C LYS B 345 -54.05 -15.73 18.27
N ARG B 346 -52.96 -16.41 17.95
CA ARG B 346 -52.83 -17.12 16.68
C ARG B 346 -53.07 -18.61 16.89
N SER B 347 -53.32 -19.29 15.79
CA SER B 347 -53.44 -20.74 15.76
C SER B 347 -52.40 -21.39 14.85
N GLY B 348 -52.32 -20.97 13.59
CA GLY B 348 -51.52 -21.66 12.60
C GLY B 348 -50.81 -20.73 11.66
N VAL B 349 -50.44 -19.55 12.15
CA VAL B 349 -49.82 -18.52 11.33
C VAL B 349 -48.38 -18.35 11.76
N GLY B 350 -47.53 -18.00 10.81
CA GLY B 350 -46.11 -17.91 11.05
C GLY B 350 -45.79 -16.89 12.12
N PRO B 351 -44.64 -17.02 12.78
CA PRO B 351 -44.33 -16.12 13.88
C PRO B 351 -43.54 -14.90 13.44
N SER B 352 -43.82 -13.77 14.06
CA SER B 352 -43.13 -12.54 13.78
C SER B 352 -42.00 -12.31 14.75
N LYS B 353 -41.18 -11.33 14.42
CA LYS B 353 -40.08 -10.86 15.25
C LYS B 353 -40.00 -9.36 15.36
N PHE B 354 -40.70 -8.66 14.48
CA PHE B 354 -40.72 -7.20 14.51
C PHE B 354 -42.14 -6.78 14.87
N HIS B 355 -42.69 -7.45 15.87
CA HIS B 355 -44.05 -7.18 16.30
C HIS B 355 -44.17 -6.41 17.61
N GLY B 356 -43.48 -6.87 18.66
CA GLY B 356 -43.60 -6.19 19.92
C GLY B 356 -43.09 -4.78 19.83
N TYR B 357 -42.11 -4.56 18.96
CA TYR B 357 -41.68 -3.19 18.69
C TYR B 357 -42.87 -2.40 18.19
N ALA B 358 -43.68 -3.03 17.36
CA ALA B 358 -44.84 -2.35 16.83
C ALA B 358 -45.77 -1.97 17.94
N TYR B 359 -46.01 -2.92 18.84
CA TYR B 359 -46.93 -2.69 19.93
C TYR B 359 -46.44 -1.54 20.78
N ASP B 360 -45.14 -1.49 21.00
CA ASP B 360 -44.55 -0.40 21.75
C ASP B 360 -44.85 0.91 21.05
N GLY B 361 -44.78 0.89 19.74
CA GLY B 361 -45.02 2.12 19.02
C GLY B 361 -46.45 2.56 19.12
N ILE B 362 -47.36 1.62 19.25
CA ILE B 362 -48.75 2.03 19.34
C ILE B 362 -49.00 2.68 20.67
N TRP B 363 -48.44 2.11 21.72
CA TRP B 363 -48.54 2.75 23.02
C TRP B 363 -47.92 4.12 22.98
N VAL B 364 -46.85 4.26 22.19
CA VAL B 364 -46.20 5.54 22.04
C VAL B 364 -47.15 6.53 21.41
N ILE B 365 -47.81 6.08 20.36
CA ILE B 365 -48.73 6.92 19.64
C ILE B 365 -49.80 7.41 20.57
N ALA B 366 -50.28 6.52 21.41
CA ALA B 366 -51.28 6.89 22.38
C ALA B 366 -50.78 8.00 23.29
N LYS B 367 -49.66 7.73 23.95
CA LYS B 367 -49.24 8.63 25.00
C LYS B 367 -48.76 9.96 24.43
N THR B 368 -48.24 9.95 23.22
CA THR B 368 -47.79 11.20 22.61
C THR B 368 -48.96 11.99 22.09
N LEU B 369 -50.01 11.31 21.68
CA LEU B 369 -51.25 12.02 21.43
C LEU B 369 -51.70 12.74 22.67
N GLN B 370 -51.68 12.03 23.78
CA GLN B 370 -52.09 12.62 25.04
C GLN B 370 -51.22 13.81 25.40
N ARG B 371 -49.92 13.69 25.13
CA ARG B 371 -49.02 14.83 25.28
C ARG B 371 -49.48 15.99 24.41
N ALA B 372 -49.96 15.69 23.22
CA ALA B 372 -50.27 16.73 22.26
C ALA B 372 -51.47 17.53 22.71
N MET B 373 -52.56 16.84 22.97
CA MET B 373 -53.79 17.51 23.32
C MET B 373 -53.72 18.20 24.67
N GLU B 374 -52.66 17.98 25.44
CA GLU B 374 -52.41 18.75 26.64
C GLU B 374 -51.92 20.13 26.23
N THR B 375 -52.80 20.90 25.62
CA THR B 375 -52.43 22.12 24.93
C THR B 375 -53.31 23.24 25.45
N LEU B 376 -52.74 24.45 25.48
CA LEU B 376 -53.41 25.58 26.12
C LEU B 376 -54.73 25.88 25.44
N HIS B 377 -54.74 25.79 24.12
CA HIS B 377 -55.89 26.14 23.31
C HIS B 377 -56.72 24.91 22.99
N ALA B 378 -56.75 23.97 23.93
CA ALA B 378 -57.49 22.72 23.78
C ALA B 378 -58.96 22.97 23.43
N SER B 379 -59.48 24.14 23.78
CA SER B 379 -60.85 24.53 23.46
C SER B 379 -61.16 24.32 21.98
N SER B 380 -60.47 25.05 21.10
CA SER B 380 -60.75 24.90 19.67
C SER B 380 -60.03 23.71 19.09
N ARG B 381 -58.91 23.30 19.67
CA ARG B 381 -58.13 22.25 19.04
C ARG B 381 -58.83 20.92 19.18
N HIS B 382 -59.64 20.75 20.23
CA HIS B 382 -60.40 19.52 20.40
C HIS B 382 -61.52 19.38 19.39
N GLN B 383 -61.74 20.38 18.54
CA GLN B 383 -62.49 20.21 17.31
C GLN B 383 -61.61 20.27 16.07
N ARG B 384 -60.56 21.08 16.08
CA ARG B 384 -59.72 21.22 14.89
C ARG B 384 -58.92 19.96 14.62
N ILE B 385 -58.97 18.99 15.53
CA ILE B 385 -58.58 17.63 15.19
C ILE B 385 -59.24 17.22 13.89
N GLN B 386 -60.57 17.32 13.86
CA GLN B 386 -61.64 16.94 12.97
C GLN B 386 -61.75 17.77 11.70
N ASP B 387 -61.76 19.11 11.78
CA ASP B 387 -61.83 19.92 10.58
C ASP B 387 -60.49 20.16 9.90
N PHE B 388 -59.46 19.45 10.33
CA PHE B 388 -58.14 19.62 9.77
C PHE B 388 -58.11 19.14 8.33
N ASN B 389 -57.56 19.98 7.45
CA ASN B 389 -57.62 19.77 6.01
C ASN B 389 -56.21 19.63 5.45
N TYR B 390 -55.40 18.77 6.04
CA TYR B 390 -54.12 18.36 5.47
C TYR B 390 -53.08 19.47 5.45
N THR B 391 -53.34 20.63 6.07
CA THR B 391 -52.55 21.82 5.81
C THR B 391 -52.09 22.63 7.01
N ASP B 392 -52.54 22.33 8.21
CA ASP B 392 -52.03 23.01 9.39
C ASP B 392 -50.57 22.64 9.59
N HIS B 393 -49.69 23.45 9.03
CA HIS B 393 -48.26 23.28 9.23
C HIS B 393 -47.90 23.31 10.71
N THR B 394 -48.55 24.21 11.45
CA THR B 394 -48.26 24.36 12.86
C THR B 394 -48.56 23.07 13.59
N LEU B 395 -49.57 22.34 13.14
CA LEU B 395 -49.95 21.11 13.82
C LEU B 395 -48.84 20.08 13.76
N GLY B 396 -48.29 19.89 12.56
CA GLY B 396 -47.25 18.90 12.43
C GLY B 396 -46.02 19.32 13.19
N ARG B 397 -45.74 20.61 13.18
CA ARG B 397 -44.67 21.11 14.04
C ARG B 397 -44.95 20.76 15.49
N ILE B 398 -46.21 20.87 15.88
CA ILE B 398 -46.61 20.61 17.26
C ILE B 398 -46.30 19.16 17.61
N ILE B 399 -46.70 18.27 16.72
CA ILE B 399 -46.59 16.85 16.99
C ILE B 399 -45.14 16.45 17.05
N LEU B 400 -44.35 16.98 16.13
CA LEU B 400 -42.96 16.61 16.07
C LEU B 400 -42.22 17.11 17.29
N ASN B 401 -42.45 18.37 17.65
CA ASN B 401 -41.83 18.90 18.84
C ASN B 401 -42.24 18.08 20.05
N ALA B 402 -43.45 17.54 20.01
CA ALA B 402 -43.91 16.71 21.10
C ALA B 402 -43.07 15.47 21.21
N MET B 403 -43.03 14.71 20.13
CA MET B 403 -42.41 13.41 20.16
C MET B 403 -40.90 13.46 20.21
N ASN B 404 -40.30 14.62 19.99
CA ASN B 404 -38.85 14.69 20.11
C ASN B 404 -38.37 14.37 21.52
N GLU B 405 -39.25 14.48 22.51
CA GLU B 405 -38.90 14.24 23.91
C GLU B 405 -39.83 13.24 24.58
N THR B 406 -40.59 12.48 23.80
CA THR B 406 -41.29 11.35 24.36
C THR B 406 -40.30 10.33 24.91
N ASN B 407 -40.74 9.61 25.93
CA ASN B 407 -39.82 8.74 26.65
C ASN B 407 -40.51 7.86 27.68
N PHE B 408 -40.45 6.54 27.50
CA PHE B 408 -41.01 5.63 28.49
C PHE B 408 -40.61 4.21 28.13
N PHE B 409 -41.24 3.26 28.82
CA PHE B 409 -40.86 1.86 28.91
C PHE B 409 -41.82 1.00 28.10
N GLY B 410 -41.32 -0.15 27.67
CA GLY B 410 -42.14 -1.18 27.09
C GLY B 410 -41.39 -2.48 27.12
N VAL B 411 -41.84 -3.41 26.27
CA VAL B 411 -41.26 -4.75 26.27
C VAL B 411 -39.77 -4.70 25.97
N THR B 412 -39.33 -3.69 25.25
CA THR B 412 -37.95 -3.52 24.82
C THR B 412 -37.22 -2.57 25.73
N GLY B 413 -37.57 -2.57 27.00
CA GLY B 413 -36.94 -1.63 27.87
C GLY B 413 -37.44 -0.25 27.52
N GLN B 414 -36.64 0.75 27.83
CA GLN B 414 -37.05 2.07 27.47
C GLN B 414 -36.87 2.26 25.99
N VAL B 415 -37.61 3.21 25.44
CA VAL B 415 -37.53 3.52 24.02
C VAL B 415 -37.60 5.02 23.89
N VAL B 416 -36.57 5.57 23.29
CA VAL B 416 -36.41 7.00 23.15
C VAL B 416 -35.70 7.25 21.84
N PHE B 417 -35.66 8.52 21.47
CA PHE B 417 -35.21 8.90 20.15
C PHE B 417 -34.11 9.94 20.18
N ARG B 418 -33.27 9.85 19.15
CA ARG B 418 -32.13 10.74 18.99
C ARG B 418 -32.06 11.03 17.50
N ASN B 419 -32.43 12.24 17.13
CA ASN B 419 -32.54 12.67 15.76
C ASN B 419 -33.61 11.92 14.98
N GLY B 420 -34.30 10.98 15.60
CA GLY B 420 -35.14 10.07 14.87
C GLY B 420 -35.00 8.66 15.34
N GLU B 421 -33.80 8.28 15.75
CA GLU B 421 -33.49 6.87 15.87
C GLU B 421 -33.67 6.36 17.29
N ARG B 422 -34.08 5.12 17.36
CA ARG B 422 -34.31 4.43 18.60
C ARG B 422 -33.01 4.26 19.36
N MET B 423 -33.13 4.24 20.67
CA MET B 423 -32.12 3.67 21.55
C MET B 423 -32.62 2.33 22.02
N GLY B 424 -31.87 1.27 21.72
CA GLY B 424 -32.44 -0.05 21.72
C GLY B 424 -31.59 -1.18 22.24
N THR B 425 -31.91 -2.36 21.75
CA THR B 425 -31.46 -3.62 22.33
C THR B 425 -31.01 -4.57 21.24
N ILE B 426 -30.09 -5.44 21.59
CA ILE B 426 -29.17 -6.05 20.64
C ILE B 426 -28.96 -7.52 20.93
N LYS B 427 -28.87 -8.30 19.87
CA LYS B 427 -28.58 -9.73 19.93
C LYS B 427 -27.22 -9.98 19.32
N PHE B 428 -26.30 -10.42 20.14
CA PHE B 428 -25.05 -10.99 19.70
C PHE B 428 -25.21 -12.49 19.65
N THR B 429 -24.72 -13.11 18.60
CA THR B 429 -24.80 -14.54 18.49
C THR B 429 -23.54 -15.12 17.88
N GLN B 430 -23.34 -16.38 18.19
CA GLN B 430 -22.25 -17.16 17.67
C GLN B 430 -22.77 -18.49 17.16
N PHE B 431 -21.99 -19.08 16.28
CA PHE B 431 -22.38 -20.26 15.53
C PHE B 431 -21.65 -21.44 16.14
N GLN B 432 -22.31 -22.14 17.06
CA GLN B 432 -21.65 -23.17 17.86
C GLN B 432 -21.98 -24.54 17.28
N ASP B 433 -21.15 -24.95 16.32
CA ASP B 433 -21.15 -26.30 15.79
C ASP B 433 -22.51 -26.68 15.21
N SER B 434 -22.82 -26.03 14.09
CA SER B 434 -23.99 -26.33 13.29
C SER B 434 -25.27 -25.81 13.91
N ARG B 435 -25.19 -24.73 14.67
CA ARG B 435 -26.37 -24.02 15.11
C ARG B 435 -25.94 -22.69 15.71
N GLU B 436 -26.91 -21.79 15.85
CA GLU B 436 -26.69 -20.44 16.30
C GLU B 436 -27.24 -20.25 17.70
N VAL B 437 -26.55 -19.44 18.49
CA VAL B 437 -26.85 -19.33 19.90
C VAL B 437 -26.56 -17.91 20.36
N LYS B 438 -27.37 -17.44 21.30
CA LYS B 438 -27.10 -16.17 21.94
C LYS B 438 -25.79 -16.25 22.71
N VAL B 439 -25.17 -15.08 22.86
CA VAL B 439 -23.86 -15.01 23.50
C VAL B 439 -23.74 -13.87 24.50
N GLY B 440 -24.70 -12.96 24.52
CA GLY B 440 -24.49 -11.72 25.25
C GLY B 440 -25.55 -10.70 24.92
N GLU B 441 -25.28 -9.47 25.34
CA GLU B 441 -26.29 -8.41 25.22
C GLU B 441 -25.67 -7.04 25.42
N TYR B 442 -26.23 -6.04 24.75
CA TYR B 442 -25.66 -4.72 24.83
C TYR B 442 -26.67 -3.58 24.94
N ASN B 443 -26.98 -3.15 26.17
CA ASN B 443 -27.85 -2.01 26.36
C ASN B 443 -26.94 -0.85 25.93
N ALA B 444 -27.47 0.13 25.21
CA ALA B 444 -26.57 1.16 24.72
C ALA B 444 -26.87 2.52 25.31
N VAL B 445 -28.12 2.72 25.72
CA VAL B 445 -28.52 4.00 26.28
C VAL B 445 -27.71 4.34 27.52
N ALA B 446 -27.33 3.33 28.29
CA ALA B 446 -26.42 3.51 29.41
C ALA B 446 -24.98 3.19 29.06
N ASP B 447 -24.72 2.76 27.82
CA ASP B 447 -23.38 2.51 27.32
C ASP B 447 -22.67 1.46 28.17
N THR B 448 -23.21 0.26 28.05
CA THR B 448 -22.94 -0.84 28.94
C THR B 448 -22.57 -2.08 28.15
N LEU B 449 -22.60 -3.22 28.82
CA LEU B 449 -22.52 -4.50 28.16
C LEU B 449 -22.75 -5.59 29.19
N GLU B 450 -23.26 -6.73 28.73
CA GLU B 450 -23.37 -7.90 29.57
C GLU B 450 -22.98 -9.11 28.75
N ILE B 451 -21.99 -9.84 29.24
CA ILE B 451 -21.53 -11.06 28.63
C ILE B 451 -21.44 -12.13 29.68
N ILE B 452 -21.73 -13.36 29.27
CA ILE B 452 -21.88 -14.48 30.16
C ILE B 452 -20.86 -15.55 29.82
N ASN B 453 -20.24 -16.10 30.85
CA ASN B 453 -19.23 -17.11 30.65
C ASN B 453 -19.89 -18.42 30.21
N ASP B 454 -19.07 -19.43 29.99
CA ASP B 454 -19.46 -20.81 29.62
C ASP B 454 -20.41 -20.86 28.42
N THR B 455 -20.44 -19.79 27.64
CA THR B 455 -21.32 -19.62 26.51
C THR B 455 -20.55 -19.41 25.23
N ILE B 456 -19.65 -18.45 25.25
CA ILE B 456 -18.79 -18.13 24.14
C ILE B 456 -17.80 -19.25 23.97
N ARG B 457 -16.98 -19.16 22.95
CA ARG B 457 -15.86 -20.06 22.78
C ARG B 457 -14.98 -19.51 21.68
N PHE B 458 -13.68 -19.74 21.79
CA PHE B 458 -12.79 -19.66 20.65
C PHE B 458 -12.30 -21.07 20.37
N GLN B 459 -11.67 -21.25 19.21
CA GLN B 459 -11.08 -22.54 18.92
C GLN B 459 -9.81 -22.75 19.72
N GLY B 460 -9.07 -21.69 19.96
CA GLY B 460 -7.97 -21.73 20.90
C GLY B 460 -8.53 -21.55 22.30
N SER B 461 -7.86 -20.73 23.10
CA SER B 461 -8.40 -20.36 24.40
C SER B 461 -8.31 -18.86 24.67
N GLU B 462 -7.37 -18.20 24.02
CA GLU B 462 -7.02 -16.83 24.36
C GLU B 462 -7.63 -15.85 23.37
N PRO B 463 -7.73 -14.58 23.74
CA PRO B 463 -8.06 -13.56 22.79
C PRO B 463 -7.03 -13.50 21.68
N PRO B 464 -7.40 -13.85 20.44
CA PRO B 464 -6.41 -13.77 19.36
C PRO B 464 -5.95 -12.36 19.18
N LYS B 465 -4.70 -12.14 19.52
CA LYS B 465 -4.13 -10.83 19.38
C LYS B 465 -4.14 -10.44 17.91
N ASP B 466 -4.02 -9.14 17.68
CA ASP B 466 -4.44 -8.57 16.43
C ASP B 466 -3.29 -8.15 15.54
N LYS B 467 -2.05 -8.23 16.00
CA LYS B 467 -0.92 -7.71 15.23
C LYS B 467 0.03 -8.80 14.76
N THR B 468 0.77 -9.43 15.66
CA THR B 468 1.85 -10.31 15.26
C THR B 468 2.65 -10.85 16.44
N ILE B 469 3.57 -11.77 16.17
CA ILE B 469 4.57 -12.19 17.13
C ILE B 469 5.79 -11.30 17.06
N ILE B 470 5.60 -9.99 17.24
CA ILE B 470 6.72 -9.06 17.25
C ILE B 470 7.69 -9.46 18.36
N LEU B 471 8.99 -9.43 18.04
CA LEU B 471 10.04 -9.77 19.01
C LEU B 471 11.28 -8.97 18.66
N GLU B 472 12.13 -8.77 19.66
CA GLU B 472 13.27 -7.88 19.47
C GLU B 472 14.52 -8.63 19.06
N GLN B 473 14.99 -9.56 19.89
CA GLN B 473 16.06 -10.49 19.54
C GLN B 473 17.33 -9.75 19.12
N LEU B 474 17.90 -9.04 20.10
CA LEU B 474 19.19 -8.39 19.89
C LEU B 474 20.22 -9.40 19.42
N ARG B 475 20.74 -9.19 18.22
CA ARG B 475 21.71 -10.11 17.65
C ARG B 475 22.93 -10.24 18.55
N LYS B 476 23.64 -11.35 18.41
CA LYS B 476 24.84 -11.62 19.20
C LYS B 476 25.84 -12.41 18.37
N ILE B 477 27.01 -11.81 18.14
CA ILE B 477 28.06 -12.45 17.35
C ILE B 477 28.74 -13.58 18.13
N SER B 478 28.76 -14.78 17.53
CA SER B 478 29.73 -15.84 17.82
C SER B 478 29.56 -16.49 19.20
N LEU B 479 28.72 -17.52 19.29
CA LEU B 479 28.50 -18.24 20.54
C LEU B 479 29.83 -18.69 21.15
N PRO B 480 30.62 -19.44 20.37
CA PRO B 480 31.92 -19.90 20.81
C PRO B 480 33.04 -18.94 20.50
N LEU B 481 32.77 -17.89 19.75
CA LEU B 481 33.85 -17.01 19.35
C LEU B 481 34.38 -16.22 20.52
N TYR B 482 33.60 -16.05 21.58
CA TYR B 482 34.15 -15.62 22.84
C TYR B 482 35.18 -16.60 23.37
N SER B 483 35.10 -17.86 22.94
CA SER B 483 35.84 -18.95 23.56
C SER B 483 37.00 -19.49 22.71
N ILE B 484 36.77 -19.81 21.45
CA ILE B 484 37.70 -20.59 20.65
C ILE B 484 39.01 -19.83 20.52
N LEU B 485 38.91 -18.74 19.80
CA LEU B 485 40.06 -17.94 19.47
C LEU B 485 40.61 -17.26 20.70
N SER B 486 39.76 -17.01 21.68
CA SER B 486 40.21 -16.44 22.93
C SER B 486 41.13 -17.41 23.64
N ALA B 487 40.79 -18.69 23.59
CA ALA B 487 41.67 -19.68 24.16
C ALA B 487 42.97 -19.72 23.38
N LEU B 488 42.89 -19.55 22.06
CA LEU B 488 44.12 -19.47 21.28
C LEU B 488 44.98 -18.30 21.74
N THR B 489 44.33 -17.22 22.10
CA THR B 489 45.06 -16.09 22.66
C THR B 489 45.73 -16.49 23.95
N ILE B 490 45.03 -17.27 24.76
CA ILE B 490 45.61 -17.68 26.01
C ILE B 490 46.81 -18.59 25.74
N LEU B 491 46.77 -19.34 24.65
CA LEU B 491 47.89 -20.18 24.28
C LEU B 491 49.13 -19.34 24.00
N GLY B 492 49.01 -18.40 23.08
CA GLY B 492 50.15 -17.55 22.78
C GLY B 492 50.55 -16.70 23.99
N MET B 493 49.60 -16.45 24.89
CA MET B 493 49.91 -15.70 26.10
C MET B 493 50.78 -16.53 27.03
N ILE B 494 50.45 -17.81 27.16
CA ILE B 494 51.27 -18.64 28.02
C ILE B 494 52.62 -18.86 27.37
N MET B 495 52.67 -18.87 26.04
CA MET B 495 53.97 -18.86 25.37
C MET B 495 54.72 -17.58 25.69
N ALA B 496 54.01 -16.47 25.82
CA ALA B 496 54.64 -15.21 26.21
C ALA B 496 55.28 -15.34 27.57
N SER B 497 54.53 -15.85 28.52
CA SER B 497 55.06 -16.05 29.86
C SER B 497 56.18 -17.09 29.87
N ALA B 498 56.14 -18.04 28.94
CA ALA B 498 57.23 -19.00 28.83
C ALA B 498 58.50 -18.28 28.42
N PHE B 499 58.37 -17.36 27.47
CA PHE B 499 59.51 -16.57 27.07
C PHE B 499 59.98 -15.70 28.21
N LEU B 500 59.05 -15.21 29.03
CA LEU B 500 59.46 -14.48 30.21
C LEU B 500 60.34 -15.34 31.11
N PHE B 501 59.86 -16.54 31.44
CA PHE B 501 60.61 -17.41 32.34
C PHE B 501 61.98 -17.69 31.79
N PHE B 502 62.04 -18.24 30.58
CA PHE B 502 63.30 -18.67 30.00
C PHE B 502 64.17 -17.50 29.59
N ASN B 503 63.63 -16.28 29.54
CA ASN B 503 64.45 -15.10 29.32
C ASN B 503 65.10 -14.67 30.62
N ILE B 504 64.25 -14.38 31.60
CA ILE B 504 64.69 -13.82 32.85
C ILE B 504 65.57 -14.79 33.63
N LYS B 505 65.50 -16.08 33.31
CA LYS B 505 66.39 -17.05 33.94
C LYS B 505 67.84 -16.63 33.78
N ASN B 506 68.28 -16.49 32.54
CA ASN B 506 69.69 -16.30 32.30
C ASN B 506 70.18 -14.99 32.89
N ARG B 507 69.79 -13.88 32.27
CA ARG B 507 69.99 -12.55 32.85
C ARG B 507 71.45 -12.14 33.02
N ASN B 508 72.39 -13.08 32.81
CA ASN B 508 73.82 -12.84 33.00
C ASN B 508 74.52 -13.84 32.08
N GLN B 509 74.93 -13.39 30.91
CA GLN B 509 75.53 -14.28 29.92
C GLN B 509 75.96 -13.44 28.73
N LYS B 510 76.67 -14.06 27.79
CA LYS B 510 77.18 -13.33 26.64
C LYS B 510 76.08 -12.72 25.80
N LEU B 511 74.85 -13.26 25.87
CA LEU B 511 73.75 -12.72 25.11
C LEU B 511 73.05 -11.57 25.82
N ILE B 512 73.13 -11.50 27.15
CA ILE B 512 72.43 -10.45 27.87
C ILE B 512 73.02 -9.09 27.49
N LYS B 513 74.32 -9.04 27.23
CA LYS B 513 74.93 -7.76 26.87
C LYS B 513 74.61 -7.36 25.45
N MET B 514 74.14 -8.29 24.61
CA MET B 514 73.68 -7.88 23.28
C MET B 514 72.45 -6.99 23.37
N SER B 515 71.71 -7.06 24.46
CA SER B 515 70.51 -6.25 24.60
C SER B 515 70.07 -6.25 26.05
N SER B 516 69.87 -5.06 26.59
CA SER B 516 69.26 -4.93 27.91
C SER B 516 67.86 -5.51 27.84
N PRO B 517 67.60 -6.72 28.34
CA PRO B 517 66.33 -7.38 28.04
C PRO B 517 65.13 -6.79 28.76
N TYR B 518 65.31 -5.78 29.59
CA TYR B 518 64.14 -5.14 30.18
C TYR B 518 63.39 -4.35 29.13
N MET B 519 64.10 -3.84 28.12
CA MET B 519 63.44 -3.24 26.97
C MET B 519 62.53 -4.25 26.32
N ASN B 520 63.03 -5.47 26.19
CA ASN B 520 62.27 -6.50 25.53
C ASN B 520 61.13 -6.99 26.41
N ASN B 521 61.35 -6.97 27.73
CA ASN B 521 60.26 -7.28 28.65
C ASN B 521 59.15 -6.27 28.49
N LEU B 522 59.51 -5.01 28.30
CA LEU B 522 58.50 -3.99 28.07
C LEU B 522 57.78 -4.24 26.76
N ILE B 523 58.54 -4.68 25.75
CA ILE B 523 57.93 -4.98 24.47
C ILE B 523 56.87 -6.05 24.64
N ILE B 524 57.25 -7.16 25.26
CA ILE B 524 56.30 -8.24 25.43
C ILE B 524 55.19 -7.84 26.38
N LEU B 525 55.43 -6.87 27.26
CA LEU B 525 54.34 -6.36 28.08
C LEU B 525 53.26 -5.77 27.20
N GLY B 526 53.65 -4.80 26.38
CA GLY B 526 52.72 -4.24 25.42
C GLY B 526 52.13 -5.30 24.53
N GLY B 527 52.90 -6.36 24.25
CA GLY B 527 52.43 -7.50 23.49
C GLY B 527 51.23 -8.12 24.15
N MET B 528 51.41 -8.53 25.41
CA MET B 528 50.33 -9.13 26.18
C MET B 528 49.12 -8.22 26.23
N LEU B 529 49.36 -6.93 26.37
CA LEU B 529 48.26 -5.99 26.54
C LEU B 529 47.43 -5.93 25.27
N SER B 530 48.11 -5.66 24.16
CA SER B 530 47.48 -5.67 22.84
C SER B 530 46.77 -6.98 22.61
N TYR B 531 47.36 -8.04 23.10
CA TYR B 531 47.00 -9.38 22.73
C TYR B 531 45.81 -9.89 23.53
N ALA B 532 45.61 -9.38 24.72
CA ALA B 532 44.43 -9.66 25.51
C ALA B 532 43.36 -8.60 25.33
N SER B 533 43.65 -7.56 24.56
CA SER B 533 42.60 -6.64 24.15
C SER B 533 41.42 -7.32 23.48
N ILE B 534 41.64 -8.48 22.86
CA ILE B 534 40.67 -9.05 21.94
C ILE B 534 39.34 -9.37 22.62
N PHE B 535 39.40 -9.89 23.84
CA PHE B 535 38.19 -10.42 24.47
C PHE B 535 37.17 -9.33 24.69
N LEU B 536 37.65 -8.09 24.74
CA LEU B 536 36.79 -6.95 24.94
C LEU B 536 35.86 -6.77 23.76
N PHE B 537 36.27 -7.30 22.61
CA PHE B 537 35.40 -7.33 21.45
C PHE B 537 34.51 -8.56 21.49
N GLY B 538 34.76 -9.46 22.45
CA GLY B 538 34.02 -10.69 22.62
C GLY B 538 32.86 -10.51 23.59
N LEU B 539 32.21 -9.35 23.51
CA LEU B 539 31.48 -8.82 24.65
C LEU B 539 29.97 -8.88 24.47
N ASP B 540 29.44 -8.38 23.37
CA ASP B 540 28.02 -8.04 23.35
C ASP B 540 27.18 -9.20 22.83
N GLY B 541 25.90 -9.14 23.17
CA GLY B 541 25.04 -10.30 23.08
C GLY B 541 24.88 -10.87 24.46
N SER B 542 25.65 -11.91 24.76
CA SER B 542 25.68 -12.48 26.10
C SER B 542 26.54 -11.61 27.02
N PHE B 543 26.36 -11.80 28.32
CA PHE B 543 27.21 -11.14 29.30
C PHE B 543 27.07 -9.62 29.26
N VAL B 544 25.98 -9.12 28.68
CA VAL B 544 25.84 -7.68 28.50
C VAL B 544 24.38 -7.24 28.63
N SER B 545 24.10 -6.46 29.68
CA SER B 545 22.92 -5.60 29.68
C SER B 545 23.21 -4.32 30.42
N GLU B 546 24.48 -4.02 30.65
CA GLU B 546 24.85 -3.03 31.65
C GLU B 546 24.72 -1.61 31.11
N LYS B 547 24.74 -1.45 29.80
CA LYS B 547 24.68 -0.16 29.10
C LYS B 547 25.96 0.65 29.27
N THR B 548 26.97 0.12 29.96
CA THR B 548 28.26 0.80 30.07
C THR B 548 29.20 0.36 28.97
N PHE B 549 28.65 -0.14 27.86
CA PHE B 549 29.42 -0.57 26.71
C PHE B 549 30.40 0.51 26.26
N GLU B 550 29.95 1.76 26.28
CA GLU B 550 30.84 2.86 25.93
C GLU B 550 32.03 2.92 26.86
N THR B 551 31.83 2.56 28.13
CA THR B 551 32.90 2.60 29.11
C THR B 551 34.06 1.70 28.68
N LEU B 552 33.75 0.46 28.30
CA LEU B 552 34.81 -0.46 27.91
C LEU B 552 35.53 0.03 26.65
N CYS B 553 34.76 0.52 25.67
CA CYS B 553 35.31 0.80 24.35
C CYS B 553 36.43 1.83 24.44
N THR B 554 36.25 2.84 25.29
CA THR B 554 37.35 3.74 25.62
C THR B 554 38.57 2.93 26.02
N VAL B 555 38.41 2.03 26.98
CA VAL B 555 39.47 1.11 27.33
C VAL B 555 39.81 0.25 26.11
N ARG B 556 38.79 -0.12 25.34
CA ARG B 556 38.97 -1.05 24.23
C ARG B 556 39.88 -0.49 23.16
N THR B 557 40.18 0.81 23.21
CA THR B 557 41.18 1.40 22.34
C THR B 557 42.41 1.86 23.10
N TRP B 558 42.20 2.30 24.34
CA TRP B 558 43.27 2.74 25.21
C TRP B 558 44.35 1.68 25.28
N ILE B 559 43.93 0.46 25.61
CA ILE B 559 44.84 -0.68 25.76
C ILE B 559 45.62 -0.92 24.48
N LEU B 560 44.92 -0.99 23.36
CA LEU B 560 45.54 -1.33 22.10
C LEU B 560 46.59 -0.31 21.76
N THR B 561 46.18 0.94 21.82
CA THR B 561 47.04 2.06 21.47
C THR B 561 48.33 1.98 22.25
N VAL B 562 48.22 1.83 23.56
CA VAL B 562 49.42 1.90 24.37
C VAL B 562 50.32 0.71 24.08
N GLY B 563 49.73 -0.48 24.02
CA GLY B 563 50.54 -1.68 23.91
C GLY B 563 51.33 -1.67 22.63
N TYR B 564 50.65 -1.42 21.53
CA TYR B 564 51.32 -1.40 20.23
C TYR B 564 52.36 -0.31 20.19
N THR B 565 51.97 0.89 20.64
CA THR B 565 52.85 2.04 20.58
C THR B 565 54.18 1.77 21.27
N THR B 566 54.10 1.44 22.54
CA THR B 566 55.30 1.31 23.34
C THR B 566 56.12 0.12 22.88
N ALA B 567 55.45 -1.01 22.71
CA ALA B 567 56.20 -2.20 22.41
C ALA B 567 56.68 -2.22 20.98
N PHE B 568 56.32 -1.22 20.18
CA PHE B 568 56.89 -1.07 18.85
C PHE B 568 57.92 0.04 18.80
N GLY B 569 57.91 0.95 19.78
CA GLY B 569 58.99 1.91 19.88
C GLY B 569 60.23 1.39 20.55
N ALA B 570 60.10 0.33 21.35
CA ALA B 570 61.22 -0.11 22.16
C ALA B 570 62.44 -0.56 21.36
N MET B 571 62.26 -1.47 20.39
CA MET B 571 63.43 -2.00 19.68
C MET B 571 63.94 -0.99 18.67
N PHE B 572 63.01 -0.21 18.13
CA PHE B 572 63.37 0.98 17.38
C PHE B 572 64.40 1.77 18.16
N ALA B 573 64.10 2.03 19.42
CA ALA B 573 65.02 2.83 20.22
C ALA B 573 66.26 2.05 20.61
N LYS B 574 66.13 0.74 20.75
CA LYS B 574 67.29 -0.11 21.01
C LYS B 574 68.34 0.10 19.95
N THR B 575 67.92 -0.09 18.71
CA THR B 575 68.84 0.00 17.60
C THR B 575 69.23 1.44 17.30
N TRP B 576 68.34 2.37 17.59
CA TRP B 576 68.67 3.79 17.51
C TRP B 576 69.83 4.12 18.45
N ARG B 577 69.77 3.60 19.67
CA ARG B 577 70.85 3.76 20.63
C ARG B 577 72.12 3.10 20.13
N VAL B 578 71.99 1.88 19.63
CA VAL B 578 73.15 1.13 19.14
C VAL B 578 73.84 1.94 18.05
N HIS B 579 73.05 2.57 17.18
CA HIS B 579 73.63 3.35 16.10
C HIS B 579 74.25 4.62 16.64
N ALA B 580 73.47 5.41 17.38
CA ALA B 580 73.91 6.71 17.85
C ALA B 580 75.09 6.62 18.81
N ILE B 581 75.39 5.43 19.33
CA ILE B 581 76.67 5.19 19.99
C ILE B 581 77.71 4.68 18.99
N PHE B 582 77.28 3.90 18.00
CA PHE B 582 78.20 3.22 17.09
C PHE B 582 78.35 3.95 15.77
N LYS B 583 77.25 4.22 15.07
CA LYS B 583 77.27 4.85 13.76
C LYS B 583 78.04 3.97 12.77
N ILE B 592 72.85 8.73 31.95
CA ILE B 592 71.72 7.83 32.09
C ILE B 592 71.40 7.26 30.71
N LYS B 593 71.13 5.96 30.64
CA LYS B 593 70.85 5.27 29.39
C LYS B 593 69.41 4.77 29.30
N ASP B 594 68.87 4.28 30.40
CA ASP B 594 67.57 3.63 30.42
C ASP B 594 66.44 4.60 30.72
N GLN B 595 66.64 5.51 31.66
CA GLN B 595 65.68 6.57 31.89
C GLN B 595 65.52 7.52 30.69
N LYS B 596 66.51 7.56 29.79
CA LYS B 596 66.34 8.22 28.50
C LYS B 596 65.09 7.72 27.80
N LEU B 597 64.85 6.42 27.86
CA LEU B 597 63.78 5.83 27.09
C LEU B 597 62.46 6.00 27.82
N LEU B 598 62.50 6.02 29.15
CA LEU B 598 61.31 6.44 29.88
C LEU B 598 60.93 7.87 29.53
N VAL B 599 61.92 8.73 29.30
CA VAL B 599 61.61 10.10 28.86
C VAL B 599 60.98 10.07 27.48
N ILE B 600 61.55 9.27 26.59
CA ILE B 600 60.99 9.12 25.25
C ILE B 600 59.52 8.68 25.28
N VAL B 601 59.20 7.68 26.10
CA VAL B 601 57.82 7.24 26.17
C VAL B 601 56.91 8.12 27.00
N GLY B 602 57.46 8.93 27.93
CA GLY B 602 56.65 9.89 28.64
C GLY B 602 56.28 11.06 27.76
N GLY B 603 57.09 11.34 26.75
CA GLY B 603 56.64 12.23 25.69
C GLY B 603 55.62 11.56 24.80
N MET B 604 55.85 10.29 24.46
CA MET B 604 54.90 9.55 23.63
C MET B 604 53.53 9.48 24.27
N LEU B 605 53.50 9.47 25.61
CA LEU B 605 52.26 9.60 26.34
C LEU B 605 51.50 10.85 25.92
N LEU B 606 52.20 11.95 25.62
CA LEU B 606 51.48 13.17 25.29
C LEU B 606 50.67 12.98 24.04
N ILE B 607 51.28 12.39 23.01
CA ILE B 607 50.55 12.06 21.80
C ILE B 607 49.40 11.14 22.14
N ASP B 608 49.71 10.06 22.85
CA ASP B 608 48.71 9.10 23.30
C ASP B 608 47.47 9.75 23.95
N LEU B 609 47.65 10.36 25.13
CA LEU B 609 46.53 10.96 25.83
C LEU B 609 45.91 12.17 25.14
N CYS B 610 46.68 12.95 24.39
CA CYS B 610 46.11 14.10 23.72
C CYS B 610 45.10 13.64 22.69
N ILE B 611 45.49 12.64 21.90
CA ILE B 611 44.56 12.11 20.94
C ILE B 611 43.41 11.40 21.64
N LEU B 612 43.73 10.72 22.75
CA LEU B 612 42.71 10.01 23.50
C LEU B 612 41.60 10.95 23.93
N ILE B 613 41.97 12.07 24.53
CA ILE B 613 40.95 12.94 25.08
C ILE B 613 40.34 13.83 24.03
N CYS B 614 41.08 14.19 22.99
CA CYS B 614 40.44 14.91 21.90
C CYS B 614 39.31 14.09 21.33
N TRP B 615 39.55 12.80 21.12
CA TRP B 615 38.47 11.89 20.79
C TRP B 615 37.39 11.92 21.88
N GLN B 616 37.81 11.95 23.14
CA GLN B 616 36.87 11.97 24.26
C GLN B 616 36.42 13.37 24.64
N ALA B 617 36.34 14.28 23.68
CA ALA B 617 35.89 15.64 24.00
C ALA B 617 34.52 15.62 24.66
N VAL B 618 33.48 15.29 23.88
CA VAL B 618 32.14 15.23 24.46
C VAL B 618 31.88 13.89 25.13
N ASP B 619 31.78 12.84 24.34
CA ASP B 619 31.71 11.48 24.87
C ASP B 619 32.62 10.51 24.14
N PRO B 620 32.77 10.68 22.82
CA PRO B 620 33.57 9.83 21.93
C PRO B 620 32.90 8.50 21.64
N LEU B 621 31.80 8.21 22.32
CA LEU B 621 31.19 6.89 22.23
C LEU B 621 29.71 7.09 22.47
N ARG B 622 28.89 6.86 21.45
CA ARG B 622 27.45 6.98 21.56
C ARG B 622 26.84 5.64 21.20
N ARG B 623 26.26 4.95 22.19
CA ARG B 623 25.67 3.66 21.91
C ARG B 623 24.47 3.85 20.99
N THR B 624 24.67 3.56 19.71
CA THR B 624 23.67 3.81 18.69
C THR B 624 23.10 2.48 18.25
N VAL B 625 21.89 2.17 18.67
CA VAL B 625 21.21 0.97 18.23
C VAL B 625 20.67 1.21 16.83
N GLU B 626 21.10 0.40 15.89
CA GLU B 626 20.68 0.51 14.51
C GLU B 626 19.66 -0.58 14.21
N LYS B 627 18.62 -0.22 13.47
CA LYS B 627 17.52 -1.12 13.19
C LYS B 627 17.60 -1.61 11.76
N TYR B 628 17.45 -2.92 11.59
CA TYR B 628 17.40 -3.51 10.26
C TYR B 628 16.03 -3.29 9.64
N SER B 629 15.73 -4.05 8.60
CA SER B 629 14.48 -3.92 7.86
C SER B 629 13.30 -4.55 8.56
N MET B 630 13.50 -5.16 9.73
CA MET B 630 12.43 -5.87 10.42
C MET B 630 11.87 -6.99 9.56
N GLU B 631 12.71 -7.59 8.72
CA GLU B 631 12.27 -8.52 7.70
C GLU B 631 12.40 -9.95 8.14
N PRO B 632 12.36 -10.21 9.44
CA PRO B 632 12.74 -11.50 9.97
C PRO B 632 11.53 -12.40 10.10
N ASP B 633 11.63 -13.60 9.54
CA ASP B 633 10.69 -14.65 9.86
C ASP B 633 11.43 -15.98 9.68
N PRO B 634 12.04 -16.47 10.77
CA PRO B 634 12.74 -17.75 10.70
C PRO B 634 12.61 -18.53 12.00
N ALA B 635 11.67 -18.14 12.86
CA ALA B 635 11.54 -18.79 14.15
C ALA B 635 10.74 -20.08 14.08
N GLY B 636 9.91 -20.26 13.06
CA GLY B 636 8.96 -21.35 13.09
C GLY B 636 7.92 -21.17 14.16
N ARG B 637 7.62 -19.92 14.54
CA ARG B 637 6.73 -19.66 15.66
C ARG B 637 5.74 -18.56 15.37
N ASP B 638 5.60 -18.15 14.11
CA ASP B 638 4.66 -17.10 13.72
C ASP B 638 4.94 -15.83 14.51
N ILE B 639 6.13 -15.28 14.30
CA ILE B 639 6.59 -14.14 15.05
C ILE B 639 7.36 -13.19 14.13
N SER B 640 7.75 -12.04 14.68
CA SER B 640 8.49 -11.03 13.94
C SER B 640 9.59 -10.48 14.83
N ILE B 641 10.83 -10.61 14.40
CA ILE B 641 11.98 -10.12 15.16
C ILE B 641 12.68 -9.02 14.38
N ARG B 642 12.50 -7.78 14.81
CA ARG B 642 13.17 -6.64 14.18
C ARG B 642 14.64 -6.69 14.59
N PRO B 643 15.49 -7.11 13.65
CA PRO B 643 16.91 -7.30 13.94
C PRO B 643 17.55 -5.99 14.36
N LEU B 644 18.19 -5.99 15.53
CA LEU B 644 18.79 -4.80 16.11
C LEU B 644 20.28 -5.01 16.36
N LEU B 645 21.08 -3.95 16.16
CA LEU B 645 22.52 -4.00 16.36
C LEU B 645 23.00 -2.68 16.94
N GLU B 646 24.28 -2.61 17.27
CA GLU B 646 24.88 -1.46 17.92
C GLU B 646 26.08 -0.94 17.16
N HIS B 647 26.63 0.17 17.63
CA HIS B 647 27.81 0.82 17.07
C HIS B 647 28.11 2.05 17.92
N CYS B 648 29.20 2.75 17.58
CA CYS B 648 29.61 3.91 18.37
C CYS B 648 30.57 4.78 17.56
N GLU B 649 30.37 6.09 17.60
CA GLU B 649 31.23 7.07 16.94
C GLU B 649 31.24 8.35 17.76
N ASN B 650 32.07 9.40 17.38
CA ASN B 650 32.11 10.73 18.03
C ASN B 650 30.84 11.52 17.68
N THR B 651 29.80 10.80 17.23
CA THR B 651 28.52 11.41 16.84
C THR B 651 28.74 12.59 15.88
N HIS B 652 29.54 12.36 14.83
CA HIS B 652 29.82 13.43 13.84
C HIS B 652 30.31 12.81 12.52
N MET B 653 31.49 12.15 12.53
CA MET B 653 32.11 11.52 11.34
C MET B 653 33.34 10.71 11.79
N THR B 654 33.82 9.81 10.91
CA THR B 654 35.00 8.95 11.15
C THR B 654 36.24 9.64 10.57
N ILE B 655 36.62 10.75 11.47
CA ILE B 655 37.85 11.34 10.95
C ILE B 655 39.04 11.18 11.88
N TRP B 656 38.82 10.71 13.11
CA TRP B 656 39.77 10.78 14.19
C TRP B 656 40.66 9.57 14.23
N LEU B 657 40.94 8.98 13.09
CA LEU B 657 41.57 7.67 12.98
C LEU B 657 42.69 7.62 11.99
N GLY B 658 42.50 8.20 10.81
CA GLY B 658 43.60 8.34 9.89
C GLY B 658 44.71 9.18 10.49
N ILE B 659 44.33 10.07 11.40
CA ILE B 659 45.31 10.80 12.22
C ILE B 659 46.27 9.83 12.89
N VAL B 660 45.74 8.86 13.61
CA VAL B 660 46.62 8.02 14.42
C VAL B 660 47.31 7.01 13.54
N TYR B 661 46.62 6.52 12.52
CA TYR B 661 47.26 5.61 11.59
C TYR B 661 48.44 6.29 10.93
N ALA B 662 48.33 7.58 10.67
CA ALA B 662 49.43 8.32 10.09
C ALA B 662 50.51 8.53 11.12
N TYR B 663 50.12 8.80 12.35
CA TYR B 663 51.08 9.03 13.41
C TYR B 663 51.97 7.81 13.59
N LYS B 664 51.40 6.64 13.43
CA LYS B 664 52.15 5.41 13.59
C LYS B 664 52.86 4.98 12.31
N GLY B 665 52.33 5.33 11.15
CA GLY B 665 53.10 5.15 9.94
C GLY B 665 54.36 5.98 9.97
N LEU B 666 54.29 7.13 10.63
CA LEU B 666 55.47 7.96 10.78
C LEU B 666 56.46 7.32 11.75
N LEU B 667 55.94 6.67 12.80
CA LEU B 667 56.81 5.89 13.65
C LEU B 667 57.53 4.84 12.83
N MET B 668 56.79 4.18 11.94
CA MET B 668 57.38 3.15 11.11
C MET B 668 58.47 3.72 10.22
N LEU B 669 58.17 4.84 9.56
CA LEU B 669 59.08 5.37 8.56
C LEU B 669 60.33 5.93 9.22
N PHE B 670 60.17 6.79 10.23
CA PHE B 670 61.35 7.34 10.89
C PHE B 670 62.09 6.26 11.66
N GLY B 671 61.36 5.28 12.20
CA GLY B 671 62.03 4.10 12.67
C GLY B 671 62.72 3.37 11.55
N CYS B 672 62.12 3.38 10.36
CA CYS B 672 62.74 2.78 9.20
C CYS B 672 63.90 3.60 8.65
N PHE B 673 64.18 4.77 9.20
CA PHE B 673 65.46 5.42 8.94
C PHE B 673 66.59 4.55 9.44
N LEU B 674 66.38 3.95 10.61
CA LEU B 674 67.28 2.91 11.09
C LEU B 674 67.30 1.75 10.12
N ALA B 675 66.17 1.45 9.48
CA ALA B 675 66.12 0.34 8.53
C ALA B 675 67.01 0.61 7.32
N TRP B 676 66.95 1.81 6.77
CA TRP B 676 67.80 2.09 5.62
C TRP B 676 69.25 2.23 6.05
N GLU B 677 69.49 2.62 7.30
CA GLU B 677 70.85 2.50 7.82
C GLU B 677 71.27 1.04 7.87
N THR B 678 70.42 0.18 8.39
CA THR B 678 70.74 -1.22 8.54
C THR B 678 71.01 -1.86 7.19
N ARG B 679 70.35 -1.35 6.15
CA ARG B 679 70.58 -1.81 4.79
C ARG B 679 71.95 -1.40 4.26
N ASN B 680 72.71 -0.60 5.03
CA ASN B 680 74.10 -0.33 4.69
C ASN B 680 74.98 -0.28 5.94
N VAL B 681 74.61 -1.02 6.98
CA VAL B 681 75.31 -0.93 8.27
C VAL B 681 76.40 -1.97 8.47
N SER B 682 76.40 -3.07 7.71
CA SER B 682 77.08 -4.30 8.12
C SER B 682 76.45 -4.85 9.41
N ILE B 683 75.21 -5.31 9.25
CA ILE B 683 74.36 -5.71 10.38
C ILE B 683 75.02 -6.71 11.33
N PRO B 684 75.61 -7.84 10.86
CA PRO B 684 75.70 -9.04 11.71
C PRO B 684 76.51 -8.95 12.99
N ALA B 685 76.96 -7.75 13.36
CA ALA B 685 77.74 -7.59 14.58
C ALA B 685 77.01 -8.13 15.81
N LEU B 686 75.86 -7.53 16.16
CA LEU B 686 75.22 -7.89 17.41
C LEU B 686 73.72 -8.10 17.33
N ASN B 687 73.07 -7.79 16.22
CA ASN B 687 71.61 -7.77 16.24
C ASN B 687 71.08 -8.09 14.86
N ASP B 688 69.76 -8.09 14.75
CA ASP B 688 69.00 -8.76 13.71
C ASP B 688 67.87 -7.88 13.21
N SER B 689 68.18 -6.63 12.84
CA SER B 689 67.18 -5.78 12.21
C SER B 689 66.58 -6.43 10.96
N LYS B 690 67.30 -7.36 10.35
CA LYS B 690 66.71 -8.24 9.36
C LYS B 690 65.48 -8.92 9.92
N TYR B 691 65.56 -9.43 11.16
CA TYR B 691 64.39 -10.04 11.77
C TYR B 691 63.29 -9.03 12.00
N ILE B 692 63.64 -7.76 12.02
CA ILE B 692 62.66 -6.73 12.33
C ILE B 692 61.90 -6.33 11.07
N GLY B 693 62.60 -6.28 9.94
CA GLY B 693 62.00 -5.72 8.75
C GLY B 693 60.86 -6.55 8.19
N MET B 694 61.06 -7.88 8.13
CA MET B 694 59.98 -8.78 7.73
C MET B 694 58.76 -8.54 8.59
N SER B 695 58.98 -8.43 9.90
CA SER B 695 57.91 -8.17 10.85
C SER B 695 57.17 -6.91 10.48
N VAL B 696 57.93 -5.89 10.14
CA VAL B 696 57.33 -4.58 9.98
C VAL B 696 56.50 -4.52 8.73
N TYR B 697 57.02 -5.05 7.63
CA TYR B 697 56.24 -5.06 6.40
C TYR B 697 54.97 -5.86 6.61
N ASN B 698 55.12 -7.01 7.27
CA ASN B 698 53.99 -7.90 7.52
C ASN B 698 52.90 -7.16 8.28
N VAL B 699 53.28 -6.60 9.43
CA VAL B 699 52.30 -5.97 10.28
C VAL B 699 51.74 -4.73 9.65
N GLY B 700 52.53 -4.02 8.85
CA GLY B 700 52.06 -2.81 8.23
C GLY B 700 50.87 -3.11 7.37
N ILE B 701 51.09 -4.04 6.45
CA ILE B 701 50.04 -4.39 5.51
C ILE B 701 48.84 -4.96 6.25
N MET B 702 49.11 -5.72 7.30
CA MET B 702 48.03 -6.42 7.96
C MET B 702 47.15 -5.45 8.74
N CYS B 703 47.78 -4.52 9.45
CA CYS B 703 47.03 -3.54 10.20
C CYS B 703 46.17 -2.69 9.28
N ILE B 704 46.73 -2.28 8.14
CA ILE B 704 45.95 -1.42 7.27
C ILE B 704 44.75 -2.17 6.73
N ILE B 705 44.93 -3.44 6.39
CA ILE B 705 43.83 -4.22 5.90
C ILE B 705 42.73 -4.32 6.94
N GLY B 706 43.13 -4.58 8.18
CA GLY B 706 42.13 -4.68 9.23
C GLY B 706 41.37 -3.39 9.38
N ALA B 707 42.09 -2.28 9.27
CA ALA B 707 41.49 -0.97 9.48
C ALA B 707 40.44 -0.71 8.42
N ALA B 708 40.76 -1.04 7.17
CA ALA B 708 39.78 -0.83 6.11
C ALA B 708 38.59 -1.73 6.31
N VAL B 709 38.86 -3.03 6.41
CA VAL B 709 37.81 -4.01 6.27
C VAL B 709 36.85 -3.92 7.42
N SER B 710 37.31 -3.45 8.57
CA SER B 710 36.41 -3.22 9.68
C SER B 710 35.36 -2.19 9.31
N PHE B 711 35.82 -0.97 9.00
CA PHE B 711 34.88 0.13 8.83
C PHE B 711 33.99 -0.12 7.64
N LEU B 712 34.49 -0.81 6.63
CA LEU B 712 33.60 -1.13 5.53
C LEU B 712 32.64 -2.24 5.87
N THR B 713 32.81 -2.88 7.01
CA THR B 713 31.88 -3.91 7.42
C THR B 713 31.61 -3.82 8.91
N ARG B 714 31.13 -2.66 9.35
CA ARG B 714 30.46 -2.61 10.65
C ARG B 714 29.18 -3.42 10.64
N ASP B 715 28.71 -3.86 9.47
CA ASP B 715 27.47 -4.59 9.37
C ASP B 715 27.58 -5.99 9.95
N GLN B 716 28.13 -6.94 9.20
CA GLN B 716 28.10 -8.29 9.71
C GLN B 716 29.15 -8.47 10.79
N PRO B 717 28.76 -8.56 12.06
CA PRO B 717 29.77 -8.62 13.12
C PRO B 717 30.37 -9.99 13.27
N ASN B 718 29.70 -11.01 12.75
CA ASN B 718 30.10 -12.40 12.94
C ASN B 718 31.53 -12.65 12.47
N VAL B 719 32.05 -11.82 11.59
CA VAL B 719 33.38 -11.99 11.03
C VAL B 719 34.27 -10.85 11.47
N GLN B 720 33.68 -9.69 11.71
CA GLN B 720 34.25 -8.45 12.20
C GLN B 720 35.06 -8.70 13.45
N PHE B 721 34.64 -9.68 14.24
CA PHE B 721 35.34 -10.12 15.41
C PHE B 721 36.38 -11.18 15.10
N CYS B 722 36.20 -11.91 14.01
CA CYS B 722 37.17 -12.91 13.65
C CYS B 722 38.42 -12.27 13.06
N ILE B 723 38.24 -11.51 11.98
CA ILE B 723 39.35 -11.07 11.18
C ILE B 723 40.23 -10.13 11.98
N VAL B 724 39.60 -9.30 12.79
CA VAL B 724 40.32 -8.48 13.74
C VAL B 724 41.13 -9.31 14.71
N ALA B 725 40.75 -10.56 14.92
CA ALA B 725 41.57 -11.44 15.76
C ALA B 725 42.75 -11.96 14.99
N LEU B 726 42.48 -12.44 13.79
CA LEU B 726 43.50 -13.15 13.04
C LEU B 726 44.65 -12.22 12.72
N VAL B 727 44.32 -10.96 12.42
CA VAL B 727 45.37 -9.99 12.13
C VAL B 727 46.28 -9.83 13.35
N ILE B 728 45.68 -9.66 14.52
CA ILE B 728 46.45 -9.35 15.69
C ILE B 728 47.28 -10.53 16.10
N ILE B 729 46.66 -11.69 16.08
CA ILE B 729 47.32 -12.87 16.56
C ILE B 729 48.48 -13.24 15.66
N PHE B 730 48.30 -13.18 14.34
CA PHE B 730 49.42 -13.41 13.45
C PHE B 730 50.52 -12.39 13.70
N CYS B 731 50.15 -11.11 13.73
CA CYS B 731 51.08 -10.03 13.98
C CYS B 731 51.94 -10.31 15.19
N SER B 732 51.30 -10.28 16.34
CA SER B 732 52.01 -10.39 17.60
C SER B 732 52.79 -11.68 17.66
N THR B 733 52.11 -12.80 17.52
CA THR B 733 52.77 -14.07 17.74
C THR B 733 53.83 -14.34 16.70
N ILE B 734 53.44 -14.55 15.44
CA ILE B 734 54.40 -15.02 14.45
C ILE B 734 55.33 -13.88 14.02
N THR B 735 55.23 -12.69 14.63
CA THR B 735 56.39 -11.80 14.72
C THR B 735 57.27 -12.17 15.91
N LEU B 736 56.74 -11.90 17.09
CA LEU B 736 57.56 -11.79 18.27
C LEU B 736 58.14 -13.13 18.67
N CYS B 737 57.28 -14.14 18.71
CA CYS B 737 57.70 -15.45 19.16
C CYS B 737 58.81 -16.00 18.29
N LEU B 738 58.56 -16.07 16.99
CA LEU B 738 59.54 -16.59 16.05
C LEU B 738 60.62 -15.56 15.75
N VAL B 739 60.62 -14.41 16.43
CA VAL B 739 61.77 -13.51 16.46
C VAL B 739 62.66 -13.76 17.67
N PHE B 740 62.07 -14.01 18.83
CA PHE B 740 62.84 -14.27 20.03
C PHE B 740 63.33 -15.70 20.11
N VAL B 741 62.75 -16.58 19.30
CA VAL B 741 63.25 -17.96 19.25
C VAL B 741 64.73 -18.01 18.95
N PRO B 742 65.27 -17.27 17.99
CA PRO B 742 66.72 -17.19 17.82
C PRO B 742 67.48 -16.92 19.09
N LYS B 743 66.92 -16.13 19.98
CA LYS B 743 67.57 -15.89 21.26
C LYS B 743 67.47 -17.08 22.20
N LEU B 744 66.88 -18.18 21.77
CA LEU B 744 66.90 -19.45 22.47
C LEU B 744 67.69 -20.50 21.71
N ILE B 745 67.68 -20.40 20.40
CA ILE B 745 68.62 -21.17 19.59
C ILE B 745 70.04 -20.86 20.04
N THR B 746 70.30 -19.58 20.34
CA THR B 746 71.62 -19.18 20.79
C THR B 746 71.99 -19.88 22.08
N LEU B 747 71.12 -19.80 23.07
CA LEU B 747 71.38 -20.44 24.35
C LEU B 747 71.52 -21.94 24.19
N ARG B 748 70.82 -22.52 23.22
CA ARG B 748 70.85 -23.96 22.97
C ARG B 748 71.43 -24.24 21.59
#